data_8VHV
# 
_entry.id   8VHV 
# 
_audit_conform.dict_name       mmcif_pdbx.dic 
_audit_conform.dict_version    5.403 
_audit_conform.dict_location   http://mmcif.pdb.org/dictionaries/ascii/mmcif_pdbx.dic 
# 
loop_
_database_2.database_id 
_database_2.database_code 
_database_2.pdbx_database_accession 
_database_2.pdbx_DOI 
PDB   8VHV         pdb_00008vhv 10.2210/pdb8vhv/pdb 
WWPDB D_1000280266 ?            ?                   
EMDB  EMD-43242    ?            ?                   
# 
loop_
_pdbx_audit_revision_history.ordinal 
_pdbx_audit_revision_history.data_content_type 
_pdbx_audit_revision_history.major_revision 
_pdbx_audit_revision_history.minor_revision 
_pdbx_audit_revision_history.revision_date 
_pdbx_audit_revision_history.part_number 
1  'Structure model' 1 0 2025-01-22 ? 
2  'EM metadata'     1 0 2025-01-22 ? 
3  'Half map'        1 0 2025-01-22 1 
4  'Half map'        1 0 2025-01-22 2 
5  Image             1 0 2025-01-22 ? 
6  'Primary map'     1 0 2025-01-22 ? 
7  'Structure model' 1 1 2025-01-29 ? 
8  'Half map'        1 0 2025-01-22 1 
9  'Half map'        1 0 2025-01-22 2 
10 Image             1 0 2025-01-22 ? 
11 'Primary map'     1 0 2025-01-22 ? 
12 'Structure model' 1 2 2025-05-21 ? 
13 'EM metadata'     1 1 2025-05-21 ? 
# 
loop_
_pdbx_audit_revision_details.ordinal 
_pdbx_audit_revision_details.revision_ordinal 
_pdbx_audit_revision_details.data_content_type 
_pdbx_audit_revision_details.provider 
_pdbx_audit_revision_details.type 
_pdbx_audit_revision_details.description 
_pdbx_audit_revision_details.details 
1  1  'Structure model' repository 'Initial release' ? ? 
2  2  'EM metadata'     repository 'Initial release' ? ? 
3  3  'Half map'        repository 'Initial release' ? ? 
4  4  'Half map'        repository 'Initial release' ? ? 
5  5  Image             repository 'Initial release' ? ? 
6  6  'Primary map'     repository 'Initial release' ? ? 
7  8  'Half map'        repository 'Initial release' ? ? 
8  9  'Half map'        repository 'Initial release' ? ? 
9  10 Image             repository 'Initial release' ? ? 
10 11 'Primary map'     repository 'Initial release' ? ? 
# 
loop_
_pdbx_audit_revision_group.ordinal 
_pdbx_audit_revision_group.revision_ordinal 
_pdbx_audit_revision_group.data_content_type 
_pdbx_audit_revision_group.group 
1 7  'Structure model' 'Data collection'      
2 7  'Structure model' 'Database references'  
3 12 'Structure model' 'Data collection'      
4 13 'EM metadata'     'Data processing'      
5 13 'EM metadata'     'Experimental summary' 
# 
loop_
_pdbx_audit_revision_category.ordinal 
_pdbx_audit_revision_category.revision_ordinal 
_pdbx_audit_revision_category.data_content_type 
_pdbx_audit_revision_category.category 
1 7  'Structure model' citation        
2 7  'Structure model' citation_author 
3 7  'Structure model' em_admin        
4 12 'Structure model' em_admin        
5 12 'Structure model' em_software     
6 13 'EM metadata'     em_admin        
7 13 'EM metadata'     em_software     
# 
loop_
_pdbx_audit_revision_item.ordinal 
_pdbx_audit_revision_item.revision_ordinal 
_pdbx_audit_revision_item.data_content_type 
_pdbx_audit_revision_item.item 
1 7  'Structure model' '_em_admin.last_update' 
2 12 'Structure model' '_em_admin.last_update' 
3 12 'Structure model' '_em_software.name'     
4 13 'EM metadata'     '_em_admin.last_update' 
5 13 'EM metadata'     '_em_software.name'     
# 
_pdbx_database_status.status_code                     REL 
_pdbx_database_status.status_code_sf                  ? 
_pdbx_database_status.status_code_mr                  ? 
_pdbx_database_status.entry_id                        8VHV 
_pdbx_database_status.recvd_initial_deposition_date   2024-01-02 
_pdbx_database_status.SG_entry                        N 
_pdbx_database_status.deposit_site                    RCSB 
_pdbx_database_status.process_site                    RCSB 
_pdbx_database_status.status_code_cs                  ? 
_pdbx_database_status.status_code_nmr_data            ? 
_pdbx_database_status.methods_development_category    ? 
_pdbx_database_status.pdb_format_compatible           Y 
# 
_pdbx_database_related.db_name        EMDB 
_pdbx_database_related.details        'Transmembrane AMPA Receptor Regulatory Protein Subunit Gamma 2' 
_pdbx_database_related.db_id          EMD-43242 
_pdbx_database_related.content_type   'associated EM volume' 
# 
_pdbx_contact_author.id                 2 
_pdbx_contact_author.email              twomey@jhmi.edu 
_pdbx_contact_author.name_first         Edward 
_pdbx_contact_author.name_last          Twomey 
_pdbx_contact_author.name_mi            C 
_pdbx_contact_author.role               'principal investigator/group leader' 
_pdbx_contact_author.identifier_ORCID   0000-0002-1855-1586 
# 
loop_
_audit_author.name 
_audit_author.pdbx_ordinal 
_audit_author.identifier_ORCID 
'Hale, W.D.'         1 0000-0002-1492-0735 
'Montano Romero, A.' 2 0000-0003-3779-2147 
'Huganir, R.L.'      3 0000-0001-9783-5183 
'Twomey, E.C.'       4 0000-0002-1855-1586 
# 
loop_
_citation.abstract 
_citation.abstract_id_CAS 
_citation.book_id_ISBN 
_citation.book_publisher 
_citation.book_publisher_city 
_citation.book_title 
_citation.coordinate_linkage 
_citation.country 
_citation.database_id_Medline 
_citation.details 
_citation.id 
_citation.journal_abbrev 
_citation.journal_id_ASTM 
_citation.journal_id_CSD 
_citation.journal_id_ISSN 
_citation.journal_full 
_citation.journal_issue 
_citation.journal_volume 
_citation.language 
_citation.page_first 
_citation.page_last 
_citation.title 
_citation.year 
_citation.database_id_CSD 
_citation.pdbx_database_id_DOI 
_citation.pdbx_database_id_PubMed 
_citation.pdbx_database_id_patent 
_citation.unpublished_flag 
? ? ? ? ? ? ? UK ? ? primary 'Nat Commun' ? ? 2041-1723 ? ? 16 ? 671 671 
'Structure of transmembrane AMPA receptor regulatory protein subunit gamma 2.' 2025 ? 10.1038/s41467-025-56027-1 39809794 ? ? 
? ? ? ? ? ? ? US ? ? 1       bioRxiv      ? ? 2692-8205 ? ? ?  ? ?   ?   
'Structure of Transmembrane AMPA Receptor Regulatory Protein Subunit gamma 2'  2023 ? 10.1038/s41586-023-06528-0 38076787 ? ? 
# 
loop_
_citation_author.citation_id 
_citation_author.name 
_citation_author.ordinal 
_citation_author.identifier_ORCID 
primary 'Hale, W.D.'    1  ?                   
primary 'Romero, A.M.'  2  ?                   
primary 'Koylass, N.'   3  ?                   
primary 'Warrick, C.R.' 4  ?                   
primary 'Qiu, Z.'       5  0000-0002-9122-6077 
primary 'Huganir, R.L.' 6  0000-0001-9783-5183 
primary 'Twomey, E.C.'  7  0000-0002-1855-1586 
1       'Hale, W.D.'    8  0000-0002-1492-0735 
1       'Romero, A.M.'  9  ?                   
1       'Huganir, R.L.' 10 0000-0001-9783-5183 
1       'Twomey, E.C.'  11 0000-0002-1855-1586 
# 
_entity.id                         1 
_entity.type                       polymer 
_entity.src_method                 man 
_entity.pdbx_description           'Voltage-dependent calcium channel gamma-2 subunit' 
_entity.formula_weight             23196.709 
_entity.pdbx_number_of_molecules   1 
_entity.pdbx_ec                    ? 
_entity.pdbx_mutation              ? 
_entity.pdbx_fragment              ? 
_entity.details                    ? 
# 
_entity_name_com.entity_id   1 
_entity_name_com.name        
'Neuronal voltage-gated calcium channel gamma-2 subunit,Stargazin,Transmembrane AMPAR regulatory protein gamma-2,TARP gamma-2' 
# 
_entity_poly.entity_id                      1 
_entity_poly.type                           'polypeptide(L)' 
_entity_poly.nstd_linkage                   no 
_entity_poly.nstd_monomer                   no 
_entity_poly.pdbx_seq_one_letter_code       
;MGLFDRGVQMLLTTVGAFAAFSLMTIAVGTDYWLYSRGVCKTKSVSENETSKKNEEVMTHSGLWRTCCLEGNFKGLCKQI
DHFPEDADYEADTAEYFLRAVRASSIFPILSVILLFMGGLCIAASEFYKTRHNIILSAGIFFVSAGLSNIIGIIVYISAN
AGDPSKSDSKKNSYSYGWSFYFGALSFIIAEMVGVLAVHMFIDRHKQLTG
;
_entity_poly.pdbx_seq_one_letter_code_can   
;MGLFDRGVQMLLTTVGAFAAFSLMTIAVGTDYWLYSRGVCKTKSVSENETSKKNEEVMTHSGLWRTCCLEGNFKGLCKQI
DHFPEDADYEADTAEYFLRAVRASSIFPILSVILLFMGGLCIAASEFYKTRHNIILSAGIFFVSAGLSNIIGIIVYISAN
AGDPSKSDSKKNSYSYGWSFYFGALSFIIAEMVGVLAVHMFIDRHKQLTG
;
_entity_poly.pdbx_strand_id                 A 
_entity_poly.pdbx_target_identifier         ? 
# 
loop_
_entity_poly_seq.entity_id 
_entity_poly_seq.num 
_entity_poly_seq.mon_id 
_entity_poly_seq.hetero 
1 1   MET n 
1 2   GLY n 
1 3   LEU n 
1 4   PHE n 
1 5   ASP n 
1 6   ARG n 
1 7   GLY n 
1 8   VAL n 
1 9   GLN n 
1 10  MET n 
1 11  LEU n 
1 12  LEU n 
1 13  THR n 
1 14  THR n 
1 15  VAL n 
1 16  GLY n 
1 17  ALA n 
1 18  PHE n 
1 19  ALA n 
1 20  ALA n 
1 21  PHE n 
1 22  SER n 
1 23  LEU n 
1 24  MET n 
1 25  THR n 
1 26  ILE n 
1 27  ALA n 
1 28  VAL n 
1 29  GLY n 
1 30  THR n 
1 31  ASP n 
1 32  TYR n 
1 33  TRP n 
1 34  LEU n 
1 35  TYR n 
1 36  SER n 
1 37  ARG n 
1 38  GLY n 
1 39  VAL n 
1 40  CYS n 
1 41  LYS n 
1 42  THR n 
1 43  LYS n 
1 44  SER n 
1 45  VAL n 
1 46  SER n 
1 47  GLU n 
1 48  ASN n 
1 49  GLU n 
1 50  THR n 
1 51  SER n 
1 52  LYS n 
1 53  LYS n 
1 54  ASN n 
1 55  GLU n 
1 56  GLU n 
1 57  VAL n 
1 58  MET n 
1 59  THR n 
1 60  HIS n 
1 61  SER n 
1 62  GLY n 
1 63  LEU n 
1 64  TRP n 
1 65  ARG n 
1 66  THR n 
1 67  CYS n 
1 68  CYS n 
1 69  LEU n 
1 70  GLU n 
1 71  GLY n 
1 72  ASN n 
1 73  PHE n 
1 74  LYS n 
1 75  GLY n 
1 76  LEU n 
1 77  CYS n 
1 78  LYS n 
1 79  GLN n 
1 80  ILE n 
1 81  ASP n 
1 82  HIS n 
1 83  PHE n 
1 84  PRO n 
1 85  GLU n 
1 86  ASP n 
1 87  ALA n 
1 88  ASP n 
1 89  TYR n 
1 90  GLU n 
1 91  ALA n 
1 92  ASP n 
1 93  THR n 
1 94  ALA n 
1 95  GLU n 
1 96  TYR n 
1 97  PHE n 
1 98  LEU n 
1 99  ARG n 
1 100 ALA n 
1 101 VAL n 
1 102 ARG n 
1 103 ALA n 
1 104 SER n 
1 105 SER n 
1 106 ILE n 
1 107 PHE n 
1 108 PRO n 
1 109 ILE n 
1 110 LEU n 
1 111 SER n 
1 112 VAL n 
1 113 ILE n 
1 114 LEU n 
1 115 LEU n 
1 116 PHE n 
1 117 MET n 
1 118 GLY n 
1 119 GLY n 
1 120 LEU n 
1 121 CYS n 
1 122 ILE n 
1 123 ALA n 
1 124 ALA n 
1 125 SER n 
1 126 GLU n 
1 127 PHE n 
1 128 TYR n 
1 129 LYS n 
1 130 THR n 
1 131 ARG n 
1 132 HIS n 
1 133 ASN n 
1 134 ILE n 
1 135 ILE n 
1 136 LEU n 
1 137 SER n 
1 138 ALA n 
1 139 GLY n 
1 140 ILE n 
1 141 PHE n 
1 142 PHE n 
1 143 VAL n 
1 144 SER n 
1 145 ALA n 
1 146 GLY n 
1 147 LEU n 
1 148 SER n 
1 149 ASN n 
1 150 ILE n 
1 151 ILE n 
1 152 GLY n 
1 153 ILE n 
1 154 ILE n 
1 155 VAL n 
1 156 TYR n 
1 157 ILE n 
1 158 SER n 
1 159 ALA n 
1 160 ASN n 
1 161 ALA n 
1 162 GLY n 
1 163 ASP n 
1 164 PRO n 
1 165 SER n 
1 166 LYS n 
1 167 SER n 
1 168 ASP n 
1 169 SER n 
1 170 LYS n 
1 171 LYS n 
1 172 ASN n 
1 173 SER n 
1 174 TYR n 
1 175 SER n 
1 176 TYR n 
1 177 GLY n 
1 178 TRP n 
1 179 SER n 
1 180 PHE n 
1 181 TYR n 
1 182 PHE n 
1 183 GLY n 
1 184 ALA n 
1 185 LEU n 
1 186 SER n 
1 187 PHE n 
1 188 ILE n 
1 189 ILE n 
1 190 ALA n 
1 191 GLU n 
1 192 MET n 
1 193 VAL n 
1 194 GLY n 
1 195 VAL n 
1 196 LEU n 
1 197 ALA n 
1 198 VAL n 
1 199 HIS n 
1 200 MET n 
1 201 PHE n 
1 202 ILE n 
1 203 ASP n 
1 204 ARG n 
1 205 HIS n 
1 206 LYS n 
1 207 GLN n 
1 208 LEU n 
1 209 THR n 
1 210 GLY n 
# 
_entity_src_gen.entity_id                          1 
_entity_src_gen.pdbx_src_id                        1 
_entity_src_gen.pdbx_alt_source_flag               sample 
_entity_src_gen.pdbx_seq_type                      'Biological sequence' 
_entity_src_gen.pdbx_beg_seq_num                   1 
_entity_src_gen.pdbx_end_seq_num                   210 
_entity_src_gen.gene_src_common_name               'house mouse' 
_entity_src_gen.gene_src_genus                     ? 
_entity_src_gen.pdbx_gene_src_gene                 'Cacng2, Stg' 
_entity_src_gen.gene_src_species                   ? 
_entity_src_gen.gene_src_strain                    ? 
_entity_src_gen.gene_src_tissue                    ? 
_entity_src_gen.gene_src_tissue_fraction           ? 
_entity_src_gen.gene_src_details                   ? 
_entity_src_gen.pdbx_gene_src_fragment             ? 
_entity_src_gen.pdbx_gene_src_scientific_name      'Mus musculus' 
_entity_src_gen.pdbx_gene_src_ncbi_taxonomy_id     10090 
_entity_src_gen.pdbx_gene_src_variant              ? 
_entity_src_gen.pdbx_gene_src_cell_line            ? 
_entity_src_gen.pdbx_gene_src_atcc                 ? 
_entity_src_gen.pdbx_gene_src_organ                ? 
_entity_src_gen.pdbx_gene_src_organelle            ? 
_entity_src_gen.pdbx_gene_src_cell                 ? 
_entity_src_gen.pdbx_gene_src_cellular_location    ? 
_entity_src_gen.host_org_common_name               ? 
_entity_src_gen.pdbx_host_org_scientific_name      'Homo sapiens' 
_entity_src_gen.pdbx_host_org_ncbi_taxonomy_id     9606 
_entity_src_gen.host_org_genus                     ? 
_entity_src_gen.pdbx_host_org_gene                 ? 
_entity_src_gen.pdbx_host_org_organ                ? 
_entity_src_gen.host_org_species                   ? 
_entity_src_gen.pdbx_host_org_tissue               ? 
_entity_src_gen.pdbx_host_org_tissue_fraction      ? 
_entity_src_gen.pdbx_host_org_strain               ? 
_entity_src_gen.pdbx_host_org_variant              ? 
_entity_src_gen.pdbx_host_org_cell_line            ? 
_entity_src_gen.pdbx_host_org_atcc                 ? 
_entity_src_gen.pdbx_host_org_culture_collection   ? 
_entity_src_gen.pdbx_host_org_cell                 ? 
_entity_src_gen.pdbx_host_org_organelle            ? 
_entity_src_gen.pdbx_host_org_cellular_location    ? 
_entity_src_gen.pdbx_host_org_vector_type          ? 
_entity_src_gen.pdbx_host_org_vector               ? 
_entity_src_gen.host_org_details                   ? 
_entity_src_gen.expression_system_id               ? 
_entity_src_gen.plasmid_name                       ? 
_entity_src_gen.plasmid_details                    ? 
_entity_src_gen.pdbx_description                   ? 
# 
loop_
_chem_comp.id 
_chem_comp.type 
_chem_comp.mon_nstd_flag 
_chem_comp.name 
_chem_comp.pdbx_synonyms 
_chem_comp.formula 
_chem_comp.formula_weight 
ALA 'L-peptide linking' y ALANINE         ? 'C3 H7 N O2'     89.093  
ARG 'L-peptide linking' y ARGININE        ? 'C6 H15 N4 O2 1' 175.209 
ASN 'L-peptide linking' y ASPARAGINE      ? 'C4 H8 N2 O3'    132.118 
ASP 'L-peptide linking' y 'ASPARTIC ACID' ? 'C4 H7 N O4'     133.103 
CYS 'L-peptide linking' y CYSTEINE        ? 'C3 H7 N O2 S'   121.158 
GLN 'L-peptide linking' y GLUTAMINE       ? 'C5 H10 N2 O3'   146.144 
GLU 'L-peptide linking' y 'GLUTAMIC ACID' ? 'C5 H9 N O4'     147.129 
GLY 'peptide linking'   y GLYCINE         ? 'C2 H5 N O2'     75.067  
HIS 'L-peptide linking' y HISTIDINE       ? 'C6 H10 N3 O2 1' 156.162 
ILE 'L-peptide linking' y ISOLEUCINE      ? 'C6 H13 N O2'    131.173 
LEU 'L-peptide linking' y LEUCINE         ? 'C6 H13 N O2'    131.173 
LYS 'L-peptide linking' y LYSINE          ? 'C6 H15 N2 O2 1' 147.195 
MET 'L-peptide linking' y METHIONINE      ? 'C5 H11 N O2 S'  149.211 
PHE 'L-peptide linking' y PHENYLALANINE   ? 'C9 H11 N O2'    165.189 
PRO 'L-peptide linking' y PROLINE         ? 'C5 H9 N O2'     115.130 
SER 'L-peptide linking' y SERINE          ? 'C3 H7 N O3'     105.093 
THR 'L-peptide linking' y THREONINE       ? 'C4 H9 N O3'     119.119 
TRP 'L-peptide linking' y TRYPTOPHAN      ? 'C11 H12 N2 O2'  204.225 
TYR 'L-peptide linking' y TYROSINE        ? 'C9 H11 N O3'    181.189 
VAL 'L-peptide linking' y VALINE          ? 'C5 H11 N O2'    117.146 
# 
loop_
_pdbx_poly_seq_scheme.asym_id 
_pdbx_poly_seq_scheme.entity_id 
_pdbx_poly_seq_scheme.seq_id 
_pdbx_poly_seq_scheme.mon_id 
_pdbx_poly_seq_scheme.ndb_seq_num 
_pdbx_poly_seq_scheme.pdb_seq_num 
_pdbx_poly_seq_scheme.auth_seq_num 
_pdbx_poly_seq_scheme.pdb_mon_id 
_pdbx_poly_seq_scheme.auth_mon_id 
_pdbx_poly_seq_scheme.pdb_strand_id 
_pdbx_poly_seq_scheme.pdb_ins_code 
_pdbx_poly_seq_scheme.hetero 
A 1 1   MET 1   0   ?   ?   ?   A . n 
A 1 2   GLY 2   1   ?   ?   ?   A . n 
A 1 3   LEU 3   2   ?   ?   ?   A . n 
A 1 4   PHE 4   3   ?   ?   ?   A . n 
A 1 5   ASP 5   4   ?   ?   ?   A . n 
A 1 6   ARG 6   5   5   ARG ARG A . n 
A 1 7   GLY 7   6   6   GLY GLY A . n 
A 1 8   VAL 8   7   7   VAL VAL A . n 
A 1 9   GLN 9   8   8   GLN GLN A . n 
A 1 10  MET 10  9   9   MET MET A . n 
A 1 11  LEU 11  10  10  LEU LEU A . n 
A 1 12  LEU 12  11  11  LEU LEU A . n 
A 1 13  THR 13  12  12  THR THR A . n 
A 1 14  THR 14  13  13  THR THR A . n 
A 1 15  VAL 15  14  14  VAL VAL A . n 
A 1 16  GLY 16  15  15  GLY GLY A . n 
A 1 17  ALA 17  16  16  ALA ALA A . n 
A 1 18  PHE 18  17  17  PHE PHE A . n 
A 1 19  ALA 19  18  18  ALA ALA A . n 
A 1 20  ALA 20  19  19  ALA ALA A . n 
A 1 21  PHE 21  20  20  PHE PHE A . n 
A 1 22  SER 22  21  21  SER SER A . n 
A 1 23  LEU 23  22  22  LEU LEU A . n 
A 1 24  MET 24  23  23  MET MET A . n 
A 1 25  THR 25  24  24  THR THR A . n 
A 1 26  ILE 26  25  25  ILE ILE A . n 
A 1 27  ALA 27  26  26  ALA ALA A . n 
A 1 28  VAL 28  27  27  VAL VAL A . n 
A 1 29  GLY 29  28  28  GLY GLY A . n 
A 1 30  THR 30  29  29  THR THR A . n 
A 1 31  ASP 31  30  30  ASP ASP A . n 
A 1 32  TYR 32  31  31  TYR TYR A . n 
A 1 33  TRP 33  32  32  TRP TRP A . n 
A 1 34  LEU 34  33  33  LEU LEU A . n 
A 1 35  TYR 35  34  34  TYR TYR A . n 
A 1 36  SER 36  35  35  SER SER A . n 
A 1 37  ARG 37  36  36  ARG ARG A . n 
A 1 38  GLY 38  37  37  GLY GLY A . n 
A 1 39  VAL 39  38  38  VAL VAL A . n 
A 1 40  CYS 40  39  39  CYS CYS A . n 
A 1 41  LYS 41  40  40  LYS LYS A . n 
A 1 42  THR 42  41  ?   ?   ?   A . n 
A 1 43  LYS 43  42  ?   ?   ?   A . n 
A 1 44  SER 44  43  ?   ?   ?   A . n 
A 1 45  VAL 45  44  ?   ?   ?   A . n 
A 1 46  SER 46  45  ?   ?   ?   A . n 
A 1 47  GLU 47  46  ?   ?   ?   A . n 
A 1 48  ASN 48  47  ?   ?   ?   A . n 
A 1 49  GLU 49  48  ?   ?   ?   A . n 
A 1 50  THR 50  49  ?   ?   ?   A . n 
A 1 51  SER 51  50  ?   ?   ?   A . n 
A 1 52  LYS 52  51  ?   ?   ?   A . n 
A 1 53  LYS 53  52  ?   ?   ?   A . n 
A 1 54  ASN 54  53  ?   ?   ?   A . n 
A 1 55  GLU 55  54  ?   ?   ?   A . n 
A 1 56  GLU 56  55  55  GLU GLU A . n 
A 1 57  VAL 57  56  56  VAL VAL A . n 
A 1 58  MET 58  57  57  MET MET A . n 
A 1 59  THR 59  58  58  THR THR A . n 
A 1 60  HIS 60  59  59  HIS HIS A . n 
A 1 61  SER 61  60  60  SER SER A . n 
A 1 62  GLY 62  61  61  GLY GLY A . n 
A 1 63  LEU 63  62  62  LEU LEU A . n 
A 1 64  TRP 64  63  63  TRP TRP A . n 
A 1 65  ARG 65  64  64  ARG ARG A . n 
A 1 66  THR 66  65  65  THR THR A . n 
A 1 67  CYS 67  66  66  CYS CYS A . n 
A 1 68  CYS 68  67  67  CYS CYS A . n 
A 1 69  LEU 69  68  68  LEU LEU A . n 
A 1 70  GLU 70  69  69  GLU GLU A . n 
A 1 71  GLY 71  70  70  GLY GLY A . n 
A 1 72  ASN 72  71  71  ASN ASN A . n 
A 1 73  PHE 73  72  72  PHE PHE A . n 
A 1 74  LYS 74  73  73  LYS LYS A . n 
A 1 75  GLY 75  74  74  GLY GLY A . n 
A 1 76  LEU 76  75  75  LEU LEU A . n 
A 1 77  CYS 77  76  76  CYS CYS A . n 
A 1 78  LYS 78  77  77  LYS LYS A . n 
A 1 79  GLN 79  78  78  GLN GLN A . n 
A 1 80  ILE 80  79  79  ILE ILE A . n 
A 1 81  ASP 81  80  80  ASP ASP A . n 
A 1 82  HIS 82  81  81  HIS HIS A . n 
A 1 83  PHE 83  82  82  PHE PHE A . n 
A 1 84  PRO 84  83  ?   ?   ?   A . n 
A 1 85  GLU 85  84  ?   ?   ?   A . n 
A 1 86  ASP 86  85  ?   ?   ?   A . n 
A 1 87  ALA 87  86  ?   ?   ?   A . n 
A 1 88  ASP 88  87  ?   ?   ?   A . n 
A 1 89  TYR 89  88  ?   ?   ?   A . n 
A 1 90  GLU 90  89  ?   ?   ?   A . n 
A 1 91  ALA 91  90  ?   ?   ?   A . n 
A 1 92  ASP 92  91  ?   ?   ?   A . n 
A 1 93  THR 93  92  ?   ?   ?   A . n 
A 1 94  ALA 94  93  93  ALA ALA A . n 
A 1 95  GLU 95  94  94  GLU GLU A . n 
A 1 96  TYR 96  95  95  TYR TYR A . n 
A 1 97  PHE 97  96  96  PHE PHE A . n 
A 1 98  LEU 98  97  97  LEU LEU A . n 
A 1 99  ARG 99  98  98  ARG ARG A . n 
A 1 100 ALA 100 99  99  ALA ALA A . n 
A 1 101 VAL 101 100 100 VAL VAL A . n 
A 1 102 ARG 102 101 101 ARG ARG A . n 
A 1 103 ALA 103 102 102 ALA ALA A . n 
A 1 104 SER 104 103 103 SER SER A . n 
A 1 105 SER 105 104 104 SER SER A . n 
A 1 106 ILE 106 105 105 ILE ILE A . n 
A 1 107 PHE 107 106 106 PHE PHE A . n 
A 1 108 PRO 108 107 107 PRO PRO A . n 
A 1 109 ILE 109 108 108 ILE ILE A . n 
A 1 110 LEU 110 109 109 LEU LEU A . n 
A 1 111 SER 111 110 110 SER SER A . n 
A 1 112 VAL 112 111 111 VAL VAL A . n 
A 1 113 ILE 113 112 112 ILE ILE A . n 
A 1 114 LEU 114 113 113 LEU LEU A . n 
A 1 115 LEU 115 114 114 LEU LEU A . n 
A 1 116 PHE 116 115 115 PHE PHE A . n 
A 1 117 MET 117 116 116 MET MET A . n 
A 1 118 GLY 118 117 117 GLY GLY A . n 
A 1 119 GLY 119 118 118 GLY GLY A . n 
A 1 120 LEU 120 119 119 LEU LEU A . n 
A 1 121 CYS 121 120 120 CYS CYS A . n 
A 1 122 ILE 122 121 121 ILE ILE A . n 
A 1 123 ALA 123 122 122 ALA ALA A . n 
A 1 124 ALA 124 123 123 ALA ALA A . n 
A 1 125 SER 125 124 124 SER SER A . n 
A 1 126 GLU 126 125 125 GLU GLU A . n 
A 1 127 PHE 127 126 126 PHE PHE A . n 
A 1 128 TYR 128 127 127 TYR TYR A . n 
A 1 129 LYS 129 128 128 LYS LYS A . n 
A 1 130 THR 130 129 129 THR THR A . n 
A 1 131 ARG 131 130 130 ARG ARG A . n 
A 1 132 HIS 132 131 131 HIS HIS A . n 
A 1 133 ASN 133 132 132 ASN ASN A . n 
A 1 134 ILE 134 133 133 ILE ILE A . n 
A 1 135 ILE 135 134 134 ILE ILE A . n 
A 1 136 LEU 136 135 135 LEU LEU A . n 
A 1 137 SER 137 136 136 SER SER A . n 
A 1 138 ALA 138 137 137 ALA ALA A . n 
A 1 139 GLY 139 138 138 GLY GLY A . n 
A 1 140 ILE 140 139 139 ILE ILE A . n 
A 1 141 PHE 141 140 140 PHE PHE A . n 
A 1 142 PHE 142 141 141 PHE PHE A . n 
A 1 143 VAL 143 142 142 VAL VAL A . n 
A 1 144 SER 144 143 143 SER SER A . n 
A 1 145 ALA 145 144 144 ALA ALA A . n 
A 1 146 GLY 146 145 145 GLY GLY A . n 
A 1 147 LEU 147 146 146 LEU LEU A . n 
A 1 148 SER 148 147 147 SER SER A . n 
A 1 149 ASN 149 148 148 ASN ASN A . n 
A 1 150 ILE 150 149 149 ILE ILE A . n 
A 1 151 ILE 151 150 150 ILE ILE A . n 
A 1 152 GLY 152 151 151 GLY GLY A . n 
A 1 153 ILE 153 152 152 ILE ILE A . n 
A 1 154 ILE 154 153 153 ILE ILE A . n 
A 1 155 VAL 155 154 154 VAL VAL A . n 
A 1 156 TYR 156 155 155 TYR TYR A . n 
A 1 157 ILE 157 156 156 ILE ILE A . n 
A 1 158 SER 158 157 157 SER SER A . n 
A 1 159 ALA 159 158 158 ALA ALA A . n 
A 1 160 ASN 160 159 159 ASN ASN A . n 
A 1 161 ALA 161 160 160 ALA ALA A . n 
A 1 162 GLY 162 161 161 GLY GLY A . n 
A 1 163 ASP 163 162 ?   ?   ?   A . n 
A 1 164 PRO 164 163 ?   ?   ?   A . n 
A 1 165 SER 165 164 ?   ?   ?   A . n 
A 1 166 LYS 166 165 ?   ?   ?   A . n 
A 1 167 SER 167 166 ?   ?   ?   A . n 
A 1 168 ASP 168 167 ?   ?   ?   A . n 
A 1 169 SER 169 168 ?   ?   ?   A . n 
A 1 170 LYS 170 169 ?   ?   ?   A . n 
A 1 171 LYS 171 170 ?   ?   ?   A . n 
A 1 172 ASN 172 171 171 ASN ASN A . n 
A 1 173 SER 173 172 172 SER SER A . n 
A 1 174 TYR 174 173 173 TYR TYR A . n 
A 1 175 SER 175 174 174 SER SER A . n 
A 1 176 TYR 176 175 175 TYR TYR A . n 
A 1 177 GLY 177 176 176 GLY GLY A . n 
A 1 178 TRP 178 177 177 TRP TRP A . n 
A 1 179 SER 179 178 178 SER SER A . n 
A 1 180 PHE 180 179 179 PHE PHE A . n 
A 1 181 TYR 181 180 180 TYR TYR A . n 
A 1 182 PHE 182 181 181 PHE PHE A . n 
A 1 183 GLY 183 182 182 GLY GLY A . n 
A 1 184 ALA 184 183 183 ALA ALA A . n 
A 1 185 LEU 185 184 184 LEU LEU A . n 
A 1 186 SER 186 185 185 SER SER A . n 
A 1 187 PHE 187 186 186 PHE PHE A . n 
A 1 188 ILE 188 187 187 ILE ILE A . n 
A 1 189 ILE 189 188 188 ILE ILE A . n 
A 1 190 ALA 190 189 189 ALA ALA A . n 
A 1 191 GLU 191 190 190 GLU GLU A . n 
A 1 192 MET 192 191 191 MET MET A . n 
A 1 193 VAL 193 192 192 VAL VAL A . n 
A 1 194 GLY 194 193 193 GLY GLY A . n 
A 1 195 VAL 195 194 194 VAL VAL A . n 
A 1 196 LEU 196 195 195 LEU LEU A . n 
A 1 197 ALA 197 196 196 ALA ALA A . n 
A 1 198 VAL 198 197 197 VAL VAL A . n 
A 1 199 HIS 199 198 198 HIS HIS A . n 
A 1 200 MET 200 199 199 MET MET A . n 
A 1 201 PHE 201 200 200 PHE PHE A . n 
A 1 202 ILE 202 201 201 ILE ILE A . n 
A 1 203 ASP 203 202 202 ASP ASP A . n 
A 1 204 ARG 204 203 203 ARG ARG A . n 
A 1 205 HIS 205 204 204 HIS HIS A . n 
A 1 206 LYS 206 205 205 LYS LYS A . n 
A 1 207 GLN 207 206 206 GLN GLN A . n 
A 1 208 LEU 208 207 207 LEU LEU A . n 
A 1 209 THR 209 208 208 THR THR A . n 
A 1 210 GLY 210 209 209 GLY GLY A . n 
# 
_cell.angle_alpha                  90.00 
_cell.angle_alpha_esd              ? 
_cell.angle_beta                   90.00 
_cell.angle_beta_esd               ? 
_cell.angle_gamma                  90.00 
_cell.angle_gamma_esd              ? 
_cell.entry_id                     8VHV 
_cell.details                      ? 
_cell.formula_units_Z              ? 
_cell.length_a                     1.00 
_cell.length_a_esd                 ? 
_cell.length_b                     1.00 
_cell.length_b_esd                 ? 
_cell.length_c                     1.00 
_cell.length_c_esd                 ? 
_cell.volume                       ? 
_cell.volume_esd                   ? 
_cell.Z_PDB                        ? 
_cell.reciprocal_angle_alpha       ? 
_cell.reciprocal_angle_beta        ? 
_cell.reciprocal_angle_gamma       ? 
_cell.reciprocal_angle_alpha_esd   ? 
_cell.reciprocal_angle_beta_esd    ? 
_cell.reciprocal_angle_gamma_esd   ? 
_cell.reciprocal_length_a          ? 
_cell.reciprocal_length_b          ? 
_cell.reciprocal_length_c          ? 
_cell.reciprocal_length_a_esd      ? 
_cell.reciprocal_length_b_esd      ? 
_cell.reciprocal_length_c_esd      ? 
_cell.pdbx_unique_axis             ? 
_cell.pdbx_esd_method              ? 
# 
_symmetry.entry_id                         8VHV 
_symmetry.cell_setting                     ? 
_symmetry.Int_Tables_number                1 
_symmetry.space_group_name_Hall            ? 
_symmetry.space_group_name_H-M             'P 1' 
_symmetry.pdbx_full_space_group_name_H-M   ? 
# 
_exptl.absorpt_coefficient_mu     ? 
_exptl.absorpt_correction_T_max   ? 
_exptl.absorpt_correction_T_min   ? 
_exptl.absorpt_correction_type    ? 
_exptl.absorpt_process_details    ? 
_exptl.entry_id                   8VHV 
_exptl.crystals_number            ? 
_exptl.details                    ? 
_exptl.method                     'ELECTRON MICROSCOPY' 
_exptl.method_details             ? 
# 
_refine.pdbx_refine_id                           'ELECTRON MICROSCOPY' 
_refine.entry_id                                 8VHV 
_refine.pdbx_diffrn_id                           ? 
_refine.pdbx_TLS_residual_ADP_flag               ? 
_refine.ls_number_reflns_obs                     ? 
_refine.ls_number_reflns_all                     ? 
_refine.pdbx_ls_sigma_I                          ? 
_refine.pdbx_ls_sigma_F                          ? 
_refine.pdbx_data_cutoff_high_absF               ? 
_refine.pdbx_data_cutoff_low_absF                ? 
_refine.pdbx_data_cutoff_high_rms_absF           ? 
_refine.ls_d_res_low                             ? 
_refine.ls_d_res_high                            . 
_refine.ls_percent_reflns_obs                    ? 
_refine.ls_R_factor_obs                          ? 
_refine.ls_R_factor_all                          ? 
_refine.ls_R_factor_R_work                       ? 
_refine.ls_R_factor_R_free                       ? 
_refine.ls_R_factor_R_free_error                 ? 
_refine.ls_R_factor_R_free_error_details         ? 
_refine.ls_percent_reflns_R_free                 ? 
_refine.ls_number_reflns_R_free                  ? 
_refine.ls_number_parameters                     ? 
_refine.ls_number_restraints                     ? 
_refine.occupancy_min                            ? 
_refine.occupancy_max                            ? 
_refine.correlation_coeff_Fo_to_Fc               ? 
_refine.correlation_coeff_Fo_to_Fc_free          ? 
_refine.B_iso_mean                               ? 
_refine.aniso_B[1][1]                            ? 
_refine.aniso_B[2][2]                            ? 
_refine.aniso_B[3][3]                            ? 
_refine.aniso_B[1][2]                            ? 
_refine.aniso_B[1][3]                            ? 
_refine.aniso_B[2][3]                            ? 
_refine.solvent_model_details                    ? 
_refine.solvent_model_param_ksol                 ? 
_refine.solvent_model_param_bsol                 ? 
_refine.pdbx_solvent_vdw_probe_radii             ? 
_refine.pdbx_solvent_ion_probe_radii             ? 
_refine.pdbx_solvent_shrinkage_radii             ? 
_refine.pdbx_ls_cross_valid_method               ? 
_refine.details                                  ? 
_refine.pdbx_starting_model                      ? 
_refine.pdbx_method_to_determine_struct          ? 
_refine.pdbx_isotropic_thermal_model             ? 
_refine.pdbx_stereochemistry_target_values       ? 
_refine.pdbx_stereochem_target_val_spec_case     ? 
_refine.pdbx_R_Free_selection_details            ? 
_refine.pdbx_overall_ESU_R                       ? 
_refine.pdbx_overall_ESU_R_Free                  ? 
_refine.overall_SU_ML                            ? 
_refine.pdbx_overall_phase_error                 ? 
_refine.overall_SU_B                             ? 
_refine.overall_SU_R_Cruickshank_DPI             ? 
_refine.pdbx_overall_SU_R_free_Cruickshank_DPI   ? 
_refine.pdbx_overall_SU_R_Blow_DPI               ? 
_refine.pdbx_overall_SU_R_free_Blow_DPI          ? 
# 
loop_
_refine_ls_restr.pdbx_refine_id 
_refine_ls_restr.criterion 
_refine_ls_restr.dev_ideal 
_refine_ls_restr.dev_ideal_target 
_refine_ls_restr.number 
_refine_ls_restr.rejects 
_refine_ls_restr.type 
_refine_ls_restr.weight 
_refine_ls_restr.pdbx_restraint_function 
'ELECTRON MICROSCOPY' ? 0.003 ? 1365 ? f_bond_d           ? ? 
'ELECTRON MICROSCOPY' ? 0.636 ? 1840 ? f_angle_d          ? ? 
'ELECTRON MICROSCOPY' ? 6.628 ? 183  ? f_dihedral_angle_d ? ? 
'ELECTRON MICROSCOPY' ? 0.038 ? 209  ? f_chiral_restr     ? ? 
'ELECTRON MICROSCOPY' ? 0.009 ? 222  ? f_plane_restr      ? ? 
# 
_struct.entry_id                     8VHV 
_struct.title                        'Transmembrane AMPA Receptor Regulatory Protein Subunit Gamma 2' 
_struct.pdbx_model_details           ? 
_struct.pdbx_formula_weight          ? 
_struct.pdbx_formula_weight_method   ? 
_struct.pdbx_model_type_details      ? 
_struct.pdbx_CASP_flag               N 
# 
_struct_keywords.entry_id        8VHV 
_struct_keywords.text            'tetraspanin, glutamate receptor regulator protein, Claudin-like, MEMBRANE PROTEIN' 
_struct_keywords.pdbx_keywords   'MEMBRANE PROTEIN' 
# 
_struct_asym.id                            A 
_struct_asym.pdbx_blank_PDB_chainid_flag   N 
_struct_asym.pdbx_modified                 N 
_struct_asym.entity_id                     1 
_struct_asym.details                       ? 
# 
_struct_ref.id                         1 
_struct_ref.db_name                    UNP 
_struct_ref.db_code                    CCG2_MOUSE 
_struct_ref.pdbx_db_accession          O88602 
_struct_ref.pdbx_db_isoform            ? 
_struct_ref.entity_id                  1 
_struct_ref.pdbx_seq_one_letter_code   
;MGLFDRGVQMLLTTVGAFAAFSLMTIAVGTDYWLYSRGVCKTKSVSENETSKKNEEVMTHSGLWRTCCLEGNFKGLCKQI
DHFPEDADYEADTAEYFLRAVRASSIFPILSVILLFMGGLCIAASEFYKTRHNIILSAGIFFVSAGLSNIIGIIVYISAN
AGDPSKSDSKKNSYSYGWSFYFGALSFIIAEMVGVLAVHMFIDRHKQL
;
_struct_ref.pdbx_align_begin           1 
# 
_struct_ref_seq.align_id                      1 
_struct_ref_seq.ref_id                        1 
_struct_ref_seq.pdbx_PDB_id_code              8VHV 
_struct_ref_seq.pdbx_strand_id                A 
_struct_ref_seq.seq_align_beg                 1 
_struct_ref_seq.pdbx_seq_align_beg_ins_code   ? 
_struct_ref_seq.seq_align_end                 208 
_struct_ref_seq.pdbx_seq_align_end_ins_code   ? 
_struct_ref_seq.pdbx_db_accession             O88602 
_struct_ref_seq.db_align_beg                  1 
_struct_ref_seq.pdbx_db_align_beg_ins_code    ? 
_struct_ref_seq.db_align_end                  208 
_struct_ref_seq.pdbx_db_align_end_ins_code    ? 
_struct_ref_seq.pdbx_auth_seq_align_beg       0 
_struct_ref_seq.pdbx_auth_seq_align_end       207 
# 
loop_
_struct_ref_seq_dif.align_id 
_struct_ref_seq_dif.pdbx_pdb_id_code 
_struct_ref_seq_dif.mon_id 
_struct_ref_seq_dif.pdbx_pdb_strand_id 
_struct_ref_seq_dif.seq_num 
_struct_ref_seq_dif.pdbx_pdb_ins_code 
_struct_ref_seq_dif.pdbx_seq_db_name 
_struct_ref_seq_dif.pdbx_seq_db_accession_code 
_struct_ref_seq_dif.db_mon_id 
_struct_ref_seq_dif.pdbx_seq_db_seq_num 
_struct_ref_seq_dif.details 
_struct_ref_seq_dif.pdbx_auth_seq_num 
_struct_ref_seq_dif.pdbx_ordinal 
1 8VHV THR A 209 ? UNP O88602 ? ? 'expression tag' 208 1 
1 8VHV GLY A 210 ? UNP O88602 ? ? 'expression tag' 209 2 
# 
_pdbx_struct_assembly.id                   1 
_pdbx_struct_assembly.details              author_and_software_defined_assembly 
_pdbx_struct_assembly.method_details       ? 
_pdbx_struct_assembly.oligomeric_details   monomeric 
_pdbx_struct_assembly.oligomeric_count     1 
# 
_pdbx_struct_assembly_gen.assembly_id       1 
_pdbx_struct_assembly_gen.oper_expression   1 
_pdbx_struct_assembly_gen.asym_id_list      A 
# 
_pdbx_struct_assembly_auth_evidence.id                     1 
_pdbx_struct_assembly_auth_evidence.assembly_id            1 
_pdbx_struct_assembly_auth_evidence.experimental_support   'electron microscopy' 
_pdbx_struct_assembly_auth_evidence.details                'not applicable' 
# 
_pdbx_struct_oper_list.id                   1 
_pdbx_struct_oper_list.type                 'identity operation' 
_pdbx_struct_oper_list.name                 1_555 
_pdbx_struct_oper_list.symmetry_operation   x,y,z 
_pdbx_struct_oper_list.matrix[1][1]         1.0 
_pdbx_struct_oper_list.matrix[1][2]         0.0 
_pdbx_struct_oper_list.matrix[1][3]         0.0 
_pdbx_struct_oper_list.vector[1]            0.0 
_pdbx_struct_oper_list.matrix[2][1]         0.0 
_pdbx_struct_oper_list.matrix[2][2]         1.0 
_pdbx_struct_oper_list.matrix[2][3]         0.0 
_pdbx_struct_oper_list.vector[2]            0.0 
_pdbx_struct_oper_list.matrix[3][1]         0.0 
_pdbx_struct_oper_list.matrix[3][2]         0.0 
_pdbx_struct_oper_list.matrix[3][3]         1.0 
_pdbx_struct_oper_list.vector[3]            0.0 
# 
loop_
_struct_conf.conf_type_id 
_struct_conf.id 
_struct_conf.pdbx_PDB_helix_id 
_struct_conf.beg_label_comp_id 
_struct_conf.beg_label_asym_id 
_struct_conf.beg_label_seq_id 
_struct_conf.pdbx_beg_PDB_ins_code 
_struct_conf.end_label_comp_id 
_struct_conf.end_label_asym_id 
_struct_conf.end_label_seq_id 
_struct_conf.pdbx_end_PDB_ins_code 
_struct_conf.beg_auth_comp_id 
_struct_conf.beg_auth_asym_id 
_struct_conf.beg_auth_seq_id 
_struct_conf.end_auth_comp_id 
_struct_conf.end_auth_asym_id 
_struct_conf.end_auth_seq_id 
_struct_conf.pdbx_PDB_helix_class 
_struct_conf.details 
_struct_conf.pdbx_PDB_helix_length 
HELX_P HELX_P1 AA1 GLY A 7   ? GLY A 29  ? GLY A 6   GLY A 28  1 ? 23 
HELX_P HELX_P2 AA2 GLU A 95  ? SER A 105 ? GLU A 94  SER A 104 1 ? 11 
HELX_P HELX_P3 AA3 SER A 105 ? ALA A 123 ? SER A 104 ALA A 122 1 ? 19 
HELX_P HELX_P4 AA4 HIS A 132 ? ASN A 160 ? HIS A 131 ASN A 159 1 ? 29 
HELX_P HELX_P5 AA5 GLY A 177 ? GLN A 207 ? GLY A 176 GLN A 206 1 ? 31 
HELX_P HELX_P6 AA6 LEU A 208 ? GLY A 210 ? LEU A 207 GLY A 209 5 ? 3  
# 
_struct_conf_type.id          HELX_P 
_struct_conf_type.criteria    ? 
_struct_conf_type.reference   ? 
# 
loop_
_struct_conn.id 
_struct_conn.conn_type_id 
_struct_conn.pdbx_leaving_atom_flag 
_struct_conn.pdbx_PDB_id 
_struct_conn.ptnr1_label_asym_id 
_struct_conn.ptnr1_label_comp_id 
_struct_conn.ptnr1_label_seq_id 
_struct_conn.ptnr1_label_atom_id 
_struct_conn.pdbx_ptnr1_label_alt_id 
_struct_conn.pdbx_ptnr1_PDB_ins_code 
_struct_conn.pdbx_ptnr1_standard_comp_id 
_struct_conn.ptnr1_symmetry 
_struct_conn.ptnr2_label_asym_id 
_struct_conn.ptnr2_label_comp_id 
_struct_conn.ptnr2_label_seq_id 
_struct_conn.ptnr2_label_atom_id 
_struct_conn.pdbx_ptnr2_label_alt_id 
_struct_conn.pdbx_ptnr2_PDB_ins_code 
_struct_conn.ptnr1_auth_asym_id 
_struct_conn.ptnr1_auth_comp_id 
_struct_conn.ptnr1_auth_seq_id 
_struct_conn.ptnr2_auth_asym_id 
_struct_conn.ptnr2_auth_comp_id 
_struct_conn.ptnr2_auth_seq_id 
_struct_conn.ptnr2_symmetry 
_struct_conn.pdbx_ptnr3_label_atom_id 
_struct_conn.pdbx_ptnr3_label_seq_id 
_struct_conn.pdbx_ptnr3_label_comp_id 
_struct_conn.pdbx_ptnr3_label_asym_id 
_struct_conn.pdbx_ptnr3_label_alt_id 
_struct_conn.pdbx_ptnr3_PDB_ins_code 
_struct_conn.details 
_struct_conn.pdbx_dist_value 
_struct_conn.pdbx_value_order 
_struct_conn.pdbx_role 
disulf1 disulf ? ? A CYS 40 SG ? ? ? 1_555 A CYS 68 SG ? ? A CYS 39 A CYS 67 1_555 ? ? ? ? ? ? ? 2.029 ? ? 
disulf2 disulf ? ? A CYS 67 SG ? ? ? 1_555 A CYS 77 SG ? ? A CYS 66 A CYS 76 1_555 ? ? ? ? ? ? ? 2.024 ? ? 
# 
_struct_conn_type.id          disulf 
_struct_conn_type.criteria    ? 
_struct_conn_type.reference   ? 
# 
loop_
_pdbx_modification_feature.ordinal 
_pdbx_modification_feature.label_comp_id 
_pdbx_modification_feature.label_asym_id 
_pdbx_modification_feature.label_seq_id 
_pdbx_modification_feature.label_alt_id 
_pdbx_modification_feature.modified_residue_label_comp_id 
_pdbx_modification_feature.modified_residue_label_asym_id 
_pdbx_modification_feature.modified_residue_label_seq_id 
_pdbx_modification_feature.modified_residue_label_alt_id 
_pdbx_modification_feature.auth_comp_id 
_pdbx_modification_feature.auth_asym_id 
_pdbx_modification_feature.auth_seq_id 
_pdbx_modification_feature.PDB_ins_code 
_pdbx_modification_feature.symmetry 
_pdbx_modification_feature.modified_residue_auth_comp_id 
_pdbx_modification_feature.modified_residue_auth_asym_id 
_pdbx_modification_feature.modified_residue_auth_seq_id 
_pdbx_modification_feature.modified_residue_PDB_ins_code 
_pdbx_modification_feature.modified_residue_symmetry 
_pdbx_modification_feature.comp_id_linking_atom 
_pdbx_modification_feature.modified_residue_id_linking_atom 
_pdbx_modification_feature.modified_residue_id 
_pdbx_modification_feature.ref_pcm_id 
_pdbx_modification_feature.ref_comp_id 
_pdbx_modification_feature.type 
_pdbx_modification_feature.category 
1 CYS A 40 ? CYS A 68 ? CYS A 39 ? 1_555 CYS A 67 ? 1_555 SG SG . . . None 'Disulfide bridge' 
2 CYS A 67 ? CYS A 77 ? CYS A 66 ? 1_555 CYS A 76 ? 1_555 SG SG . . . None 'Disulfide bridge' 
# 
_struct_sheet.id               AA1 
_struct_sheet.type             ? 
_struct_sheet.number_strands   5 
_struct_sheet.details          ? 
# 
loop_
_struct_sheet_order.sheet_id 
_struct_sheet_order.range_id_1 
_struct_sheet_order.range_id_2 
_struct_sheet_order.offset 
_struct_sheet_order.sense 
AA1 1 2 ? anti-parallel 
AA1 2 3 ? anti-parallel 
AA1 3 4 ? anti-parallel 
AA1 4 5 ? anti-parallel 
# 
loop_
_struct_sheet_range.sheet_id 
_struct_sheet_range.id 
_struct_sheet_range.beg_label_comp_id 
_struct_sheet_range.beg_label_asym_id 
_struct_sheet_range.beg_label_seq_id 
_struct_sheet_range.pdbx_beg_PDB_ins_code 
_struct_sheet_range.end_label_comp_id 
_struct_sheet_range.end_label_asym_id 
_struct_sheet_range.end_label_seq_id 
_struct_sheet_range.pdbx_end_PDB_ins_code 
_struct_sheet_range.beg_auth_comp_id 
_struct_sheet_range.beg_auth_asym_id 
_struct_sheet_range.beg_auth_seq_id 
_struct_sheet_range.end_auth_comp_id 
_struct_sheet_range.end_auth_asym_id 
_struct_sheet_range.end_auth_seq_id 
AA1 1 LEU A 76  ? GLN A 79  ? LEU A 75  GLN A 78  
AA1 2 ARG A 65  ? CYS A 68  ? ARG A 64  CYS A 67  
AA1 3 VAL A 57  ? SER A 61  ? VAL A 56  SER A 60  
AA1 4 LEU A 34  ? GLY A 38  ? LEU A 33  GLY A 37  
AA1 5 SER A 175 ? TYR A 176 ? SER A 174 TYR A 175 
# 
loop_
_pdbx_struct_sheet_hbond.sheet_id 
_pdbx_struct_sheet_hbond.range_id_1 
_pdbx_struct_sheet_hbond.range_id_2 
_pdbx_struct_sheet_hbond.range_1_label_atom_id 
_pdbx_struct_sheet_hbond.range_1_label_comp_id 
_pdbx_struct_sheet_hbond.range_1_label_asym_id 
_pdbx_struct_sheet_hbond.range_1_label_seq_id 
_pdbx_struct_sheet_hbond.range_1_PDB_ins_code 
_pdbx_struct_sheet_hbond.range_1_auth_atom_id 
_pdbx_struct_sheet_hbond.range_1_auth_comp_id 
_pdbx_struct_sheet_hbond.range_1_auth_asym_id 
_pdbx_struct_sheet_hbond.range_1_auth_seq_id 
_pdbx_struct_sheet_hbond.range_2_label_atom_id 
_pdbx_struct_sheet_hbond.range_2_label_comp_id 
_pdbx_struct_sheet_hbond.range_2_label_asym_id 
_pdbx_struct_sheet_hbond.range_2_label_seq_id 
_pdbx_struct_sheet_hbond.range_2_PDB_ins_code 
_pdbx_struct_sheet_hbond.range_2_auth_atom_id 
_pdbx_struct_sheet_hbond.range_2_auth_comp_id 
_pdbx_struct_sheet_hbond.range_2_auth_asym_id 
_pdbx_struct_sheet_hbond.range_2_auth_seq_id 
AA1 1 2 O LYS A 78 ? O LYS A 77 N THR A 66  ? N THR A 65  
AA1 2 3 O CYS A 67 ? O CYS A 66 N HIS A 60  ? N HIS A 59  
AA1 3 4 O THR A 59 ? O THR A 58 N SER A 36  ? N SER A 35  
AA1 4 5 N TYR A 35 ? N TYR A 34 O SER A 175 ? O SER A 174 
# 
_pdbx_entry_details.entry_id                   8VHV 
_pdbx_entry_details.nonpolymer_details         ? 
_pdbx_entry_details.sequence_details           ? 
_pdbx_entry_details.compound_details           ? 
_pdbx_entry_details.source_details             ? 
_pdbx_entry_details.has_ligand_of_interest     ? 
_pdbx_entry_details.has_protein_modification   Y 
# 
loop_
_pdbx_validate_torsion.id 
_pdbx_validate_torsion.PDB_model_num 
_pdbx_validate_torsion.auth_comp_id 
_pdbx_validate_torsion.auth_asym_id 
_pdbx_validate_torsion.auth_seq_id 
_pdbx_validate_torsion.PDB_ins_code 
_pdbx_validate_torsion.label_alt_id 
_pdbx_validate_torsion.phi 
_pdbx_validate_torsion.psi 
1 1 TYR A 31  ? ? -118.04 50.21  
2 1 GLU A 69  ? ? -140.45 51.71  
3 1 SER A 124 ? ? -59.50  -8.14  
4 1 THR A 129 ? ? 71.85   42.81  
5 1 HIS A 131 ? ? 68.52   -22.31 
6 1 SER A 172 ? ? 58.58   4.11   
# 
_em_3d_fitting.id                1 
_em_3d_fitting.entry_id          8VHV 
_em_3d_fitting.method            ? 
_em_3d_fitting.target_criteria   ? 
_em_3d_fitting.details           ? 
_em_3d_fitting.overall_b_value   ? 
_em_3d_fitting.ref_space         ? 
_em_3d_fitting.ref_protocol      ? 
# 
_em_3d_reconstruction.entry_id                    8VHV 
_em_3d_reconstruction.id                          1 
_em_3d_reconstruction.method                      ? 
_em_3d_reconstruction.algorithm                   'FOURIER SPACE' 
_em_3d_reconstruction.citation_id                 ? 
_em_3d_reconstruction.details                     ? 
_em_3d_reconstruction.resolution                  2.3 
_em_3d_reconstruction.resolution_method           'FSC 0.143 CUT-OFF' 
_em_3d_reconstruction.magnification_calibration   ? 
_em_3d_reconstruction.nominal_pixel_size          ? 
_em_3d_reconstruction.actual_pixel_size           ? 
_em_3d_reconstruction.num_particles               494916 
_em_3d_reconstruction.euler_angles_details        ? 
_em_3d_reconstruction.num_class_averages          ? 
_em_3d_reconstruction.refinement_type             ? 
_em_3d_reconstruction.image_processing_id         1 
_em_3d_reconstruction.symmetry_type               POINT 
# 
_em_buffer.id            1 
_em_buffer.specimen_id   1 
_em_buffer.name          ? 
_em_buffer.details       ? 
_em_buffer.pH            8 
# 
_em_entity_assembly.id                   1 
_em_entity_assembly.parent_id            0 
_em_entity_assembly.source               RECOMBINANT 
_em_entity_assembly.type                 COMPLEX 
_em_entity_assembly.name                 'Structure of Transmembrane AMPA Receptor Regulatory Protein Subunit g2' 
_em_entity_assembly.details              ? 
_em_entity_assembly.synonym              ? 
_em_entity_assembly.oligomeric_details   ? 
_em_entity_assembly.entity_id_list       1 
# 
_em_imaging.entry_id                        8VHV 
_em_imaging.id                              1 
_em_imaging.astigmatism                     ? 
_em_imaging.electron_beam_tilt_params       ? 
_em_imaging.residual_tilt                   ? 
_em_imaging.microscope_model                'TFS KRIOS' 
_em_imaging.specimen_holder_type            ? 
_em_imaging.specimen_holder_model           'FEI TITAN KRIOS AUTOGRID HOLDER' 
_em_imaging.details                         ? 
_em_imaging.date                            ? 
_em_imaging.accelerating_voltage            300 
_em_imaging.illumination_mode               'FLOOD BEAM' 
_em_imaging.mode                            'BRIGHT FIELD' 
_em_imaging.nominal_cs                      2.7 
_em_imaging.nominal_defocus_min             1000 
_em_imaging.nominal_defocus_max             2600 
_em_imaging.calibrated_defocus_min          1000 
_em_imaging.calibrated_defocus_max          2600 
_em_imaging.tilt_angle_min                  ? 
_em_imaging.tilt_angle_max                  ? 
_em_imaging.nominal_magnification           130000 
_em_imaging.calibrated_magnification        ? 
_em_imaging.electron_source                 'FIELD EMISSION GUN' 
_em_imaging.citation_id                     ? 
_em_imaging.temperature                     ? 
_em_imaging.detector_distance               ? 
_em_imaging.recording_temperature_minimum   ? 
_em_imaging.recording_temperature_maximum   ? 
_em_imaging.alignment_procedure             'COMA FREE' 
_em_imaging.c2_aperture_diameter            70 
_em_imaging.specimen_id                     1 
_em_imaging.cryogen                         NITROGEN 
# 
_em_vitrification.entry_id              8VHV 
_em_vitrification.id                    1 
_em_vitrification.specimen_id           1 
_em_vitrification.cryogen_name          ETHANE 
_em_vitrification.humidity              100 
_em_vitrification.temp                  ? 
_em_vitrification.chamber_temperature   295 
_em_vitrification.instrument            'FEI VITROBOT MARK IV' 
_em_vitrification.method                ? 
_em_vitrification.time_resolved_state   ? 
_em_vitrification.citation_id           ? 
_em_vitrification.details               ? 
# 
_em_experiment.entry_id                8VHV 
_em_experiment.id                      1 
_em_experiment.reconstruction_method   'SINGLE PARTICLE' 
_em_experiment.aggregation_state       PARTICLE 
_em_experiment.entity_assembly_id      1 
# 
_em_single_particle_entity.entry_id              8VHV 
_em_single_particle_entity.id                    1 
_em_single_particle_entity.image_processing_id   1 
_em_single_particle_entity.point_symmetry        C1 
# 
loop_
_pdbx_unobs_or_zero_occ_residues.id 
_pdbx_unobs_or_zero_occ_residues.PDB_model_num 
_pdbx_unobs_or_zero_occ_residues.polymer_flag 
_pdbx_unobs_or_zero_occ_residues.occupancy_flag 
_pdbx_unobs_or_zero_occ_residues.auth_asym_id 
_pdbx_unobs_or_zero_occ_residues.auth_comp_id 
_pdbx_unobs_or_zero_occ_residues.auth_seq_id 
_pdbx_unobs_or_zero_occ_residues.PDB_ins_code 
_pdbx_unobs_or_zero_occ_residues.label_asym_id 
_pdbx_unobs_or_zero_occ_residues.label_comp_id 
_pdbx_unobs_or_zero_occ_residues.label_seq_id 
1  1 Y 1 A MET 0   ? A MET 1   
2  1 Y 1 A GLY 1   ? A GLY 2   
3  1 Y 1 A LEU 2   ? A LEU 3   
4  1 Y 1 A PHE 3   ? A PHE 4   
5  1 Y 1 A ASP 4   ? A ASP 5   
6  1 Y 1 A THR 41  ? A THR 42  
7  1 Y 1 A LYS 42  ? A LYS 43  
8  1 Y 1 A SER 43  ? A SER 44  
9  1 Y 1 A VAL 44  ? A VAL 45  
10 1 Y 1 A SER 45  ? A SER 46  
11 1 Y 1 A GLU 46  ? A GLU 47  
12 1 Y 1 A ASN 47  ? A ASN 48  
13 1 Y 1 A GLU 48  ? A GLU 49  
14 1 Y 1 A THR 49  ? A THR 50  
15 1 Y 1 A SER 50  ? A SER 51  
16 1 Y 1 A LYS 51  ? A LYS 52  
17 1 Y 1 A LYS 52  ? A LYS 53  
18 1 Y 1 A ASN 53  ? A ASN 54  
19 1 Y 1 A GLU 54  ? A GLU 55  
20 1 Y 1 A PRO 83  ? A PRO 84  
21 1 Y 1 A GLU 84  ? A GLU 85  
22 1 Y 1 A ASP 85  ? A ASP 86  
23 1 Y 1 A ALA 86  ? A ALA 87  
24 1 Y 1 A ASP 87  ? A ASP 88  
25 1 Y 1 A TYR 88  ? A TYR 89  
26 1 Y 1 A GLU 89  ? A GLU 90  
27 1 Y 1 A ALA 90  ? A ALA 91  
28 1 Y 1 A ASP 91  ? A ASP 92  
29 1 Y 1 A THR 92  ? A THR 93  
30 1 Y 1 A ASP 162 ? A ASP 163 
31 1 Y 1 A PRO 163 ? A PRO 164 
32 1 Y 1 A SER 164 ? A SER 165 
33 1 Y 1 A LYS 165 ? A LYS 166 
34 1 Y 1 A SER 166 ? A SER 167 
35 1 Y 1 A ASP 167 ? A ASP 168 
36 1 Y 1 A SER 168 ? A SER 169 
37 1 Y 1 A LYS 169 ? A LYS 170 
38 1 Y 1 A LYS 170 ? A LYS 171 
# 
loop_
_chem_comp_atom.comp_id 
_chem_comp_atom.atom_id 
_chem_comp_atom.type_symbol 
_chem_comp_atom.pdbx_aromatic_flag 
_chem_comp_atom.pdbx_stereo_config 
_chem_comp_atom.pdbx_ordinal 
ALA N    N N N 1   
ALA CA   C N S 2   
ALA C    C N N 3   
ALA O    O N N 4   
ALA CB   C N N 5   
ALA OXT  O N N 6   
ALA H    H N N 7   
ALA H2   H N N 8   
ALA HA   H N N 9   
ALA HB1  H N N 10  
ALA HB2  H N N 11  
ALA HB3  H N N 12  
ALA HXT  H N N 13  
ARG N    N N N 14  
ARG CA   C N S 15  
ARG C    C N N 16  
ARG O    O N N 17  
ARG CB   C N N 18  
ARG CG   C N N 19  
ARG CD   C N N 20  
ARG NE   N N N 21  
ARG CZ   C N N 22  
ARG NH1  N N N 23  
ARG NH2  N N N 24  
ARG OXT  O N N 25  
ARG H    H N N 26  
ARG H2   H N N 27  
ARG HA   H N N 28  
ARG HB2  H N N 29  
ARG HB3  H N N 30  
ARG HG2  H N N 31  
ARG HG3  H N N 32  
ARG HD2  H N N 33  
ARG HD3  H N N 34  
ARG HE   H N N 35  
ARG HH11 H N N 36  
ARG HH12 H N N 37  
ARG HH21 H N N 38  
ARG HH22 H N N 39  
ARG HXT  H N N 40  
ASN N    N N N 41  
ASN CA   C N S 42  
ASN C    C N N 43  
ASN O    O N N 44  
ASN CB   C N N 45  
ASN CG   C N N 46  
ASN OD1  O N N 47  
ASN ND2  N N N 48  
ASN OXT  O N N 49  
ASN H    H N N 50  
ASN H2   H N N 51  
ASN HA   H N N 52  
ASN HB2  H N N 53  
ASN HB3  H N N 54  
ASN HD21 H N N 55  
ASN HD22 H N N 56  
ASN HXT  H N N 57  
ASP N    N N N 58  
ASP CA   C N S 59  
ASP C    C N N 60  
ASP O    O N N 61  
ASP CB   C N N 62  
ASP CG   C N N 63  
ASP OD1  O N N 64  
ASP OD2  O N N 65  
ASP OXT  O N N 66  
ASP H    H N N 67  
ASP H2   H N N 68  
ASP HA   H N N 69  
ASP HB2  H N N 70  
ASP HB3  H N N 71  
ASP HD2  H N N 72  
ASP HXT  H N N 73  
CYS N    N N N 74  
CYS CA   C N R 75  
CYS C    C N N 76  
CYS O    O N N 77  
CYS CB   C N N 78  
CYS SG   S N N 79  
CYS OXT  O N N 80  
CYS H    H N N 81  
CYS H2   H N N 82  
CYS HA   H N N 83  
CYS HB2  H N N 84  
CYS HB3  H N N 85  
CYS HG   H N N 86  
CYS HXT  H N N 87  
GLN N    N N N 88  
GLN CA   C N S 89  
GLN C    C N N 90  
GLN O    O N N 91  
GLN CB   C N N 92  
GLN CG   C N N 93  
GLN CD   C N N 94  
GLN OE1  O N N 95  
GLN NE2  N N N 96  
GLN OXT  O N N 97  
GLN H    H N N 98  
GLN H2   H N N 99  
GLN HA   H N N 100 
GLN HB2  H N N 101 
GLN HB3  H N N 102 
GLN HG2  H N N 103 
GLN HG3  H N N 104 
GLN HE21 H N N 105 
GLN HE22 H N N 106 
GLN HXT  H N N 107 
GLU N    N N N 108 
GLU CA   C N S 109 
GLU C    C N N 110 
GLU O    O N N 111 
GLU CB   C N N 112 
GLU CG   C N N 113 
GLU CD   C N N 114 
GLU OE1  O N N 115 
GLU OE2  O N N 116 
GLU OXT  O N N 117 
GLU H    H N N 118 
GLU H2   H N N 119 
GLU HA   H N N 120 
GLU HB2  H N N 121 
GLU HB3  H N N 122 
GLU HG2  H N N 123 
GLU HG3  H N N 124 
GLU HE2  H N N 125 
GLU HXT  H N N 126 
GLY N    N N N 127 
GLY CA   C N N 128 
GLY C    C N N 129 
GLY O    O N N 130 
GLY OXT  O N N 131 
GLY H    H N N 132 
GLY H2   H N N 133 
GLY HA2  H N N 134 
GLY HA3  H N N 135 
GLY HXT  H N N 136 
HIS N    N N N 137 
HIS CA   C N S 138 
HIS C    C N N 139 
HIS O    O N N 140 
HIS CB   C N N 141 
HIS CG   C Y N 142 
HIS ND1  N Y N 143 
HIS CD2  C Y N 144 
HIS CE1  C Y N 145 
HIS NE2  N Y N 146 
HIS OXT  O N N 147 
HIS H    H N N 148 
HIS H2   H N N 149 
HIS HA   H N N 150 
HIS HB2  H N N 151 
HIS HB3  H N N 152 
HIS HD1  H N N 153 
HIS HD2  H N N 154 
HIS HE1  H N N 155 
HIS HE2  H N N 156 
HIS HXT  H N N 157 
ILE N    N N N 158 
ILE CA   C N S 159 
ILE C    C N N 160 
ILE O    O N N 161 
ILE CB   C N S 162 
ILE CG1  C N N 163 
ILE CG2  C N N 164 
ILE CD1  C N N 165 
ILE OXT  O N N 166 
ILE H    H N N 167 
ILE H2   H N N 168 
ILE HA   H N N 169 
ILE HB   H N N 170 
ILE HG12 H N N 171 
ILE HG13 H N N 172 
ILE HG21 H N N 173 
ILE HG22 H N N 174 
ILE HG23 H N N 175 
ILE HD11 H N N 176 
ILE HD12 H N N 177 
ILE HD13 H N N 178 
ILE HXT  H N N 179 
LEU N    N N N 180 
LEU CA   C N S 181 
LEU C    C N N 182 
LEU O    O N N 183 
LEU CB   C N N 184 
LEU CG   C N N 185 
LEU CD1  C N N 186 
LEU CD2  C N N 187 
LEU OXT  O N N 188 
LEU H    H N N 189 
LEU H2   H N N 190 
LEU HA   H N N 191 
LEU HB2  H N N 192 
LEU HB3  H N N 193 
LEU HG   H N N 194 
LEU HD11 H N N 195 
LEU HD12 H N N 196 
LEU HD13 H N N 197 
LEU HD21 H N N 198 
LEU HD22 H N N 199 
LEU HD23 H N N 200 
LEU HXT  H N N 201 
LYS N    N N N 202 
LYS CA   C N S 203 
LYS C    C N N 204 
LYS O    O N N 205 
LYS CB   C N N 206 
LYS CG   C N N 207 
LYS CD   C N N 208 
LYS CE   C N N 209 
LYS NZ   N N N 210 
LYS OXT  O N N 211 
LYS H    H N N 212 
LYS H2   H N N 213 
LYS HA   H N N 214 
LYS HB2  H N N 215 
LYS HB3  H N N 216 
LYS HG2  H N N 217 
LYS HG3  H N N 218 
LYS HD2  H N N 219 
LYS HD3  H N N 220 
LYS HE2  H N N 221 
LYS HE3  H N N 222 
LYS HZ1  H N N 223 
LYS HZ2  H N N 224 
LYS HZ3  H N N 225 
LYS HXT  H N N 226 
MET N    N N N 227 
MET CA   C N S 228 
MET C    C N N 229 
MET O    O N N 230 
MET CB   C N N 231 
MET CG   C N N 232 
MET SD   S N N 233 
MET CE   C N N 234 
MET OXT  O N N 235 
MET H    H N N 236 
MET H2   H N N 237 
MET HA   H N N 238 
MET HB2  H N N 239 
MET HB3  H N N 240 
MET HG2  H N N 241 
MET HG3  H N N 242 
MET HE1  H N N 243 
MET HE2  H N N 244 
MET HE3  H N N 245 
MET HXT  H N N 246 
PHE N    N N N 247 
PHE CA   C N S 248 
PHE C    C N N 249 
PHE O    O N N 250 
PHE CB   C N N 251 
PHE CG   C Y N 252 
PHE CD1  C Y N 253 
PHE CD2  C Y N 254 
PHE CE1  C Y N 255 
PHE CE2  C Y N 256 
PHE CZ   C Y N 257 
PHE OXT  O N N 258 
PHE H    H N N 259 
PHE H2   H N N 260 
PHE HA   H N N 261 
PHE HB2  H N N 262 
PHE HB3  H N N 263 
PHE HD1  H N N 264 
PHE HD2  H N N 265 
PHE HE1  H N N 266 
PHE HE2  H N N 267 
PHE HZ   H N N 268 
PHE HXT  H N N 269 
PRO N    N N N 270 
PRO CA   C N S 271 
PRO C    C N N 272 
PRO O    O N N 273 
PRO CB   C N N 274 
PRO CG   C N N 275 
PRO CD   C N N 276 
PRO OXT  O N N 277 
PRO H    H N N 278 
PRO HA   H N N 279 
PRO HB2  H N N 280 
PRO HB3  H N N 281 
PRO HG2  H N N 282 
PRO HG3  H N N 283 
PRO HD2  H N N 284 
PRO HD3  H N N 285 
PRO HXT  H N N 286 
SER N    N N N 287 
SER CA   C N S 288 
SER C    C N N 289 
SER O    O N N 290 
SER CB   C N N 291 
SER OG   O N N 292 
SER OXT  O N N 293 
SER H    H N N 294 
SER H2   H N N 295 
SER HA   H N N 296 
SER HB2  H N N 297 
SER HB3  H N N 298 
SER HG   H N N 299 
SER HXT  H N N 300 
THR N    N N N 301 
THR CA   C N S 302 
THR C    C N N 303 
THR O    O N N 304 
THR CB   C N R 305 
THR OG1  O N N 306 
THR CG2  C N N 307 
THR OXT  O N N 308 
THR H    H N N 309 
THR H2   H N N 310 
THR HA   H N N 311 
THR HB   H N N 312 
THR HG1  H N N 313 
THR HG21 H N N 314 
THR HG22 H N N 315 
THR HG23 H N N 316 
THR HXT  H N N 317 
TRP N    N N N 318 
TRP CA   C N S 319 
TRP C    C N N 320 
TRP O    O N N 321 
TRP CB   C N N 322 
TRP CG   C Y N 323 
TRP CD1  C Y N 324 
TRP CD2  C Y N 325 
TRP NE1  N Y N 326 
TRP CE2  C Y N 327 
TRP CE3  C Y N 328 
TRP CZ2  C Y N 329 
TRP CZ3  C Y N 330 
TRP CH2  C Y N 331 
TRP OXT  O N N 332 
TRP H    H N N 333 
TRP H2   H N N 334 
TRP HA   H N N 335 
TRP HB2  H N N 336 
TRP HB3  H N N 337 
TRP HD1  H N N 338 
TRP HE1  H N N 339 
TRP HE3  H N N 340 
TRP HZ2  H N N 341 
TRP HZ3  H N N 342 
TRP HH2  H N N 343 
TRP HXT  H N N 344 
TYR N    N N N 345 
TYR CA   C N S 346 
TYR C    C N N 347 
TYR O    O N N 348 
TYR CB   C N N 349 
TYR CG   C Y N 350 
TYR CD1  C Y N 351 
TYR CD2  C Y N 352 
TYR CE1  C Y N 353 
TYR CE2  C Y N 354 
TYR CZ   C Y N 355 
TYR OH   O N N 356 
TYR OXT  O N N 357 
TYR H    H N N 358 
TYR H2   H N N 359 
TYR HA   H N N 360 
TYR HB2  H N N 361 
TYR HB3  H N N 362 
TYR HD1  H N N 363 
TYR HD2  H N N 364 
TYR HE1  H N N 365 
TYR HE2  H N N 366 
TYR HH   H N N 367 
TYR HXT  H N N 368 
VAL N    N N N 369 
VAL CA   C N S 370 
VAL C    C N N 371 
VAL O    O N N 372 
VAL CB   C N N 373 
VAL CG1  C N N 374 
VAL CG2  C N N 375 
VAL OXT  O N N 376 
VAL H    H N N 377 
VAL H2   H N N 378 
VAL HA   H N N 379 
VAL HB   H N N 380 
VAL HG11 H N N 381 
VAL HG12 H N N 382 
VAL HG13 H N N 383 
VAL HG21 H N N 384 
VAL HG22 H N N 385 
VAL HG23 H N N 386 
VAL HXT  H N N 387 
# 
loop_
_chem_comp_bond.comp_id 
_chem_comp_bond.atom_id_1 
_chem_comp_bond.atom_id_2 
_chem_comp_bond.value_order 
_chem_comp_bond.pdbx_aromatic_flag 
_chem_comp_bond.pdbx_stereo_config 
_chem_comp_bond.pdbx_ordinal 
ALA N   CA   sing N N 1   
ALA N   H    sing N N 2   
ALA N   H2   sing N N 3   
ALA CA  C    sing N N 4   
ALA CA  CB   sing N N 5   
ALA CA  HA   sing N N 6   
ALA C   O    doub N N 7   
ALA C   OXT  sing N N 8   
ALA CB  HB1  sing N N 9   
ALA CB  HB2  sing N N 10  
ALA CB  HB3  sing N N 11  
ALA OXT HXT  sing N N 12  
ARG N   CA   sing N N 13  
ARG N   H    sing N N 14  
ARG N   H2   sing N N 15  
ARG CA  C    sing N N 16  
ARG CA  CB   sing N N 17  
ARG CA  HA   sing N N 18  
ARG C   O    doub N N 19  
ARG C   OXT  sing N N 20  
ARG CB  CG   sing N N 21  
ARG CB  HB2  sing N N 22  
ARG CB  HB3  sing N N 23  
ARG CG  CD   sing N N 24  
ARG CG  HG2  sing N N 25  
ARG CG  HG3  sing N N 26  
ARG CD  NE   sing N N 27  
ARG CD  HD2  sing N N 28  
ARG CD  HD3  sing N N 29  
ARG NE  CZ   sing N N 30  
ARG NE  HE   sing N N 31  
ARG CZ  NH1  sing N N 32  
ARG CZ  NH2  doub N N 33  
ARG NH1 HH11 sing N N 34  
ARG NH1 HH12 sing N N 35  
ARG NH2 HH21 sing N N 36  
ARG NH2 HH22 sing N N 37  
ARG OXT HXT  sing N N 38  
ASN N   CA   sing N N 39  
ASN N   H    sing N N 40  
ASN N   H2   sing N N 41  
ASN CA  C    sing N N 42  
ASN CA  CB   sing N N 43  
ASN CA  HA   sing N N 44  
ASN C   O    doub N N 45  
ASN C   OXT  sing N N 46  
ASN CB  CG   sing N N 47  
ASN CB  HB2  sing N N 48  
ASN CB  HB3  sing N N 49  
ASN CG  OD1  doub N N 50  
ASN CG  ND2  sing N N 51  
ASN ND2 HD21 sing N N 52  
ASN ND2 HD22 sing N N 53  
ASN OXT HXT  sing N N 54  
ASP N   CA   sing N N 55  
ASP N   H    sing N N 56  
ASP N   H2   sing N N 57  
ASP CA  C    sing N N 58  
ASP CA  CB   sing N N 59  
ASP CA  HA   sing N N 60  
ASP C   O    doub N N 61  
ASP C   OXT  sing N N 62  
ASP CB  CG   sing N N 63  
ASP CB  HB2  sing N N 64  
ASP CB  HB3  sing N N 65  
ASP CG  OD1  doub N N 66  
ASP CG  OD2  sing N N 67  
ASP OD2 HD2  sing N N 68  
ASP OXT HXT  sing N N 69  
CYS N   CA   sing N N 70  
CYS N   H    sing N N 71  
CYS N   H2   sing N N 72  
CYS CA  C    sing N N 73  
CYS CA  CB   sing N N 74  
CYS CA  HA   sing N N 75  
CYS C   O    doub N N 76  
CYS C   OXT  sing N N 77  
CYS CB  SG   sing N N 78  
CYS CB  HB2  sing N N 79  
CYS CB  HB3  sing N N 80  
CYS SG  HG   sing N N 81  
CYS OXT HXT  sing N N 82  
GLN N   CA   sing N N 83  
GLN N   H    sing N N 84  
GLN N   H2   sing N N 85  
GLN CA  C    sing N N 86  
GLN CA  CB   sing N N 87  
GLN CA  HA   sing N N 88  
GLN C   O    doub N N 89  
GLN C   OXT  sing N N 90  
GLN CB  CG   sing N N 91  
GLN CB  HB2  sing N N 92  
GLN CB  HB3  sing N N 93  
GLN CG  CD   sing N N 94  
GLN CG  HG2  sing N N 95  
GLN CG  HG3  sing N N 96  
GLN CD  OE1  doub N N 97  
GLN CD  NE2  sing N N 98  
GLN NE2 HE21 sing N N 99  
GLN NE2 HE22 sing N N 100 
GLN OXT HXT  sing N N 101 
GLU N   CA   sing N N 102 
GLU N   H    sing N N 103 
GLU N   H2   sing N N 104 
GLU CA  C    sing N N 105 
GLU CA  CB   sing N N 106 
GLU CA  HA   sing N N 107 
GLU C   O    doub N N 108 
GLU C   OXT  sing N N 109 
GLU CB  CG   sing N N 110 
GLU CB  HB2  sing N N 111 
GLU CB  HB3  sing N N 112 
GLU CG  CD   sing N N 113 
GLU CG  HG2  sing N N 114 
GLU CG  HG3  sing N N 115 
GLU CD  OE1  doub N N 116 
GLU CD  OE2  sing N N 117 
GLU OE2 HE2  sing N N 118 
GLU OXT HXT  sing N N 119 
GLY N   CA   sing N N 120 
GLY N   H    sing N N 121 
GLY N   H2   sing N N 122 
GLY CA  C    sing N N 123 
GLY CA  HA2  sing N N 124 
GLY CA  HA3  sing N N 125 
GLY C   O    doub N N 126 
GLY C   OXT  sing N N 127 
GLY OXT HXT  sing N N 128 
HIS N   CA   sing N N 129 
HIS N   H    sing N N 130 
HIS N   H2   sing N N 131 
HIS CA  C    sing N N 132 
HIS CA  CB   sing N N 133 
HIS CA  HA   sing N N 134 
HIS C   O    doub N N 135 
HIS C   OXT  sing N N 136 
HIS CB  CG   sing N N 137 
HIS CB  HB2  sing N N 138 
HIS CB  HB3  sing N N 139 
HIS CG  ND1  sing Y N 140 
HIS CG  CD2  doub Y N 141 
HIS ND1 CE1  doub Y N 142 
HIS ND1 HD1  sing N N 143 
HIS CD2 NE2  sing Y N 144 
HIS CD2 HD2  sing N N 145 
HIS CE1 NE2  sing Y N 146 
HIS CE1 HE1  sing N N 147 
HIS NE2 HE2  sing N N 148 
HIS OXT HXT  sing N N 149 
ILE N   CA   sing N N 150 
ILE N   H    sing N N 151 
ILE N   H2   sing N N 152 
ILE CA  C    sing N N 153 
ILE CA  CB   sing N N 154 
ILE CA  HA   sing N N 155 
ILE C   O    doub N N 156 
ILE C   OXT  sing N N 157 
ILE CB  CG1  sing N N 158 
ILE CB  CG2  sing N N 159 
ILE CB  HB   sing N N 160 
ILE CG1 CD1  sing N N 161 
ILE CG1 HG12 sing N N 162 
ILE CG1 HG13 sing N N 163 
ILE CG2 HG21 sing N N 164 
ILE CG2 HG22 sing N N 165 
ILE CG2 HG23 sing N N 166 
ILE CD1 HD11 sing N N 167 
ILE CD1 HD12 sing N N 168 
ILE CD1 HD13 sing N N 169 
ILE OXT HXT  sing N N 170 
LEU N   CA   sing N N 171 
LEU N   H    sing N N 172 
LEU N   H2   sing N N 173 
LEU CA  C    sing N N 174 
LEU CA  CB   sing N N 175 
LEU CA  HA   sing N N 176 
LEU C   O    doub N N 177 
LEU C   OXT  sing N N 178 
LEU CB  CG   sing N N 179 
LEU CB  HB2  sing N N 180 
LEU CB  HB3  sing N N 181 
LEU CG  CD1  sing N N 182 
LEU CG  CD2  sing N N 183 
LEU CG  HG   sing N N 184 
LEU CD1 HD11 sing N N 185 
LEU CD1 HD12 sing N N 186 
LEU CD1 HD13 sing N N 187 
LEU CD2 HD21 sing N N 188 
LEU CD2 HD22 sing N N 189 
LEU CD2 HD23 sing N N 190 
LEU OXT HXT  sing N N 191 
LYS N   CA   sing N N 192 
LYS N   H    sing N N 193 
LYS N   H2   sing N N 194 
LYS CA  C    sing N N 195 
LYS CA  CB   sing N N 196 
LYS CA  HA   sing N N 197 
LYS C   O    doub N N 198 
LYS C   OXT  sing N N 199 
LYS CB  CG   sing N N 200 
LYS CB  HB2  sing N N 201 
LYS CB  HB3  sing N N 202 
LYS CG  CD   sing N N 203 
LYS CG  HG2  sing N N 204 
LYS CG  HG3  sing N N 205 
LYS CD  CE   sing N N 206 
LYS CD  HD2  sing N N 207 
LYS CD  HD3  sing N N 208 
LYS CE  NZ   sing N N 209 
LYS CE  HE2  sing N N 210 
LYS CE  HE3  sing N N 211 
LYS NZ  HZ1  sing N N 212 
LYS NZ  HZ2  sing N N 213 
LYS NZ  HZ3  sing N N 214 
LYS OXT HXT  sing N N 215 
MET N   CA   sing N N 216 
MET N   H    sing N N 217 
MET N   H2   sing N N 218 
MET CA  C    sing N N 219 
MET CA  CB   sing N N 220 
MET CA  HA   sing N N 221 
MET C   O    doub N N 222 
MET C   OXT  sing N N 223 
MET CB  CG   sing N N 224 
MET CB  HB2  sing N N 225 
MET CB  HB3  sing N N 226 
MET CG  SD   sing N N 227 
MET CG  HG2  sing N N 228 
MET CG  HG3  sing N N 229 
MET SD  CE   sing N N 230 
MET CE  HE1  sing N N 231 
MET CE  HE2  sing N N 232 
MET CE  HE3  sing N N 233 
MET OXT HXT  sing N N 234 
PHE N   CA   sing N N 235 
PHE N   H    sing N N 236 
PHE N   H2   sing N N 237 
PHE CA  C    sing N N 238 
PHE CA  CB   sing N N 239 
PHE CA  HA   sing N N 240 
PHE C   O    doub N N 241 
PHE C   OXT  sing N N 242 
PHE CB  CG   sing N N 243 
PHE CB  HB2  sing N N 244 
PHE CB  HB3  sing N N 245 
PHE CG  CD1  doub Y N 246 
PHE CG  CD2  sing Y N 247 
PHE CD1 CE1  sing Y N 248 
PHE CD1 HD1  sing N N 249 
PHE CD2 CE2  doub Y N 250 
PHE CD2 HD2  sing N N 251 
PHE CE1 CZ   doub Y N 252 
PHE CE1 HE1  sing N N 253 
PHE CE2 CZ   sing Y N 254 
PHE CE2 HE2  sing N N 255 
PHE CZ  HZ   sing N N 256 
PHE OXT HXT  sing N N 257 
PRO N   CA   sing N N 258 
PRO N   CD   sing N N 259 
PRO N   H    sing N N 260 
PRO CA  C    sing N N 261 
PRO CA  CB   sing N N 262 
PRO CA  HA   sing N N 263 
PRO C   O    doub N N 264 
PRO C   OXT  sing N N 265 
PRO CB  CG   sing N N 266 
PRO CB  HB2  sing N N 267 
PRO CB  HB3  sing N N 268 
PRO CG  CD   sing N N 269 
PRO CG  HG2  sing N N 270 
PRO CG  HG3  sing N N 271 
PRO CD  HD2  sing N N 272 
PRO CD  HD3  sing N N 273 
PRO OXT HXT  sing N N 274 
SER N   CA   sing N N 275 
SER N   H    sing N N 276 
SER N   H2   sing N N 277 
SER CA  C    sing N N 278 
SER CA  CB   sing N N 279 
SER CA  HA   sing N N 280 
SER C   O    doub N N 281 
SER C   OXT  sing N N 282 
SER CB  OG   sing N N 283 
SER CB  HB2  sing N N 284 
SER CB  HB3  sing N N 285 
SER OG  HG   sing N N 286 
SER OXT HXT  sing N N 287 
THR N   CA   sing N N 288 
THR N   H    sing N N 289 
THR N   H2   sing N N 290 
THR CA  C    sing N N 291 
THR CA  CB   sing N N 292 
THR CA  HA   sing N N 293 
THR C   O    doub N N 294 
THR C   OXT  sing N N 295 
THR CB  OG1  sing N N 296 
THR CB  CG2  sing N N 297 
THR CB  HB   sing N N 298 
THR OG1 HG1  sing N N 299 
THR CG2 HG21 sing N N 300 
THR CG2 HG22 sing N N 301 
THR CG2 HG23 sing N N 302 
THR OXT HXT  sing N N 303 
TRP N   CA   sing N N 304 
TRP N   H    sing N N 305 
TRP N   H2   sing N N 306 
TRP CA  C    sing N N 307 
TRP CA  CB   sing N N 308 
TRP CA  HA   sing N N 309 
TRP C   O    doub N N 310 
TRP C   OXT  sing N N 311 
TRP CB  CG   sing N N 312 
TRP CB  HB2  sing N N 313 
TRP CB  HB3  sing N N 314 
TRP CG  CD1  doub Y N 315 
TRP CG  CD2  sing Y N 316 
TRP CD1 NE1  sing Y N 317 
TRP CD1 HD1  sing N N 318 
TRP CD2 CE2  doub Y N 319 
TRP CD2 CE3  sing Y N 320 
TRP NE1 CE2  sing Y N 321 
TRP NE1 HE1  sing N N 322 
TRP CE2 CZ2  sing Y N 323 
TRP CE3 CZ3  doub Y N 324 
TRP CE3 HE3  sing N N 325 
TRP CZ2 CH2  doub Y N 326 
TRP CZ2 HZ2  sing N N 327 
TRP CZ3 CH2  sing Y N 328 
TRP CZ3 HZ3  sing N N 329 
TRP CH2 HH2  sing N N 330 
TRP OXT HXT  sing N N 331 
TYR N   CA   sing N N 332 
TYR N   H    sing N N 333 
TYR N   H2   sing N N 334 
TYR CA  C    sing N N 335 
TYR CA  CB   sing N N 336 
TYR CA  HA   sing N N 337 
TYR C   O    doub N N 338 
TYR C   OXT  sing N N 339 
TYR CB  CG   sing N N 340 
TYR CB  HB2  sing N N 341 
TYR CB  HB3  sing N N 342 
TYR CG  CD1  doub Y N 343 
TYR CG  CD2  sing Y N 344 
TYR CD1 CE1  sing Y N 345 
TYR CD1 HD1  sing N N 346 
TYR CD2 CE2  doub Y N 347 
TYR CD2 HD2  sing N N 348 
TYR CE1 CZ   doub Y N 349 
TYR CE1 HE1  sing N N 350 
TYR CE2 CZ   sing Y N 351 
TYR CE2 HE2  sing N N 352 
TYR CZ  OH   sing N N 353 
TYR OH  HH   sing N N 354 
TYR OXT HXT  sing N N 355 
VAL N   CA   sing N N 356 
VAL N   H    sing N N 357 
VAL N   H2   sing N N 358 
VAL CA  C    sing N N 359 
VAL CA  CB   sing N N 360 
VAL CA  HA   sing N N 361 
VAL C   O    doub N N 362 
VAL C   OXT  sing N N 363 
VAL CB  CG1  sing N N 364 
VAL CB  CG2  sing N N 365 
VAL CB  HB   sing N N 366 
VAL CG1 HG11 sing N N 367 
VAL CG1 HG12 sing N N 368 
VAL CG1 HG13 sing N N 369 
VAL CG2 HG21 sing N N 370 
VAL CG2 HG22 sing N N 371 
VAL CG2 HG23 sing N N 372 
VAL OXT HXT  sing N N 373 
# 
_em_admin.current_status     REL 
_em_admin.deposition_date    2024-01-02 
_em_admin.deposition_site    RCSB 
_em_admin.entry_id           8VHV 
_em_admin.last_update        2025-05-21 
_em_admin.map_release_date   2025-01-22 
_em_admin.title              'Transmembrane AMPA Receptor Regulatory Protein Subunit Gamma 2' 
# 
_em_ctf_correction.details                  ? 
_em_ctf_correction.em_image_processing_id   1 
_em_ctf_correction.id                       1 
_em_ctf_correction.type                     'PHASE FLIPPING AND AMPLITUDE CORRECTION' 
# 
_em_entity_assembly_molwt.entity_assembly_id   1 
_em_entity_assembly_molwt.experimental_flag    NO 
_em_entity_assembly_molwt.id                   1 
_em_entity_assembly_molwt.units                ? 
_em_entity_assembly_molwt.value                ? 
# 
_em_entity_assembly_naturalsource.cell                 ? 
_em_entity_assembly_naturalsource.cellular_location    ? 
_em_entity_assembly_naturalsource.entity_assembly_id   1 
_em_entity_assembly_naturalsource.id                   2 
_em_entity_assembly_naturalsource.ncbi_tax_id          9606 
_em_entity_assembly_naturalsource.organism             'Homo sapiens' 
_em_entity_assembly_naturalsource.organelle            ? 
_em_entity_assembly_naturalsource.organ                ? 
_em_entity_assembly_naturalsource.strain               'Expi293 Gnti-' 
_em_entity_assembly_naturalsource.tissue               ? 
_em_entity_assembly_naturalsource.details              ? 
# 
_em_entity_assembly_recombinant.cell                 'Expi293 Gnti-' 
_em_entity_assembly_recombinant.entity_assembly_id   1 
_em_entity_assembly_recombinant.id                   2 
_em_entity_assembly_recombinant.ncbi_tax_id          9606 
_em_entity_assembly_recombinant.organism             'Homo sapiens' 
_em_entity_assembly_recombinant.plasmid              'pEG Bacmam' 
_em_entity_assembly_recombinant.strain               ? 
# 
_em_image_processing.details              ? 
_em_image_processing.id                   1 
_em_image_processing.image_recording_id   1 
# 
_em_image_recording.average_exposure_time               ? 
_em_image_recording.avg_electron_dose_per_subtomogram   ? 
_em_image_recording.avg_electron_dose_per_image         40.0 
_em_image_recording.details                             ? 
_em_image_recording.detector_mode                       ? 
_em_image_recording.film_or_detector_model              'FEI FALCON IV (4k x 4k)' 
_em_image_recording.id                                  1 
_em_image_recording.imaging_id                          1 
_em_image_recording.num_diffraction_images              ? 
_em_image_recording.num_grids_imaged                    ? 
_em_image_recording.num_real_images                     ? 
# 
_em_imaging_optics.chr_aberration_corrector   ? 
_em_imaging_optics.energyfilter_lower         ? 
_em_imaging_optics.energyfilter_slit_width    10 
_em_imaging_optics.energyfilter_name          'TFS Selectris' 
_em_imaging_optics.energyfilter_upper         ? 
_em_imaging_optics.id                         1 
_em_imaging_optics.imaging_id                 1 
_em_imaging_optics.phase_plate                ? 
_em_imaging_optics.sph_aberration_corrector   ? 
_em_imaging_optics.details                    ? 
# 
loop_
_em_software.category 
_em_software.details 
_em_software.id 
_em_software.image_processing_id 
_em_software.fitting_id 
_em_software.imaging_id 
_em_software.name 
_em_software.version 
'PARTICLE SELECTION'            ? 1  1 ? ? ?         ? 
'IMAGE ACQUISITION'             ? 2  ? ? 1 EPU       ? 
MASKING                         ? 3  ? ? ? ?         ? 
'CTF CORRECTION'                ? 4  1 ? ? cryoSPARC ? 
'LAYERLINE INDEXING'            ? 5  ? ? ? ?         ? 
'DIFFRACTION INDEXING'          ? 6  ? ? ? ?         ? 
'MODEL FITTING'                 ? 7  ? ? ? ?         ? 
'MODEL REFINEMENT'              ? 8  ? ? ? PHENIX    ? 
OTHER                           ? 9  ? ? ? ?         ? 
'INITIAL EULER ASSIGNMENT'      ? 10 1 ? ? cryoSPARC ? 
'FINAL EULER ASSIGNMENT'        ? 11 1 ? ? cryoSPARC ? 
CLASSIFICATION                  ? 12 1 ? ? cryoSPARC ? 
RECONSTRUCTION                  ? 13 1 ? ? cryoSPARC ? 
'VOLUME SELECTION'              ? 14 1 1 1 ?         ? 
'SERIES ALIGNMENT'              ? 15 1 1 1 ?         ? 
'MOLECULAR REPLACEMENT'         ? 16 1 1 1 ?         ? 
'LATTICE DISTORTION CORRECTION' ? 17 1 1 1 ?         ? 
'SYMMETRY DETERMINATION'        ? 18 1 1 1 ?         ? 
'CRYSTALLOGRAPHY MERGING'       ? 19 1 1 1 ?         ? 
# 
_em_specimen.concentration           ? 
_em_specimen.details                 ? 
_em_specimen.embedding_applied       NO 
_em_specimen.experiment_id           1 
_em_specimen.id                      1 
_em_specimen.shadowing_applied       NO 
_em_specimen.staining_applied        NO 
_em_specimen.vitrification_applied   YES 
# 
loop_
_pdbx_audit_support.funding_organization 
_pdbx_audit_support.country 
_pdbx_audit_support.grant_number 
_pdbx_audit_support.ordinal 
'Other private'                                                                                     ?               
'Kinship Foundation 22098168'                          1 
'Other private'                                                                                     ?               
'Diana Helis Henry Medical Research Foundation 142548' 2 
'National Institutes of Health/National Institute of Mental Health (NIH/NIMH)'                      'United States' MH112152 3 
'National Institutes of Health/National Institute of Neurological Disorders and Stroke (NIH/NINDS)' 'United States' NS036715 4 
'National Institutes of Health/National Institute of Mental Health (NIH/NIMH)'                      'United States' MH132811 5 
# 
_atom_sites.entry_id                    8VHV 
_atom_sites.Cartn_transf_matrix[1][1]   ? 
_atom_sites.Cartn_transf_matrix[1][2]   ? 
_atom_sites.Cartn_transf_matrix[1][3]   ? 
_atom_sites.Cartn_transf_matrix[2][1]   ? 
_atom_sites.Cartn_transf_matrix[2][2]   ? 
_atom_sites.Cartn_transf_matrix[2][3]   ? 
_atom_sites.Cartn_transf_matrix[3][1]   ? 
_atom_sites.Cartn_transf_matrix[3][2]   ? 
_atom_sites.Cartn_transf_matrix[3][3]   ? 
_atom_sites.Cartn_transf_vector[1]      ? 
_atom_sites.Cartn_transf_vector[2]      ? 
_atom_sites.Cartn_transf_vector[3]      ? 
_atom_sites.Cartn_transform_axes        ? 
_atom_sites.fract_transf_matrix[1][1]   1.000000 
_atom_sites.fract_transf_matrix[1][2]   0.000000 
_atom_sites.fract_transf_matrix[1][3]   0.000000 
_atom_sites.fract_transf_matrix[2][1]   0.000000 
_atom_sites.fract_transf_matrix[2][2]   1.000000 
_atom_sites.fract_transf_matrix[2][3]   0.000000 
_atom_sites.fract_transf_matrix[3][1]   0.000000 
_atom_sites.fract_transf_matrix[3][2]   0.000000 
_atom_sites.fract_transf_matrix[3][3]   1.000000 
_atom_sites.fract_transf_vector[1]      0.00000 
_atom_sites.fract_transf_vector[2]      0.00000 
_atom_sites.fract_transf_vector[3]      0.00000 
_atom_sites.solution_primary            ? 
_atom_sites.solution_secondary          ? 
_atom_sites.solution_hydrogens          ? 
_atom_sites.special_details             ? 
# 
loop_
_atom_type.symbol 
C 
H 
N 
O 
S 
# 
loop_
_atom_site.group_PDB 
_atom_site.id 
_atom_site.type_symbol 
_atom_site.label_atom_id 
_atom_site.label_alt_id 
_atom_site.label_comp_id 
_atom_site.label_asym_id 
_atom_site.label_entity_id 
_atom_site.label_seq_id 
_atom_site.pdbx_PDB_ins_code 
_atom_site.Cartn_x 
_atom_site.Cartn_y 
_atom_site.Cartn_z 
_atom_site.occupancy 
_atom_site.B_iso_or_equiv 
_atom_site.pdbx_formal_charge 
_atom_site.auth_seq_id 
_atom_site.auth_comp_id 
_atom_site.auth_asym_id 
_atom_site.auth_atom_id 
_atom_site.pdbx_PDB_model_num 
ATOM 1    N N   . ARG A 1 6   ? 15.079  -23.826 8.803   1.00 16.08 ? 5   ARG A N   1 
ATOM 2    C CA  . ARG A 1 6   ? 14.790  -23.430 10.210  1.00 19.85 ? 5   ARG A CA  1 
ATOM 3    C C   . ARG A 1 6   ? 15.001  -21.932 10.417  1.00 22.54 ? 5   ARG A C   1 
ATOM 4    O O   . ARG A 1 6   ? 16.064  -21.390 10.101  1.00 17.80 ? 5   ARG A O   1 
ATOM 5    C CB  . ARG A 1 6   ? 15.677  -24.224 11.173  1.00 23.15 ? 5   ARG A CB  1 
ATOM 6    C CG  . ARG A 1 6   ? 15.260  -24.135 12.636  1.00 24.37 ? 5   ARG A CG  1 
ATOM 7    C CD  . ARG A 1 6   ? 13.962  -24.877 12.913  1.00 25.35 ? 5   ARG A CD  1 
ATOM 8    N NE  . ARG A 1 6   ? 13.622  -24.856 14.331  1.00 27.03 ? 5   ARG A NE  1 
ATOM 9    C CZ  . ARG A 1 6   ? 12.561  -25.450 14.860  1.00 27.64 ? 5   ARG A CZ  1 
ATOM 10   N NH1 . ARG A 1 6   ? 11.704  -26.127 14.113  1.00 28.36 ? 5   ARG A NH1 1 
ATOM 11   N NH2 . ARG A 1 6   ? 12.354  -25.361 16.170  1.00 29.30 ? 5   ARG A NH2 1 
ATOM 12   N N   . GLY A 1 7   ? 13.978  -21.265 10.946  1.00 21.09 ? 6   GLY A N   1 
ATOM 13   C CA  . GLY A 1 7   ? 14.046  -19.841 11.219  1.00 20.43 ? 6   GLY A CA  1 
ATOM 14   C C   . GLY A 1 7   ? 13.906  -18.961 9.993   1.00 16.86 ? 6   GLY A C   1 
ATOM 15   O O   . GLY A 1 7   ? 13.445  -17.820 10.092  1.00 15.01 ? 6   GLY A O   1 
ATOM 16   N N   . VAL A 1 8   ? 14.315  -19.471 8.830   1.00 15.38 ? 7   VAL A N   1 
ATOM 17   C CA  . VAL A 1 8   ? 14.267  -18.669 7.613   1.00 16.37 ? 7   VAL A CA  1 
ATOM 18   C C   . VAL A 1 8   ? 12.871  -18.110 7.366   1.00 15.55 ? 7   VAL A C   1 
ATOM 19   O O   . VAL A 1 8   ? 12.724  -17.017 6.810   1.00 17.02 ? 7   VAL A O   1 
ATOM 20   C CB  . VAL A 1 8   ? 14.765  -19.499 6.411   1.00 15.78 ? 7   VAL A CB  1 
ATOM 21   C CG1 . VAL A 1 8   ? 13.737  -20.562 6.007   1.00 15.40 ? 7   VAL A CG1 1 
ATOM 22   C CG2 . VAL A 1 8   ? 15.083  -18.584 5.235   1.00 14.64 ? 7   VAL A CG2 1 
ATOM 23   N N   . GLN A 1 9   ? 11.829  -18.841 7.763   1.00 14.29 ? 8   GLN A N   1 
ATOM 24   C CA  . GLN A 1 9   ? 10.466  -18.363 7.539   1.00 14.64 ? 8   GLN A CA  1 
ATOM 25   C C   . GLN A 1 9   ? 10.157  -17.106 8.343   1.00 13.41 ? 8   GLN A C   1 
ATOM 26   O O   . GLN A 1 9   ? 9.553   -16.162 7.820   1.00 12.65 ? 8   GLN A O   1 
ATOM 27   C CB  . GLN A 1 9   ? 9.460   -19.463 7.883   1.00 15.01 ? 8   GLN A CB  1 
ATOM 28   C CG  . GLN A 1 9   ? 9.678   -20.778 7.150   1.00 17.54 ? 8   GLN A CG  1 
ATOM 29   C CD  . GLN A 1 9   ? 10.617  -21.712 7.890   1.00 16.43 ? 8   GLN A CD  1 
ATOM 30   O OE1 . GLN A 1 9   ? 11.405  -21.280 8.735   1.00 13.97 ? 8   GLN A OE1 1 
ATOM 31   N NE2 . GLN A 1 9   ? 10.532  -23.001 7.585   1.00 15.93 ? 8   GLN A NE2 1 
ATOM 32   N N   . MET A 1 10  ? 10.604  -17.050 9.599   1.00 14.68 ? 9   MET A N   1 
ATOM 33   C CA  . MET A 1 10  ? 10.355  -15.868 10.419  1.00 13.94 ? 9   MET A CA  1 
ATOM 34   C C   . MET A 1 10  ? 11.171  -14.671 9.946   1.00 15.04 ? 9   MET A C   1 
ATOM 35   O O   . MET A 1 10  ? 10.666  -13.540 9.915   1.00 14.07 ? 9   MET A O   1 
ATOM 36   C CB  . MET A 1 10  ? 10.667  -16.184 11.881  1.00 14.77 ? 9   MET A CB  1 
ATOM 37   C CG  . MET A 1 10  ? 10.114  -15.176 12.876  1.00 14.71 ? 9   MET A CG  1 
ATOM 38   S SD  . MET A 1 10  ? 8.322   -14.984 12.786  1.00 17.36 ? 9   MET A SD  1 
ATOM 39   C CE  . MET A 1 10  ? 7.774   -16.637 13.208  1.00 13.16 ? 9   MET A CE  1 
ATOM 40   N N   . LEU A 1 11  ? 12.404  -14.912 9.501   1.00 14.04 ? 10  LEU A N   1 
ATOM 41   C CA  . LEU A 1 11  ? 13.196  -13.845 8.898   1.00 16.13 ? 10  LEU A CA  1 
ATOM 42   C C   . LEU A 1 11  ? 12.512  -13.307 7.653   1.00 15.71 ? 10  LEU A C   1 
ATOM 43   O O   . LEU A 1 11  ? 12.368  -12.092 7.485   1.00 15.83 ? 10  LEU A O   1 
ATOM 44   C CB  . LEU A 1 11  ? 14.598  -14.358 8.565   1.00 17.11 ? 10  LEU A CB  1 
ATOM 45   C CG  . LEU A 1 11  ? 15.559  -13.374 7.895   1.00 16.45 ? 10  LEU A CG  1 
ATOM 46   C CD1 . LEU A 1 11  ? 16.113  -12.391 8.913   1.00 20.33 ? 10  LEU A CD1 1 
ATOM 47   C CD2 . LEU A 1 11  ? 16.686  -14.120 7.195   1.00 18.82 ? 10  LEU A CD2 1 
ATOM 48   N N   . LEU A 1 12  ? 12.110  -14.201 6.753   1.00 14.02 ? 11  LEU A N   1 
ATOM 49   C CA  . LEU A 1 12  ? 11.544  -13.767 5.483   1.00 14.40 ? 11  LEU A CA  1 
ATOM 50   C C   . LEU A 1 12  ? 10.207  -13.067 5.674   1.00 13.81 ? 11  LEU A C   1 
ATOM 51   O O   . LEU A 1 12  ? 9.935   -12.077 4.993   1.00 14.25 ? 11  LEU A O   1 
ATOM 52   C CB  . LEU A 1 12  ? 11.388  -14.958 4.541   1.00 16.01 ? 11  LEU A CB  1 
ATOM 53   C CG  . LEU A 1 12  ? 12.541  -15.188 3.564   1.00 16.79 ? 11  LEU A CG  1 
ATOM 54   C CD1 . LEU A 1 12  ? 12.496  -14.161 2.444   1.00 16.23 ? 11  LEU A CD1 1 
ATOM 55   C CD2 . LEU A 1 12  ? 13.884  -15.146 4.280   1.00 15.77 ? 11  LEU A CD2 1 
ATOM 56   N N   . THR A 1 13  ? 9.410   -13.488 6.656   1.00 12.78 ? 12  THR A N   1 
ATOM 57   C CA  . THR A 1 13  ? 8.171   -12.775 6.952   1.00 12.72 ? 12  THR A CA  1 
ATOM 58   C C   . THR A 1 13  ? 8.435   -11.395 7.545   1.00 11.15 ? 12  THR A C   1 
ATOM 59   O O   . THR A 1 13  ? 7.838   -10.406 7.109   1.00 10.67 ? 12  THR A O   1 
ATOM 60   C CB  . THR A 1 13  ? 7.300   -13.602 7.896   1.00 11.82 ? 12  THR A CB  1 
ATOM 61   O OG1 . THR A 1 13  ? 8.076   -14.025 9.024   1.00 14.25 ? 12  THR A OG1 1 
ATOM 62   C CG2 . THR A 1 13  ? 6.740   -14.821 7.177   1.00 12.07 ? 12  THR A CG2 1 
ATOM 63   N N   . THR A 1 14  ? 9.289   -11.302 8.564   1.00 11.45 ? 13  THR A N   1 
ATOM 64   C CA  . THR A 1 14  ? 9.557   -9.998  9.164   1.00 12.29 ? 13  THR A CA  1 
ATOM 65   C C   . THR A 1 14  ? 10.161  -9.014  8.164   1.00 12.26 ? 13  THR A C   1 
ATOM 66   O O   . THR A 1 14  ? 9.716   -7.857  8.068   1.00 12.22 ? 13  THR A O   1 
ATOM 67   C CB  . THR A 1 14  ? 10.488  -10.164 10.362  1.00 13.60 ? 13  THR A CB  1 
ATOM 68   O OG1 . THR A 1 14  ? 11.639  -10.926 9.971   1.00 13.14 ? 13  THR A OG1 1 
ATOM 69   C CG2 . THR A 1 14  ? 9.774   -10.874 11.505  1.00 14.24 ? 13  THR A CG2 1 
ATOM 70   N N   . VAL A 1 15  ? 11.119  -9.473  7.353   1.00 10.73 ? 14  VAL A N   1 
ATOM 71   C CA  . VAL A 1 15  ? 11.673  -8.627  6.300   1.00 12.28 ? 14  VAL A CA  1 
ATOM 72   C C   . VAL A 1 15  ? 10.622  -8.261  5.262   1.00 10.60 ? 14  VAL A C   1 
ATOM 73   O O   . VAL A 1 15  ? 10.559  -7.108  4.821   1.00 10.90 ? 14  VAL A O   1 
ATOM 74   C CB  . VAL A 1 15  ? 12.885  -9.318  5.649   1.00 10.98 ? 14  VAL A CB  1 
ATOM 75   C CG1 . VAL A 1 15  ? 13.407  -8.493  4.483   1.00 11.25 ? 14  VAL A CG1 1 
ATOM 76   C CG2 . VAL A 1 15  ? 13.979  -9.538  6.674   1.00 13.00 ? 14  VAL A CG2 1 
ATOM 77   N N   . GLY A 1 16  ? 9.810   -9.218  4.818   1.00 11.05 ? 15  GLY A N   1 
ATOM 78   C CA  . GLY A 1 16  ? 8.816   -8.894  3.810   1.00 11.15 ? 15  GLY A CA  1 
ATOM 79   C C   . GLY A 1 16  ? 7.794   -7.893  4.309   1.00 12.60 ? 15  GLY A C   1 
ATOM 80   O O   . GLY A 1 16  ? 7.358   -7.014  3.566   1.00 13.42 ? 15  GLY A O   1 
ATOM 81   N N   . ALA A 1 17  ? 7.390   -8.025  5.572   1.00 10.01 ? 16  ALA A N   1 
ATOM 82   C CA  . ALA A 1 17  ? 6.454   -7.077  6.161   1.00 11.05 ? 16  ALA A CA  1 
ATOM 83   C C   . ALA A 1 17  ? 7.053   -5.681  6.258   1.00 11.81 ? 16  ALA A C   1 
ATOM 84   O O   . ALA A 1 17  ? 6.387   -4.691  5.927   1.00 12.87 ? 16  ALA A O   1 
ATOM 85   C CB  . ALA A 1 17  ? 6.020   -7.565  7.543   1.00 10.97 ? 16  ALA A CB  1 
ATOM 86   N N   . PHE A 1 18  ? 8.314   -5.577  6.687   1.00 9.31  ? 17  PHE A N   1 
ATOM 87   C CA  . PHE A 1 18  ? 8.971   -4.272  6.690   1.00 10.61 ? 17  PHE A CA  1 
ATOM 88   C C   . PHE A 1 18  ? 9.085   -3.688  5.286   1.00 10.29 ? 17  PHE A C   1 
ATOM 89   O O   . PHE A 1 18  ? 8.830   -2.497  5.080   1.00 11.44 ? 17  PHE A O   1 
ATOM 90   C CB  . PHE A 1 18  ? 10.352  -4.387  7.334   1.00 11.05 ? 17  PHE A CB  1 
ATOM 91   C CG  . PHE A 1 18  ? 11.251  -3.211  7.070   1.00 10.02 ? 17  PHE A CG  1 
ATOM 92   C CD1 . PHE A 1 18  ? 11.127  -2.048  7.806   1.00 10.69 ? 17  PHE A CD1 1 
ATOM 93   C CD2 . PHE A 1 18  ? 12.229  -3.276  6.091   1.00 11.95 ? 17  PHE A CD2 1 
ATOM 94   C CE1 . PHE A 1 18  ? 11.954  -0.968  7.568   1.00 10.92 ? 17  PHE A CE1 1 
ATOM 95   C CE2 . PHE A 1 18  ? 13.061  -2.200  5.848   1.00 10.43 ? 17  PHE A CE2 1 
ATOM 96   C CZ  . PHE A 1 18  ? 12.924  -1.045  6.589   1.00 11.65 ? 17  PHE A CZ  1 
ATOM 97   N N   . ALA A 1 19  ? 9.438   -4.516  4.304   1.00 10.99 ? 18  ALA A N   1 
ATOM 98   C CA  . ALA A 1 19  ? 9.526   -4.055  2.922   1.00 11.85 ? 18  ALA A CA  1 
ATOM 99   C C   . ALA A 1 19  ? 8.186   -3.537  2.413   1.00 9.74  ? 18  ALA A C   1 
ATOM 100  O O   . ALA A 1 19  ? 8.106   -2.440  1.850   1.00 10.55 ? 18  ALA A O   1 
ATOM 101  C CB  . ALA A 1 19  ? 10.037  -5.185  2.030   1.00 12.50 ? 18  ALA A CB  1 
ATOM 102  N N   . ALA A 1 20  ? 7.127   -4.329  2.576   1.00 10.55 ? 19  ALA A N   1 
ATOM 103  C CA  . ALA A 1 20  ? 5.795   -3.911  2.149   1.00 9.48  ? 19  ALA A CA  1 
ATOM 104  C C   . ALA A 1 20  ? 5.356   -2.624  2.834   1.00 9.30  ? 19  ALA A C   1 
ATOM 105  O O   . ALA A 1 20  ? 4.853   -1.703  2.179   1.00 9.19  ? 19  ALA A O   1 
ATOM 106  C CB  . ALA A 1 20  ? 4.789   -5.027  2.423   1.00 9.72  ? 19  ALA A CB  1 
ATOM 107  N N   . PHE A 1 21  ? 5.518   -2.544  4.155   1.00 9.07  ? 20  PHE A N   1 
ATOM 108  C CA  . PHE A 1 21  ? 5.132   -1.335  4.875   1.00 8.91  ? 20  PHE A CA  1 
ATOM 109  C C   . PHE A 1 21  ? 5.893   -0.115  4.370   1.00 10.05 ? 20  PHE A C   1 
ATOM 110  O O   . PHE A 1 21  ? 5.298   0.939   4.122   1.00 8.49  ? 20  PHE A O   1 
ATOM 111  C CB  . PHE A 1 21  ? 5.364   -1.532  6.372   1.00 9.94  ? 20  PHE A CB  1 
ATOM 112  C CG  . PHE A 1 21  ? 5.033   -0.326  7.200   1.00 10.40 ? 20  PHE A CG  1 
ATOM 113  C CD1 . PHE A 1 21  ? 3.719   -0.030  7.518   1.00 9.61  ? 20  PHE A CD1 1 
ATOM 114  C CD2 . PHE A 1 21  ? 6.032   0.511   7.660   1.00 8.37  ? 20  PHE A CD2 1 
ATOM 115  C CE1 . PHE A 1 21  ? 3.411   1.077   8.279   1.00 9.12  ? 20  PHE A CE1 1 
ATOM 116  C CE2 . PHE A 1 21  ? 5.729   1.619   8.421   1.00 7.85  ? 20  PHE A CE2 1 
ATOM 117  C CZ  . PHE A 1 21  ? 4.417   1.903   8.731   1.00 7.77  ? 20  PHE A CZ  1 
ATOM 118  N N   . SER A 1 22  ? 7.216   -0.228  4.236   1.00 9.36  ? 21  SER A N   1 
ATOM 119  C CA  . SER A 1 22  ? 8.014   0.897   3.757   1.00 8.89  ? 21  SER A CA  1 
ATOM 120  C C   . SER A 1 22  ? 7.633   1.309   2.340   1.00 7.44  ? 21  SER A C   1 
ATOM 121  O O   . SER A 1 22  ? 7.467   2.503   2.054   1.00 6.91  ? 21  SER A O   1 
ATOM 122  C CB  . SER A 1 22  ? 9.497   0.538   3.821   1.00 10.56 ? 21  SER A CB  1 
ATOM 123  O OG  . SER A 1 22  ? 9.876   0.181   5.138   1.00 9.71  ? 21  SER A OG  1 
ATOM 124  N N   . LEU A 1 23  ? 7.431   0.335   1.454   1.00 9.19  ? 22  LEU A N   1 
ATOM 125  C CA  . LEU A 1 23  ? 6.991   0.646   0.099   1.00 10.10 ? 22  LEU A CA  1 
ATOM 126  C C   . LEU A 1 23  ? 5.649   1.361   0.091   1.00 9.47  ? 22  LEU A C   1 
ATOM 127  O O   . LEU A 1 23  ? 5.477   2.357   -0.618  1.00 9.92  ? 22  LEU A O   1 
ATOM 128  C CB  . LEU A 1 23  ? 6.922   -0.635  -0.732  1.00 10.00 ? 22  LEU A CB  1 
ATOM 129  C CG  . LEU A 1 23  ? 8.267   -1.215  -1.171  1.00 10.40 ? 22  LEU A CG  1 
ATOM 130  C CD1 . LEU A 1 23  ? 8.097   -2.641  -1.670  1.00 9.51  ? 22  LEU A CD1 1 
ATOM 131  C CD2 . LEU A 1 23  ? 8.901   -0.347  -2.243  1.00 10.30 ? 22  LEU A CD2 1 
ATOM 132  N N   . MET A 1 24  ? 4.687   0.885   0.875   1.00 7.07  ? 23  MET A N   1 
ATOM 133  C CA  . MET A 1 24  ? 3.359   1.483   0.805   1.00 7.00  ? 23  MET A CA  1 
ATOM 134  C C   . MET A 1 24  ? 3.332   2.861   1.454   1.00 7.69  ? 23  MET A C   1 
ATOM 135  O O   . MET A 1 24  ? 2.670   3.772   0.948   1.00 6.88  ? 23  MET A O   1 
ATOM 136  C CB  . MET A 1 24  ? 2.330   0.565   1.458   1.00 7.17  ? 23  MET A CB  1 
ATOM 137  C CG  . MET A 1 24  ? 0.916   0.799   0.964   1.00 6.84  ? 23  MET A CG  1 
ATOM 138  S SD  . MET A 1 24  ? 0.699   0.362   -0.770  1.00 6.29  ? 23  MET A SD  1 
ATOM 139  C CE  . MET A 1 24  ? -0.926  1.037   -1.089  1.00 6.36  ? 23  MET A CE  1 
ATOM 140  N N   . THR A 1 25  ? 4.024   3.032   2.582   1.00 7.08  ? 24  THR A N   1 
ATOM 141  C CA  . THR A 1 25  ? 4.101   4.348   3.208   1.00 6.43  ? 24  THR A CA  1 
ATOM 142  C C   . THR A 1 25  ? 4.798   5.368   2.312   1.00 7.94  ? 24  THR A C   1 
ATOM 143  O O   . THR A 1 25  ? 4.381   6.531   2.251   1.00 6.74  ? 24  THR A O   1 
ATOM 144  C CB  . THR A 1 25  ? 4.800   4.255   4.567   1.00 6.87  ? 24  THR A CB  1 
ATOM 145  O OG1 . THR A 1 25  ? 4.711   5.516   5.240   1.00 6.29  ? 24  THR A OG1 1 
ATOM 146  C CG2 . THR A 1 25  ? 6.253   3.877   4.413   1.00 6.77  ? 24  THR A CG2 1 
ATOM 147  N N   . ILE A 1 26  ? 5.857   4.961   1.607   1.00 7.86  ? 25  ILE A N   1 
ATOM 148  C CA  . ILE A 1 26  ? 6.458   5.841   0.605   1.00 7.50  ? 25  ILE A CA  1 
ATOM 149  C C   . ILE A 1 26  ? 5.479   6.142   -0.527  1.00 6.74  ? 25  ILE A C   1 
ATOM 150  O O   . ILE A 1 26  ? 5.295   7.301   -0.915  1.00 7.65  ? 25  ILE A O   1 
ATOM 151  C CB  . ILE A 1 26  ? 7.762   5.222   0.066   1.00 6.75  ? 25  ILE A CB  1 
ATOM 152  C CG1 . ILE A 1 26  ? 8.836   5.174   1.159   1.00 6.77  ? 25  ILE A CG1 1 
ATOM 153  C CG2 . ILE A 1 26  ? 8.271   6.001   -1.140  1.00 6.64  ? 25  ILE A CG2 1 
ATOM 154  C CD1 . ILE A 1 26  ? 9.290   6.531   1.672   1.00 7.37  ? 25  ILE A CD1 1 
ATOM 155  N N   . ALA A 1 27  ? 4.833   5.110   -1.070  1.00 6.51  ? 26  ALA A N   1 
ATOM 156  C CA  . ALA A 1 27  ? 3.914   5.306   -2.188  1.00 6.93  ? 26  ALA A CA  1 
ATOM 157  C C   . ALA A 1 27  ? 2.784   6.269   -1.837  1.00 7.84  ? 26  ALA A C   1 
ATOM 158  O O   . ALA A 1 27  ? 2.481   7.191   -2.604  1.00 8.00  ? 26  ALA A O   1 
ATOM 159  C CB  . ALA A 1 27  ? 3.348   3.959   -2.634  1.00 8.07  ? 26  ALA A CB  1 
ATOM 160  N N   . VAL A 1 28  ? 2.150   6.073   -0.681  1.00 7.29  ? 27  VAL A N   1 
ATOM 161  C CA  . VAL A 1 28  ? 1.066   6.955   -0.264  1.00 7.37  ? 27  VAL A CA  1 
ATOM 162  C C   . VAL A 1 28  ? 1.560   8.353   0.074   1.00 6.17  ? 27  VAL A C   1 
ATOM 163  O O   . VAL A 1 28  ? 0.774   9.307   0.034   1.00 6.09  ? 27  VAL A O   1 
ATOM 164  C CB  . VAL A 1 28  ? 0.323   6.330   0.933   1.00 6.76  ? 27  VAL A CB  1 
ATOM 165  C CG1 . VAL A 1 28  ? -0.707  7.294   1.509   1.00 5.96  ? 27  VAL A CG1 1 
ATOM 166  C CG2 . VAL A 1 28  ? -0.339  5.025   0.521   1.00 6.63  ? 27  VAL A CG2 1 
ATOM 167  N N   . GLY A 1 29  ? 2.841   8.510   0.399   1.00 7.03  ? 28  GLY A N   1 
ATOM 168  C CA  . GLY A 1 29  ? 3.364   9.771   0.880   1.00 6.48  ? 28  GLY A CA  1 
ATOM 169  C C   . GLY A 1 29  ? 4.150   10.586  -0.119  1.00 5.95  ? 28  GLY A C   1 
ATOM 170  O O   . GLY A 1 29  ? 4.880   11.498  0.292   1.00 6.11  ? 28  GLY A O   1 
ATOM 171  N N   . THR A 1 30  ? 4.035   10.307  -1.414  1.00 6.91  ? 29  THR A N   1 
ATOM 172  C CA  . THR A 1 30  ? 4.880   10.925  -2.423  1.00 5.89  ? 29  THR A CA  1 
ATOM 173  C C   . THR A 1 30  ? 4.028   11.451  -3.569  1.00 6.26  ? 29  THR A C   1 
ATOM 174  O O   . THR A 1 30  ? 2.857   11.095  -3.721  1.00 7.26  ? 29  THR A O   1 
ATOM 175  C CB  . THR A 1 30  ? 5.923   9.939   -2.953  1.00 6.12  ? 29  THR A CB  1 
ATOM 176  O OG1 . THR A 1 30  ? 5.279   8.715   -3.329  1.00 6.20  ? 29  THR A OG1 1 
ATOM 177  C CG2 . THR A 1 30  ? 6.980   9.663   -1.901  1.00 6.28  ? 29  THR A CG2 1 
ATOM 178  N N   . ASP A 1 31  ? 4.638   12.324  -4.368  1.00 6.33  ? 30  ASP A N   1 
ATOM 179  C CA  . ASP A 1 31  ? 3.932   13.155  -5.331  1.00 6.84  ? 30  ASP A CA  1 
ATOM 180  C C   . ASP A 1 31  ? 4.013   12.624  -6.757  1.00 7.21  ? 30  ASP A C   1 
ATOM 181  O O   . ASP A 1 31  ? 3.650   13.343  -7.692  1.00 7.62  ? 30  ASP A O   1 
ATOM 182  C CB  . ASP A 1 31  ? 4.488   14.578  -5.284  1.00 7.57  ? 30  ASP A CB  1 
ATOM 183  C CG  . ASP A 1 31  ? 4.502   15.148  -3.884  1.00 9.69  ? 30  ASP A CG  1 
ATOM 184  O OD1 . ASP A 1 31  ? 4.059   14.447  -2.950  1.00 6.84  ? 30  ASP A OD1 1 
ATOM 185  O OD2 . ASP A 1 31  ? 4.961   16.299  -3.715  1.00 11.04 ? 30  ASP A OD2 1 
ATOM 186  N N   . TYR A 1 32  ? 4.475   11.390  -6.947  1.00 7.24  ? 31  TYR A N   1 
ATOM 187  C CA  . TYR A 1 32  ? 4.825   10.902  -8.276  1.00 5.61  ? 31  TYR A CA  1 
ATOM 188  C C   . TYR A 1 32  ? 3.981   9.712   -8.713  1.00 5.69  ? 31  TYR A C   1 
ATOM 189  O O   . TYR A 1 32  ? 4.526   8.692   -9.144  1.00 6.32  ? 31  TYR A O   1 
ATOM 190  C CB  . TYR A 1 32  ? 6.306   10.528  -8.327  1.00 6.52  ? 31  TYR A CB  1 
ATOM 191  C CG  . TYR A 1 32  ? 7.240   11.664  -7.991  1.00 5.81  ? 31  TYR A CG  1 
ATOM 192  C CD1 . TYR A 1 32  ? 7.690   12.529  -8.975  1.00 5.98  ? 31  TYR A CD1 1 
ATOM 193  C CD2 . TYR A 1 32  ? 7.666   11.877  -6.691  1.00 6.04  ? 31  TYR A CD2 1 
ATOM 194  C CE1 . TYR A 1 32  ? 8.541   13.568  -8.677  1.00 6.65  ? 31  TYR A CE1 1 
ATOM 195  C CE2 . TYR A 1 32  ? 8.523   12.912  -6.382  1.00 8.05  ? 31  TYR A CE2 1 
ATOM 196  C CZ  . TYR A 1 32  ? 8.957   13.755  -7.378  1.00 8.36  ? 31  TYR A CZ  1 
ATOM 197  O OH  . TYR A 1 32  ? 9.811   14.789  -7.075  1.00 10.50 ? 31  TYR A OH  1 
ATOM 198  N N   . TRP A 1 33  ? 2.657   9.817   -8.603  1.00 5.84  ? 32  TRP A N   1 
ATOM 199  C CA  . TRP A 1 33  ? 1.796   8.744   -9.090  1.00 5.72  ? 32  TRP A CA  1 
ATOM 200  C C   . TRP A 1 33  ? 1.562   8.847   -10.594 1.00 5.63  ? 32  TRP A C   1 
ATOM 201  O O   . TRP A 1 33  ? 1.772   7.876   -11.329 1.00 5.50  ? 32  TRP A O   1 
ATOM 202  C CB  . TRP A 1 33  ? 0.456   8.769   -8.357  1.00 5.05  ? 32  TRP A CB  1 
ATOM 203  C CG  . TRP A 1 33  ? 0.444   8.023   -7.066  1.00 4.94  ? 32  TRP A CG  1 
ATOM 204  C CD1 . TRP A 1 33  ? 1.147   8.320   -5.942  1.00 5.90  ? 32  TRP A CD1 1 
ATOM 205  C CD2 . TRP A 1 33  ? -0.324  6.855   -6.763  1.00 6.01  ? 32  TRP A CD2 1 
ATOM 206  N NE1 . TRP A 1 33  ? 0.869   7.408   -4.954  1.00 5.37  ? 32  TRP A NE1 1 
ATOM 207  C CE2 . TRP A 1 33  ? -0.031  6.496   -5.437  1.00 5.41  ? 32  TRP A CE2 1 
ATOM 208  C CE3 . TRP A 1 33  ? -1.229  6.077   -7.488  1.00 5.13  ? 32  TRP A CE3 1 
ATOM 209  C CZ2 . TRP A 1 33  ? -0.609  5.394   -4.817  1.00 4.76  ? 32  TRP A CZ2 1 
ATOM 210  C CZ3 . TRP A 1 33  ? -1.802  4.983   -6.872  1.00 4.70  ? 32  TRP A CZ3 1 
ATOM 211  C CH2 . TRP A 1 33  ? -1.489  4.651   -5.550  1.00 4.42  ? 32  TRP A CH2 1 
ATOM 212  N N   . LEU A 1 34  ? 1.130   10.011  -11.067 1.00 4.18  ? 33  LEU A N   1 
ATOM 213  C CA  . LEU A 1 34  ? 0.657   10.189  -12.436 1.00 4.23  ? 33  LEU A CA  1 
ATOM 214  C C   . LEU A 1 34  ? 1.406   11.349  -13.071 1.00 4.19  ? 33  LEU A C   1 
ATOM 215  O O   . LEU A 1 34  ? 1.362   12.472  -12.558 1.00 4.25  ? 33  LEU A O   1 
ATOM 216  C CB  . LEU A 1 34  ? -0.855  10.439  -12.452 1.00 4.50  ? 33  LEU A CB  1 
ATOM 217  C CG  . LEU A 1 34  ? -1.510  10.821  -13.778 1.00 3.83  ? 33  LEU A CG  1 
ATOM 218  C CD1 . LEU A 1 34  ? -1.436  9.679   -14.763 1.00 5.43  ? 33  LEU A CD1 1 
ATOM 219  C CD2 . LEU A 1 34  ? -2.952  11.232  -13.552 1.00 4.41  ? 33  LEU A CD2 1 
ATOM 220  N N   . TYR A 1 35  ? 2.098   11.081  -14.174 1.00 4.03  ? 34  TYR A N   1 
ATOM 221  C CA  . TYR A 1 35  ? 2.550   12.147  -15.058 1.00 3.49  ? 34  TYR A CA  1 
ATOM 222  C C   . TYR A 1 35  ? 1.412   12.563  -15.984 1.00 3.33  ? 34  TYR A C   1 
ATOM 223  O O   . TYR A 1 35  ? 0.776   11.715  -16.615 1.00 5.51  ? 34  TYR A O   1 
ATOM 224  C CB  . TYR A 1 35  ? 3.750   11.678  -15.881 1.00 4.70  ? 34  TYR A CB  1 
ATOM 225  C CG  . TYR A 1 35  ? 5.098   11.781  -15.194 1.00 4.19  ? 34  TYR A CG  1 
ATOM 226  C CD1 . TYR A 1 35  ? 5.882   12.916  -15.334 1.00 4.29  ? 34  TYR A CD1 1 
ATOM 227  C CD2 . TYR A 1 35  ? 5.595   10.734  -14.432 1.00 3.65  ? 34  TYR A CD2 1 
ATOM 228  C CE1 . TYR A 1 35  ? 7.113   13.010  -14.714 1.00 4.92  ? 34  TYR A CE1 1 
ATOM 229  C CE2 . TYR A 1 35  ? 6.822   10.814  -13.819 1.00 2.46  ? 34  TYR A CE2 1 
ATOM 230  C CZ  . TYR A 1 35  ? 7.579   11.950  -13.963 1.00 4.68  ? 34  TYR A CZ  1 
ATOM 231  O OH  . TYR A 1 35  ? 8.810   12.034  -13.353 1.00 5.04  ? 34  TYR A OH  1 
ATOM 232  N N   . SER A 1 36  ? 1.157   13.868  -16.067 1.00 2.81  ? 35  SER A N   1 
ATOM 233  C CA  . SER A 1 36  ? 0.087   14.395  -16.908 1.00 3.34  ? 35  SER A CA  1 
ATOM 234  C C   . SER A 1 36  ? 0.364   15.864  -17.188 1.00 2.81  ? 35  SER A C   1 
ATOM 235  O O   . SER A 1 36  ? 1.212   16.488  -16.550 1.00 3.70  ? 35  SER A O   1 
ATOM 236  C CB  . SER A 1 36  ? -1.286  14.224  -16.248 1.00 3.61  ? 35  SER A CB  1 
ATOM 237  O OG  . SER A 1 36  ? -1.709  12.870  -16.260 1.00 5.03  ? 35  SER A OG  1 
ATOM 238  N N   . ARG A 1 37  ? -0.357  16.409  -18.164 1.00 2.68  ? 36  ARG A N   1 
ATOM 239  C CA  . ARG A 1 37  ? -0.381  17.849  -18.367 1.00 2.42  ? 36  ARG A CA  1 
ATOM 240  C C   . ARG A 1 37  ? -1.367  18.513  -17.412 1.00 3.05  ? 36  ARG A C   1 
ATOM 241  O O   . ARG A 1 37  ? -2.379  17.924  -17.017 1.00 5.52  ? 36  ARG A O   1 
ATOM 242  C CB  . ARG A 1 37  ? -0.739  18.183  -19.813 1.00 2.53  ? 36  ARG A CB  1 
ATOM 243  C CG  . ARG A 1 37  ? 0.419   18.011  -20.776 1.00 2.40  ? 36  ARG A CG  1 
ATOM 244  C CD  . ARG A 1 37  ? 0.079   18.474  -22.174 1.00 1.65  ? 36  ARG A CD  1 
ATOM 245  N NE  . ARG A 1 37  ? 1.270   18.578  -23.011 1.00 1.39  ? 36  ARG A NE  1 
ATOM 246  C CZ  . ARG A 1 37  ? 1.619   19.649  -23.711 1.00 1.42  ? 36  ARG A CZ  1 
ATOM 247  N NH1 . ARG A 1 37  ? 0.816   20.694  -23.834 1.00 1.76  ? 36  ARG A NH1 1 
ATOM 248  N NH2 . ARG A 1 37  ? 2.796   19.662  -24.329 1.00 1.12  ? 36  ARG A NH2 1 
ATOM 249  N N   . GLY A 1 38  ? -1.066  19.751  -17.043 1.00 3.19  ? 37  GLY A N   1 
ATOM 250  C CA  . GLY A 1 38  ? -1.915  20.473  -16.116 1.00 3.50  ? 37  GLY A CA  1 
ATOM 251  C C   . GLY A 1 38  ? -1.351  21.847  -15.834 1.00 3.02  ? 37  GLY A C   1 
ATOM 252  O O   . GLY A 1 38  ? -0.391  22.287  -16.471 1.00 3.31  ? 37  GLY A O   1 
ATOM 253  N N   . VAL A 1 39  ? -1.962  22.524  -14.863 1.00 2.62  ? 38  VAL A N   1 
ATOM 254  C CA  . VAL A 1 39  ? -1.461  23.795  -14.356 1.00 3.31  ? 38  VAL A CA  1 
ATOM 255  C C   . VAL A 1 39  ? -1.475  23.744  -12.836 1.00 3.31  ? 38  VAL A C   1 
ATOM 256  O O   . VAL A 1 39  ? -2.388  23.171  -12.233 1.00 2.91  ? 38  VAL A O   1 
ATOM 257  C CB  . VAL A 1 39  ? -2.286  24.991  -14.875 1.00 3.33  ? 38  VAL A CB  1 
ATOM 258  C CG1 . VAL A 1 39  ? -1.798  26.297  -14.245 1.00 2.58  ? 38  VAL A CG1 1 
ATOM 259  C CG2 . VAL A 1 39  ? -2.210  25.064  -16.389 1.00 3.02  ? 38  VAL A CG2 1 
ATOM 260  N N   . CYS A 1 40  ? -0.445  24.328  -12.222 1.00 3.82  ? 39  CYS A N   1 
ATOM 261  C CA  . CYS A 1 40  ? -0.265  24.281  -10.779 1.00 3.75  ? 39  CYS A CA  1 
ATOM 262  C C   . CYS A 1 40  ? -0.769  25.523  -10.058 1.00 4.58  ? 39  CYS A C   1 
ATOM 263  O O   . CYS A 1 40  ? -1.123  25.433  -8.879  1.00 5.34  ? 39  CYS A O   1 
ATOM 264  C CB  . CYS A 1 40  ? 1.217   24.090  -10.442 1.00 4.34  ? 39  CYS A CB  1 
ATOM 265  S SG  . CYS A 1 40  ? 1.946   22.602  -11.151 1.00 7.21  ? 39  CYS A SG  1 
ATOM 266  N N   . LYS A 1 41  ? -0.809  26.666  -10.732 1.00 4.51  ? 40  LYS A N   1 
ATOM 267  C CA  . LYS A 1 41  ? -1.143  27.931  -10.096 1.00 2.59  ? 40  LYS A CA  1 
ATOM 268  C C   . LYS A 1 41  ? -2.648  28.119  -10.050 1.00 3.80  ? 40  LYS A C   1 
ATOM 269  O O   . LYS A 1 41  ? -3.350  27.374  -9.369  1.00 3.45  ? 40  LYS A O   1 
ATOM 270  C CB  . LYS A 1 41  ? -0.481  29.089  -10.849 1.00 2.94  ? 40  LYS A CB  1 
ATOM 271  C CG  . LYS A 1 41  ? -0.618  30.458  -10.193 1.00 2.63  ? 40  LYS A CG  1 
ATOM 272  C CD  . LYS A 1 41  ? -0.105  30.470  -8.765  1.00 2.35  ? 40  LYS A CD  1 
ATOM 273  C CE  . LYS A 1 41  ? 0.195   31.883  -8.292  1.00 2.42  ? 40  LYS A CE  1 
ATOM 274  N NZ  . LYS A 1 41  ? -1.013  32.744  -8.247  1.00 2.40  ? 40  LYS A NZ  1 
ATOM 275  N N   . GLU A 1 56  ? 0.118   25.618  -19.761 1.00 2.63  ? 55  GLU A N   1 
ATOM 276  C CA  . GLU A 1 56  ? 0.105   24.176  -19.593 1.00 2.44  ? 55  GLU A CA  1 
ATOM 277  C C   . GLU A 1 56  ? 1.514   23.602  -19.708 1.00 3.38  ? 55  GLU A C   1 
ATOM 278  O O   . GLU A 1 56  ? 2.259   23.907  -20.641 1.00 4.07  ? 55  GLU A O   1 
ATOM 279  C CB  . GLU A 1 56  ? -0.814  23.518  -20.623 1.00 3.38  ? 55  GLU A CB  1 
ATOM 280  C CG  . GLU A 1 56  ? -2.271  23.949  -20.527 1.00 4.51  ? 55  GLU A CG  1 
ATOM 281  C CD  . GLU A 1 56  ? -2.957  23.404  -19.288 1.00 5.56  ? 55  GLU A CD  1 
ATOM 282  O OE1 . GLU A 1 56  ? -2.395  22.492  -18.645 1.00 2.97  ? 55  GLU A OE1 1 
ATOM 283  O OE2 . GLU A 1 56  ? -4.061  23.887  -18.958 1.00 12.06 ? 55  GLU A OE2 1 
ATOM 284  N N   . VAL A 1 57  ? 1.864   22.756  -18.741 1.00 2.09  ? 56  VAL A N   1 
ATOM 285  C CA  . VAL A 1 57  ? 3.185   22.158  -18.646 1.00 1.96  ? 56  VAL A CA  1 
ATOM 286  C C   . VAL A 1 57  ? 2.992   20.714  -18.223 1.00 2.35  ? 56  VAL A C   1 
ATOM 287  O O   . VAL A 1 57  ? 1.956   20.342  -17.673 1.00 3.05  ? 56  VAL A O   1 
ATOM 288  C CB  . VAL A 1 57  ? 4.088   22.924  -17.648 1.00 3.71  ? 56  VAL A CB  1 
ATOM 289  C CG1 . VAL A 1 57  ? 3.509   22.875  -16.230 1.00 3.07  ? 56  VAL A CG1 1 
ATOM 290  C CG2 . VAL A 1 57  ? 5.496   22.374  -17.660 1.00 2.62  ? 56  VAL A CG2 1 
ATOM 291  N N   . MET A 1 58  ? 3.997   19.886  -18.494 1.00 2.78  ? 57  MET A N   1 
ATOM 292  C CA  . MET A 1 58  ? 4.010   18.538  -17.947 1.00 3.07  ? 57  MET A CA  1 
ATOM 293  C C   . MET A 1 58  ? 4.083   18.579  -16.427 1.00 2.40  ? 57  MET A C   1 
ATOM 294  O O   . MET A 1 58  ? 4.934   19.261  -15.852 1.00 3.05  ? 57  MET A O   1 
ATOM 295  C CB  . MET A 1 58  ? 5.194   17.758  -18.522 1.00 3.07  ? 57  MET A CB  1 
ATOM 296  C CG  . MET A 1 58  ? 5.045   16.251  -18.426 1.00 3.70  ? 57  MET A CG  1 
ATOM 297  S SD  . MET A 1 58  ? 3.677   15.621  -19.411 1.00 6.03  ? 57  MET A SD  1 
ATOM 298  C CE  . MET A 1 58  ? 3.423   14.021  -18.653 1.00 4.14  ? 57  MET A CE  1 
ATOM 299  N N   . THR A 1 59  ? 3.175   17.854  -15.780 1.00 3.23  ? 58  THR A N   1 
ATOM 300  C CA  . THR A 1 59  ? 2.909   17.986  -14.354 1.00 3.47  ? 58  THR A CA  1 
ATOM 301  C C   . THR A 1 59  ? 2.784   16.591  -13.762 1.00 3.48  ? 58  THR A C   1 
ATOM 302  O O   . THR A 1 59  ? 2.157   15.721  -14.371 1.00 4.44  ? 58  THR A O   1 
ATOM 303  C CB  . THR A 1 59  ? 1.630   18.792  -14.098 1.00 4.18  ? 58  THR A CB  1 
ATOM 304  O OG1 . THR A 1 59  ? 1.688   20.028  -14.820 1.00 4.26  ? 58  THR A OG1 1 
ATOM 305  C CG2 . THR A 1 59  ? 1.481   19.099  -12.620 1.00 5.33  ? 58  THR A CG2 1 
ATOM 306  N N   . HIS A 1 60  ? 3.359   16.362  -12.585 1.00 3.69  ? 59  HIS A N   1 
ATOM 307  C CA  . HIS A 1 60  ? 3.242   15.064  -11.927 1.00 4.65  ? 59  HIS A CA  1 
ATOM 308  C C   . HIS A 1 60  ? 2.342   15.191  -10.707 1.00 5.54  ? 59  HIS A C   1 
ATOM 309  O O   . HIS A 1 60  ? 2.565   16.049  -9.847  1.00 6.77  ? 59  HIS A O   1 
ATOM 310  C CB  . HIS A 1 60  ? 4.610   14.493  -11.541 1.00 5.59  ? 59  HIS A CB  1 
ATOM 311  C CG  . HIS A 1 60  ? 5.330   15.265  -10.481 1.00 4.36  ? 59  HIS A CG  1 
ATOM 312  N ND1 . HIS A 1 60  ? 4.910   15.298  -9.171  1.00 7.10  ? 59  HIS A ND1 1 
ATOM 313  C CD2 . HIS A 1 60  ? 6.460   16.007  -10.534 1.00 5.38  ? 59  HIS A CD2 1 
ATOM 314  C CE1 . HIS A 1 60  ? 5.758   16.014  -8.458  1.00 6.50  ? 59  HIS A CE1 1 
ATOM 315  N NE2 . HIS A 1 60  ? 6.709   16.456  -9.260  1.00 4.88  ? 59  HIS A NE2 1 
ATOM 316  N N   . SER A 1 61  ? 1.325   14.336  -10.647 1.00 5.37  ? 60  SER A N   1 
ATOM 317  C CA  . SER A 1 61  ? 0.358   14.306  -9.561  1.00 4.90  ? 60  SER A CA  1 
ATOM 318  C C   . SER A 1 61  ? 0.561   13.064  -8.705  1.00 4.90  ? 60  SER A C   1 
ATOM 319  O O   . SER A 1 61  ? 0.727   11.960  -9.235  1.00 4.87  ? 60  SER A O   1 
ATOM 320  C CB  . SER A 1 61  ? -1.068  14.326  -10.114 1.00 5.60  ? 60  SER A CB  1 
ATOM 321  O OG  . SER A 1 61  ? -1.305  15.491  -10.879 1.00 6.07  ? 60  SER A OG  1 
ATOM 322  N N   . GLY A 1 62  ? 0.546   13.248  -7.389  1.00 5.68  ? 61  GLY A N   1 
ATOM 323  C CA  . GLY A 1 62  ? 0.460   12.135  -6.465  1.00 6.27  ? 61  GLY A CA  1 
ATOM 324  C C   . GLY A 1 62  ? -0.973  11.869  -6.053  1.00 4.92  ? 61  GLY A C   1 
ATOM 325  O O   . GLY A 1 62  ? -1.891  12.018  -6.866  1.00 5.00  ? 61  GLY A O   1 
ATOM 326  N N   . LEU A 1 63  ? -1.186  11.480  -4.795  1.00 6.67  ? 62  LEU A N   1 
ATOM 327  C CA  . LEU A 1 63  ? -2.544  11.365  -4.277  1.00 5.34  ? 62  LEU A CA  1 
ATOM 328  C C   . LEU A 1 63  ? -3.071  12.707  -3.787  1.00 5.12  ? 62  LEU A C   1 
ATOM 329  O O   . LEU A 1 63  ? -4.226  13.055  -4.046  1.00 6.72  ? 62  LEU A O   1 
ATOM 330  C CB  . LEU A 1 63  ? -2.596  10.345  -3.138  1.00 6.12  ? 62  LEU A CB  1 
ATOM 331  C CG  . LEU A 1 63  ? -2.183  8.906   -3.435  1.00 5.07  ? 62  LEU A CG  1 
ATOM 332  C CD1 . LEU A 1 63  ? -2.400  8.043   -2.208  1.00 6.03  ? 62  LEU A CD1 1 
ATOM 333  C CD2 . LEU A 1 63  ? -2.941  8.349   -4.623  1.00 5.70  ? 62  LEU A CD2 1 
ATOM 334  N N   . TRP A 1 64  ? -2.240  13.468  -3.080  1.00 6.16  ? 63  TRP A N   1 
ATOM 335  C CA  . TRP A 1 64  ? -2.672  14.682  -2.399  1.00 6.55  ? 63  TRP A CA  1 
ATOM 336  C C   . TRP A 1 64  ? -2.362  15.952  -3.176  1.00 6.56  ? 63  TRP A C   1 
ATOM 337  O O   . TRP A 1 64  ? -3.209  16.847  -3.254  1.00 6.21  ? 63  TRP A O   1 
ATOM 338  C CB  . TRP A 1 64  ? -2.011  14.760  -1.022  1.00 6.72  ? 63  TRP A CB  1 
ATOM 339  C CG  . TRP A 1 64  ? -2.107  13.476  -0.264  1.00 6.24  ? 63  TRP A CG  1 
ATOM 340  C CD1 . TRP A 1 64  ? -1.098  12.591  -0.024  1.00 6.43  ? 63  TRP A CD1 1 
ATOM 341  C CD2 . TRP A 1 64  ? -3.278  12.923  0.340   1.00 6.18  ? 63  TRP A CD2 1 
ATOM 342  N NE1 . TRP A 1 64  ? -1.565  11.526  0.700   1.00 9.26  ? 63  TRP A NE1 1 
ATOM 343  C CE2 . TRP A 1 64  ? -2.904  11.703  0.932   1.00 7.60  ? 63  TRP A CE2 1 
ATOM 344  C CE3 . TRP A 1 64  ? -4.605  13.341  0.443   1.00 6.05  ? 63  TRP A CE3 1 
ATOM 345  C CZ2 . TRP A 1 64  ? -3.806  10.900  1.617   1.00 6.40  ? 63  TRP A CZ2 1 
ATOM 346  C CZ3 . TRP A 1 64  ? -5.500  12.539  1.117   1.00 7.51  ? 63  TRP A CZ3 1 
ATOM 347  C CH2 . TRP A 1 64  ? -5.097  11.335  1.698   1.00 7.74  ? 63  TRP A CH2 1 
ATOM 348  N N   . ARG A 1 65  ? -1.170  16.050  -3.754  1.00 7.30  ? 64  ARG A N   1 
ATOM 349  C CA  . ARG A 1 65  ? -0.681  17.287  -4.340  1.00 6.18  ? 64  ARG A CA  1 
ATOM 350  C C   . ARG A 1 65  ? -0.188  17.036  -5.757  1.00 7.16  ? 64  ARG A C   1 
ATOM 351  O O   . ARG A 1 65  ? 0.319   15.958  -6.078  1.00 7.65  ? 64  ARG A O   1 
ATOM 352  C CB  . ARG A 1 65  ? 0.424   17.891  -3.463  1.00 6.68  ? 64  ARG A CB  1 
ATOM 353  C CG  . ARG A 1 65  ? 1.715   17.097  -3.437  1.00 7.17  ? 64  ARG A CG  1 
ATOM 354  C CD  . ARG A 1 65  ? 2.420   17.257  -2.096  1.00 7.24  ? 64  ARG A CD  1 
ATOM 355  N NE  . ARG A 1 65  ? 2.762   18.642  -1.797  1.00 9.22  ? 64  ARG A NE  1 
ATOM 356  C CZ  . ARG A 1 65  ? 3.978   19.161  -1.886  1.00 8.25  ? 64  ARG A CZ  1 
ATOM 357  N NH1 . ARG A 1 65  ? 4.978   18.497  -2.446  1.00 10.11 ? 64  ARG A NH1 1 
ATOM 358  N NH2 . ARG A 1 65  ? 4.190   20.397  -1.445  1.00 10.89 ? 64  ARG A NH2 1 
ATOM 359  N N   . THR A 1 66  ? -0.350  18.051  -6.602  1.00 6.60  ? 65  THR A N   1 
ATOM 360  C CA  . THR A 1 66  ? 0.072   18.027  -7.996  1.00 5.96  ? 65  THR A CA  1 
ATOM 361  C C   . THR A 1 66  ? 1.082   19.141  -8.212  1.00 5.38  ? 65  THR A C   1 
ATOM 362  O O   . THR A 1 66  ? 0.813   20.297  -7.872  1.00 6.76  ? 65  THR A O   1 
ATOM 363  C CB  . THR A 1 66  ? -1.131  18.196  -8.928  1.00 5.48  ? 65  THR A CB  1 
ATOM 364  O OG1 . THR A 1 66  ? -1.901  16.987  -8.943  1.00 5.23  ? 65  THR A OG1 1 
ATOM 365  C CG2 . THR A 1 66  ? -0.700  18.538  -10.342 1.00 6.44  ? 65  THR A CG2 1 
ATOM 366  N N   . CYS A 1 67  ? 2.243   18.798  -8.775  1.00 6.39  ? 66  CYS A N   1 
ATOM 367  C CA  . CYS A 1 67  ? 3.381   19.704  -8.786  1.00 5.62  ? 66  CYS A CA  1 
ATOM 368  C C   . CYS A 1 67  ? 3.962   19.829  -10.186 1.00 4.18  ? 66  CYS A C   1 
ATOM 369  O O   . CYS A 1 67  ? 4.058   18.842  -10.921 1.00 4.42  ? 66  CYS A O   1 
ATOM 370  C CB  . CYS A 1 67  ? 4.460   19.200  -7.843  1.00 4.96  ? 66  CYS A CB  1 
ATOM 371  S SG  . CYS A 1 67  ? 3.848   18.791  -6.195  1.00 9.85  ? 66  CYS A SG  1 
ATOM 372  N N   . CYS A 1 68  ? 4.344   21.051  -10.548 1.00 3.61  ? 67  CYS A N   1 
ATOM 373  C CA  . CYS A 1 68  ? 4.871   21.333  -11.875 1.00 3.81  ? 67  CYS A CA  1 
ATOM 374  C C   . CYS A 1 68  ? 6.329   20.913  -11.937 1.00 2.62  ? 67  CYS A C   1 
ATOM 375  O O   . CYS A 1 68  ? 7.099   21.205  -11.018 1.00 2.88  ? 67  CYS A O   1 
ATOM 376  C CB  . CYS A 1 68  ? 4.736   22.819  -12.201 1.00 3.65  ? 67  CYS A CB  1 
ATOM 377  S SG  . CYS A 1 68  ? 3.079   23.292  -12.687 1.00 2.33  ? 67  CYS A SG  1 
ATOM 378  N N   . LEU A 1 69  ? 6.715   20.225  -13.014 1.00 3.99  ? 68  LEU A N   1 
ATOM 379  C CA  . LEU A 1 69  ? 8.084   19.754  -13.145 1.00 3.17  ? 68  LEU A CA  1 
ATOM 380  C C   . LEU A 1 69  ? 8.869   20.328  -14.317 1.00 2.44  ? 68  LEU A C   1 
ATOM 381  O O   . LEU A 1 69  ? 10.087  20.127  -14.361 1.00 3.04  ? 68  LEU A O   1 
ATOM 382  C CB  . LEU A 1 69  ? 8.115   18.217  -13.225 1.00 2.97  ? 68  LEU A CB  1 
ATOM 383  C CG  . LEU A 1 69  ? 7.695   17.507  -14.507 1.00 3.36  ? 68  LEU A CG  1 
ATOM 384  C CD1 . LEU A 1 69  ? 8.553   16.279  -14.725 1.00 3.43  ? 68  LEU A CD1 1 
ATOM 385  C CD2 . LEU A 1 69  ? 6.239   17.110  -14.408 1.00 3.68  ? 68  LEU A CD2 1 
ATOM 386  N N   . GLU A 1 70  ? 8.245   21.026  -15.255 1.00 1.80  ? 69  GLU A N   1 
ATOM 387  C CA  . GLU A 1 70  ? 8.957   21.405  -16.473 1.00 2.01  ? 69  GLU A CA  1 
ATOM 388  C C   . GLU A 1 70  ? 8.619   22.819  -16.946 1.00 1.57  ? 69  GLU A C   1 
ATOM 389  O O   . GLU A 1 70  ? 8.268   23.041  -18.099 1.00 2.63  ? 69  GLU A O   1 
ATOM 390  C CB  . GLU A 1 70  ? 8.680   20.381  -17.573 1.00 2.59  ? 69  GLU A CB  1 
ATOM 391  C CG  . GLU A 1 70  ? 9.729   20.378  -18.672 1.00 2.42  ? 69  GLU A CG  1 
ATOM 392  C CD  . GLU A 1 70  ? 9.521   19.264  -19.681 1.00 3.13  ? 69  GLU A CD  1 
ATOM 393  O OE1 . GLU A 1 70  ? 8.364   19.035  -20.087 1.00 3.44  ? 69  GLU A OE1 1 
ATOM 394  O OE2 . GLU A 1 70  ? 10.519  18.618  -20.065 1.00 2.27  ? 69  GLU A OE2 1 
ATOM 395  N N   . GLY A 1 71  ? 8.712   23.826  -16.086 1.00 1.94  ? 70  GLY A N   1 
ATOM 396  C CA  . GLY A 1 71  ? 8.353   25.165  -16.523 1.00 2.35  ? 70  GLY A CA  1 
ATOM 397  C C   . GLY A 1 71  ? 8.667   26.252  -15.516 1.00 1.90  ? 70  GLY A C   1 
ATOM 398  O O   . GLY A 1 71  ? 9.373   26.030  -14.532 1.00 2.07  ? 70  GLY A O   1 
ATOM 399  N N   . ASN A 1 72  ? 8.117   27.440  -15.791 1.00 1.90  ? 71  ASN A N   1 
ATOM 400  C CA  . ASN A 1 72  ? 8.433   28.633  -15.006 1.00 1.88  ? 71  ASN A CA  1 
ATOM 401  C C   . ASN A 1 72  ? 8.080   28.464  -13.531 1.00 1.55  ? 71  ASN A C   1 
ATOM 402  O O   . ASN A 1 72  ? 8.654   29.145  -12.674 1.00 1.58  ? 71  ASN A O   1 
ATOM 403  C CB  . ASN A 1 72  ? 7.705   29.844  -15.587 1.00 1.61  ? 71  ASN A CB  1 
ATOM 404  C CG  . ASN A 1 72  ? 6.214   29.803  -15.326 1.00 2.19  ? 71  ASN A CG  1 
ATOM 405  O OD1 . ASN A 1 72  ? 5.605   28.735  -15.326 1.00 1.47  ? 71  ASN A OD1 1 
ATOM 406  N ND2 . ASN A 1 72  ? 5.619   30.968  -15.099 1.00 1.78  ? 71  ASN A ND2 1 
ATOM 407  N N   . PHE A 1 73  ? 7.139   27.582  -13.220 1.00 1.34  ? 72  PHE A N   1 
ATOM 408  C CA  . PHE A 1 73  ? 6.848   27.179  -11.854 1.00 1.49  ? 72  PHE A CA  1 
ATOM 409  C C   . PHE A 1 73  ? 7.322   25.754  -11.602 1.00 1.82  ? 72  PHE A C   1 
ATOM 410  O O   . PHE A 1 73  ? 6.677   24.975  -10.900 1.00 3.16  ? 72  PHE A O   1 
ATOM 411  C CB  . PHE A 1 73  ? 5.357   27.307  -11.547 1.00 2.34  ? 72  PHE A CB  1 
ATOM 412  C CG  . PHE A 1 73  ? 4.796   28.681  -11.799 1.00 2.11  ? 72  PHE A CG  1 
ATOM 413  C CD1 . PHE A 1 73  ? 5.496   29.814  -11.418 1.00 2.34  ? 72  PHE A CD1 1 
ATOM 414  C CD2 . PHE A 1 73  ? 3.562   28.839  -12.403 1.00 2.22  ? 72  PHE A CD2 1 
ATOM 415  C CE1 . PHE A 1 73  ? 4.979   31.069  -11.644 1.00 2.11  ? 72  PHE A CE1 1 
ATOM 416  C CE2 . PHE A 1 73  ? 3.040   30.092  -12.625 1.00 2.14  ? 72  PHE A CE2 1 
ATOM 417  C CZ  . PHE A 1 73  ? 3.747   31.208  -12.246 1.00 1.99  ? 72  PHE A CZ  1 
ATOM 418  N N   . LYS A 1 74  ? 8.458   25.398  -12.186 1.00 2.77  ? 73  LYS A N   1 
ATOM 419  C CA  . LYS A 1 74  ? 9.117   24.143  -11.857 1.00 2.91  ? 73  LYS A CA  1 
ATOM 420  C C   . LYS A 1 74  ? 9.362   24.062  -10.359 1.00 1.71  ? 73  LYS A C   1 
ATOM 421  O O   . LYS A 1 74  ? 10.129  24.850  -9.801  1.00 2.06  ? 73  LYS A O   1 
ATOM 422  C CB  . LYS A 1 74  ? 10.433  24.049  -12.636 1.00 2.67  ? 73  LYS A CB  1 
ATOM 423  C CG  . LYS A 1 74  ? 11.319  22.863  -12.287 1.00 2.32  ? 73  LYS A CG  1 
ATOM 424  C CD  . LYS A 1 74  ? 12.722  22.998  -12.867 1.00 2.69  ? 73  LYS A CD  1 
ATOM 425  C CE  . LYS A 1 74  ? 13.460  24.235  -12.368 1.00 2.96  ? 73  LYS A CE  1 
ATOM 426  N NZ  . LYS A 1 74  ? 13.604  24.251  -10.885 1.00 2.83  ? 73  LYS A NZ  1 
ATOM 427  N N   . GLY A 1 75  ? 8.707   23.104  -9.709  1.00 2.71  ? 74  GLY A N   1 
ATOM 428  C CA  . GLY A 1 75  ? 8.767   22.986  -8.260  1.00 2.98  ? 74  GLY A CA  1 
ATOM 429  C C   . GLY A 1 75  ? 7.765   23.857  -7.522  1.00 2.01  ? 74  GLY A C   1 
ATOM 430  O O   . GLY A 1 75  ? 8.141   24.684  -6.687  1.00 1.87  ? 74  GLY A O   1 
ATOM 431  N N   . LEU A 1 76  ? 6.487   23.687  -7.836  1.00 3.05  ? 75  LEU A N   1 
ATOM 432  C CA  . LEU A 1 76  ? 5.398   24.323  -7.105  1.00 3.35  ? 75  LEU A CA  1 
ATOM 433  C C   . LEU A 1 76  ? 4.233   23.350  -7.067  1.00 3.43  ? 75  LEU A C   1 
ATOM 434  O O   . LEU A 1 76  ? 3.899   22.743  -8.087  1.00 3.41  ? 75  LEU A O   1 
ATOM 435  C CB  . LEU A 1 76  ? 4.970   25.644  -7.754  1.00 2.76  ? 75  LEU A CB  1 
ATOM 436  C CG  . LEU A 1 76  ? 4.025   26.504  -6.920  1.00 2.64  ? 75  LEU A CG  1 
ATOM 437  C CD1 . LEU A 1 76  ? 4.779   27.157  -5.777  1.00 3.54  ? 75  LEU A CD1 1 
ATOM 438  C CD2 . LEU A 1 76  ? 3.343   27.551  -7.782  1.00 3.08  ? 75  LEU A CD2 1 
ATOM 439  N N   . CYS A 1 77  ? 3.605   23.215  -5.903  1.00 4.96  ? 76  CYS A N   1 
ATOM 440  C CA  . CYS A 1 77  ? 2.551   22.233  -5.712  1.00 5.18  ? 76  CYS A CA  1 
ATOM 441  C C   . CYS A 1 77  ? 1.259   22.921  -5.290  1.00 4.84  ? 76  CYS A C   1 
ATOM 442  O O   . CYS A 1 77  ? 1.280   23.937  -4.592  1.00 4.19  ? 76  CYS A O   1 
ATOM 443  C CB  . CYS A 1 77  ? 2.961   21.223  -4.640  1.00 5.56  ? 76  CYS A CB  1 
ATOM 444  S SG  . CYS A 1 77  ? 4.472   20.319  -5.024  1.00 13.50 ? 76  CYS A SG  1 
ATOM 445  N N   . LYS A 1 78  ? 0.130   22.360  -5.723  1.00 6.19  ? 77  LYS A N   1 
ATOM 446  C CA  . LYS A 1 78  ? -1.176  22.703  -5.182  1.00 5.64  ? 77  LYS A CA  1 
ATOM 447  C C   . LYS A 1 78  ? -1.877  21.447  -4.688  1.00 6.31  ? 77  LYS A C   1 
ATOM 448  O O   . LYS A 1 78  ? -1.704  20.359  -5.245  1.00 6.34  ? 77  LYS A O   1 
ATOM 449  C CB  . LYS A 1 78  ? -2.061  23.417  -6.213  1.00 5.33  ? 77  LYS A CB  1 
ATOM 450  C CG  . LYS A 1 78  ? -2.834  22.500  -7.150  1.00 5.64  ? 77  LYS A CG  1 
ATOM 451  C CD  . LYS A 1 78  ? -3.558  23.280  -8.248  1.00 5.62  ? 77  LYS A CD  1 
ATOM 452  C CE  . LYS A 1 78  ? -4.469  24.373  -7.694  1.00 5.63  ? 77  LYS A CE  1 
ATOM 453  N NZ  . LYS A 1 78  ? -5.076  25.194  -8.775  1.00 5.97  ? 77  LYS A NZ  1 
ATOM 454  N N   . GLN A 1 79  ? -2.673  21.609  -3.636  1.00 8.30  ? 78  GLN A N   1 
ATOM 455  C CA  . GLN A 1 79  ? -3.572  20.546  -3.212  1.00 5.28  ? 78  GLN A CA  1 
ATOM 456  C C   . GLN A 1 79  ? -4.596  20.279  -4.305  1.00 6.03  ? 78  GLN A C   1 
ATOM 457  O O   . GLN A 1 79  ? -5.285  21.197  -4.758  1.00 6.31  ? 78  GLN A O   1 
ATOM 458  C CB  . GLN A 1 79  ? -4.267  20.934  -1.909  1.00 6.32  ? 78  GLN A CB  1 
ATOM 459  C CG  . GLN A 1 79  ? -3.323  21.361  -0.796  1.00 5.85  ? 78  GLN A CG  1 
ATOM 460  C CD  . GLN A 1 79  ? -2.446  20.226  -0.307  1.00 5.23  ? 78  GLN A CD  1 
ATOM 461  O OE1 . GLN A 1 79  ? -2.609  19.078  -0.717  1.00 6.52  ? 78  GLN A OE1 1 
ATOM 462  N NE2 . GLN A 1 79  ? -1.512  20.544  0.583   1.00 4.77  ? 78  GLN A NE2 1 
ATOM 463  N N   . ILE A 1 80  ? -4.693  19.022  -4.738  1.00 5.67  ? 79  ILE A N   1 
ATOM 464  C CA  . ILE A 1 80  ? -5.565  18.689  -5.856  1.00 6.04  ? 79  ILE A CA  1 
ATOM 465  C C   . ILE A 1 80  ? -7.022  18.817  -5.432  1.00 4.99  ? 79  ILE A C   1 
ATOM 466  O O   . ILE A 1 80  ? -7.418  18.359  -4.351  1.00 5.39  ? 79  ILE A O   1 
ATOM 467  C CB  . ILE A 1 80  ? -5.251  17.276  -6.379  1.00 7.54  ? 79  ILE A CB  1 
ATOM 468  C CG1 . ILE A 1 80  ? -5.970  17.017  -7.707  1.00 5.53  ? 79  ILE A CG1 1 
ATOM 469  C CG2 . ILE A 1 80  ? -5.648  16.227  -5.367  1.00 5.59  ? 79  ILE A CG2 1 
ATOM 470  C CD1 . ILE A 1 80  ? -5.527  17.919  -8.842  1.00 6.54  ? 79  ILE A CD1 1 
ATOM 471  N N   . ASP A 1 81  ? -7.826  19.454  -6.280  1.00 4.91  ? 80  ASP A N   1 
ATOM 472  C CA  . ASP A 1 81  ? -9.250  19.643  -6.014  1.00 5.48  ? 80  ASP A CA  1 
ATOM 473  C C   . ASP A 1 81  ? -10.009 18.409  -6.483  1.00 6.56  ? 80  ASP A C   1 
ATOM 474  O O   . ASP A 1 81  ? -10.248 18.229  -7.679  1.00 6.74  ? 80  ASP A O   1 
ATOM 475  C CB  . ASP A 1 81  ? -9.772  20.895  -6.708  1.00 7.33  ? 80  ASP A CB  1 
ATOM 476  C CG  . ASP A 1 81  ? -11.264 21.093  -6.504  1.00 6.44  ? 80  ASP A CG  1 
ATOM 477  O OD1 . ASP A 1 81  ? -11.804 20.561  -5.512  1.00 7.50  ? 80  ASP A OD1 1 
ATOM 478  O OD2 . ASP A 1 81  ? -11.900 21.770  -7.339  1.00 5.20  ? 80  ASP A OD2 1 
ATOM 479  N N   . HIS A 1 82  ? -10.397 17.556  -5.537  1.00 6.30  ? 81  HIS A N   1 
ATOM 480  C CA  . HIS A 1 82  ? -11.205 16.390  -5.865  1.00 6.13  ? 81  HIS A CA  1 
ATOM 481  C C   . HIS A 1 82  ? -12.656 16.741  -6.167  1.00 5.61  ? 81  HIS A C   1 
ATOM 482  O O   . HIS A 1 82  ? -13.384 15.888  -6.686  1.00 5.46  ? 81  HIS A O   1 
ATOM 483  C CB  . HIS A 1 82  ? -11.139 15.377  -4.723  1.00 6.53  ? 81  HIS A CB  1 
ATOM 484  C CG  . HIS A 1 82  ? -9.757  15.159  -4.193  1.00 5.86  ? 81  HIS A CG  1 
ATOM 485  N ND1 . HIS A 1 82  ? -9.245  15.875  -3.133  1.00 4.33  ? 81  HIS A ND1 1 
ATOM 486  C CD2 . HIS A 1 82  ? -8.784  14.297  -4.570  1.00 5.38  ? 81  HIS A CD2 1 
ATOM 487  C CE1 . HIS A 1 82  ? -8.014  15.468  -2.884  1.00 6.51  ? 81  HIS A CE1 1 
ATOM 488  N NE2 . HIS A 1 82  ? -7.710  14.510  -3.742  1.00 5.51  ? 81  HIS A NE2 1 
ATOM 489  N N   . PHE A 1 83  ? -13.092 17.961  -5.862  1.00 5.97  ? 82  PHE A N   1 
ATOM 490  C CA  . PHE A 1 83  ? -14.478 18.361  -6.072  1.00 4.89  ? 82  PHE A CA  1 
ATOM 491  C C   . PHE A 1 83  ? -14.565 19.659  -6.867  1.00 4.04  ? 82  PHE A C   1 
ATOM 492  O O   . PHE A 1 83  ? -14.813 19.647  -8.073  1.00 4.01  ? 82  PHE A O   1 
ATOM 493  C CB  . PHE A 1 83  ? -15.197 18.528  -4.733  1.00 6.44  ? 82  PHE A CB  1 
ATOM 494  C CG  . PHE A 1 83  ? -15.402 17.239  -3.986  1.00 5.33  ? 82  PHE A CG  1 
ATOM 495  C CD1 . PHE A 1 83  ? -16.325 16.307  -4.427  1.00 6.49  ? 82  PHE A CD1 1 
ATOM 496  C CD2 . PHE A 1 83  ? -14.675 16.963  -2.842  1.00 5.68  ? 82  PHE A CD2 1 
ATOM 497  C CE1 . PHE A 1 83  ? -16.515 15.122  -3.743  1.00 6.91  ? 82  PHE A CE1 1 
ATOM 498  C CE2 . PHE A 1 83  ? -14.859 15.784  -2.154  1.00 5.80  ? 82  PHE A CE2 1 
ATOM 499  C CZ  . PHE A 1 83  ? -15.782 14.862  -2.602  1.00 5.74  ? 82  PHE A CZ  1 
ATOM 500  N N   . ALA A 1 94  ? -24.283 8.073   -5.250  1.00 4.52  ? 93  ALA A N   1 
ATOM 501  C CA  . ALA A 1 94  ? -24.014 8.235   -6.677  1.00 2.71  ? 93  ALA A CA  1 
ATOM 502  C C   . ALA A 1 94  ? -22.570 8.672   -6.898  1.00 2.26  ? 93  ALA A C   1 
ATOM 503  O O   . ALA A 1 94  ? -21.706 8.445   -6.053  1.00 3.09  ? 93  ALA A O   1 
ATOM 504  C CB  . ALA A 1 94  ? -24.977 9.233   -7.288  1.00 1.44  ? 93  ALA A CB  1 
ATOM 505  N N   . GLU A 1 95  ? -22.320 9.287   -8.046  1.00 1.83  ? 94  GLU A N   1 
ATOM 506  C CA  . GLU A 1 95  ? -21.002 9.798   -8.408  1.00 2.91  ? 94  GLU A CA  1 
ATOM 507  C C   . GLU A 1 95  ? -20.292 10.551  -7.283  1.00 3.41  ? 94  GLU A C   1 
ATOM 508  O O   . GLU A 1 95  ? -19.059 10.556  -7.230  1.00 3.64  ? 94  GLU A O   1 
ATOM 509  C CB  . GLU A 1 95  ? -21.121 10.716  -9.633  1.00 2.04  ? 94  GLU A CB  1 
ATOM 510  C CG  . GLU A 1 95  ? -22.204 11.798  -9.531  1.00 2.31  ? 94  GLU A CG  1 
ATOM 511  C CD  . GLU A 1 95  ? -23.593 11.313  -9.939  1.00 2.02  ? 94  GLU A CD  1 
ATOM 512  O OE1 . GLU A 1 95  ? -23.700 10.196  -10.484 1.00 2.44  ? 94  GLU A OE1 1 
ATOM 513  O OE2 . GLU A 1 95  ? -24.577 12.051  -9.728  1.00 1.18  ? 94  GLU A OE2 1 
ATOM 514  N N   . TYR A 1 96  ? -21.047 11.184  -6.379  1.00 3.45  ? 95  TYR A N   1 
ATOM 515  C CA  . TYR A 1 96  ? -20.430 11.859  -5.239  1.00 3.54  ? 95  TYR A CA  1 
ATOM 516  C C   . TYR A 1 96  ? -19.593 10.918  -4.383  1.00 3.34  ? 95  TYR A C   1 
ATOM 517  O O   . TYR A 1 96  ? -18.573 11.336  -3.814  1.00 4.58  ? 95  TYR A O   1 
ATOM 518  C CB  . TYR A 1 96  ? -21.523 12.501  -4.379  1.00 4.42  ? 95  TYR A CB  1 
ATOM 519  C CG  . TYR A 1 96  ? -21.081 13.663  -3.514  1.00 4.58  ? 95  TYR A CG  1 
ATOM 520  C CD1 . TYR A 1 96  ? -20.603 13.460  -2.227  1.00 4.21  ? 95  TYR A CD1 1 
ATOM 521  C CD2 . TYR A 1 96  ? -21.173 14.967  -3.976  1.00 5.19  ? 95  TYR A CD2 1 
ATOM 522  C CE1 . TYR A 1 96  ? -20.222 14.520  -1.430  1.00 6.13  ? 95  TYR A CE1 1 
ATOM 523  C CE2 . TYR A 1 96  ? -20.790 16.033  -3.191  1.00 6.69  ? 95  TYR A CE2 1 
ATOM 524  C CZ  . TYR A 1 96  ? -20.317 15.808  -1.917  1.00 7.41  ? 95  TYR A CZ  1 
ATOM 525  O OH  . TYR A 1 96  ? -19.921 16.874  -1.143  1.00 5.51  ? 95  TYR A OH  1 
ATOM 526  N N   . PHE A 1 97  ? -19.974 9.647   -4.288  1.00 2.57  ? 96  PHE A N   1 
ATOM 527  C CA  . PHE A 1 97  ? -19.358 8.810   -3.265  1.00 2.83  ? 96  PHE A CA  1 
ATOM 528  C C   . PHE A 1 97  ? -18.005 8.270   -3.705  1.00 3.44  ? 96  PHE A C   1 
ATOM 529  O O   . PHE A 1 97  ? -17.096 8.144   -2.878  1.00 3.81  ? 96  PHE A O   1 
ATOM 530  C CB  . PHE A 1 97  ? -20.296 7.667   -2.875  1.00 2.51  ? 96  PHE A CB  1 
ATOM 531  C CG  . PHE A 1 97  ? -21.679 8.120   -2.471  1.00 2.67  ? 96  PHE A CG  1 
ATOM 532  C CD1 . PHE A 1 97  ? -21.939 9.450   -2.177  1.00 3.30  ? 96  PHE A CD1 1 
ATOM 533  C CD2 . PHE A 1 97  ? -22.704 7.200   -2.330  1.00 4.24  ? 96  PHE A CD2 1 
ATOM 534  C CE1 . PHE A 1 97  ? -23.198 9.855   -1.784  1.00 3.07  ? 96  PHE A CE1 1 
ATOM 535  C CE2 . PHE A 1 97  ? -23.972 7.601   -1.951  1.00 3.16  ? 96  PHE A CE2 1 
ATOM 536  C CZ  . PHE A 1 97  ? -24.219 8.930   -1.677  1.00 4.47  ? 96  PHE A CZ  1 
ATOM 537  N N   . LEU A 1 98  ? -17.831 7.981   -4.993  1.00 3.94  ? 97  LEU A N   1 
ATOM 538  C CA  . LEU A 1 98  ? -16.502 7.636   -5.486  1.00 3.79  ? 97  LEU A CA  1 
ATOM 539  C C   . LEU A 1 98  ? -15.563 8.827   -5.374  1.00 3.98  ? 97  LEU A C   1 
ATOM 540  O O   . LEU A 1 98  ? -14.382 8.669   -5.048  1.00 3.66  ? 97  LEU A O   1 
ATOM 541  C CB  . LEU A 1 98  ? -16.594 7.144   -6.931  1.00 3.93  ? 97  LEU A CB  1 
ATOM 542  C CG  . LEU A 1 98  ? -15.307 6.711   -7.636  1.00 3.69  ? 97  LEU A CG  1 
ATOM 543  C CD1 . LEU A 1 98  ? -15.635 5.668   -8.690  1.00 4.42  ? 97  LEU A CD1 1 
ATOM 544  C CD2 . LEU A 1 98  ? -14.578 7.886   -8.277  1.00 4.32  ? 97  LEU A CD2 1 
ATOM 545  N N   . ARG A 1 99  ? -16.072 10.027  -5.654  1.00 4.72  ? 98  ARG A N   1 
ATOM 546  C CA  . ARG A 1 99  ? -15.295 11.241  -5.436  1.00 5.11  ? 98  ARG A CA  1 
ATOM 547  C C   . ARG A 1 99  ? -14.828 11.345  -3.989  1.00 4.44  ? 98  ARG A C   1 
ATOM 548  O O   . ARG A 1 99  ? -13.665 11.662  -3.724  1.00 4.80  ? 98  ARG A O   1 
ATOM 549  C CB  . ARG A 1 99  ? -16.129 12.468  -5.810  1.00 5.19  ? 98  ARG A CB  1 
ATOM 550  C CG  . ARG A 1 99  ? -16.630 12.481  -7.245  1.00 5.37  ? 98  ARG A CG  1 
ATOM 551  C CD  . ARG A 1 99  ? -15.542 12.876  -8.225  1.00 6.93  ? 98  ARG A CD  1 
ATOM 552  N NE  . ARG A 1 99  ? -15.479 14.322  -8.398  1.00 6.96  ? 98  ARG A NE  1 
ATOM 553  C CZ  . ARG A 1 99  ? -16.251 15.013  -9.225  1.00 7.43  ? 98  ARG A CZ  1 
ATOM 554  N NH1 . ARG A 1 99  ? -17.207 14.430  -9.931  1.00 9.06  ? 98  ARG A NH1 1 
ATOM 555  N NH2 . ARG A 1 99  ? -16.072 16.327  -9.335  1.00 7.73  ? 98  ARG A NH2 1 
ATOM 556  N N   . ALA A 1 100 ? -15.729 11.090  -3.040  1.00 3.58  ? 99  ALA A N   1 
ATOM 557  C CA  . ALA A 1 100 ? -15.352 11.136  -1.628  1.00 4.42  ? 99  ALA A CA  1 
ATOM 558  C C   . ALA A 1 100 ? -14.341 10.055  -1.252  1.00 3.97  ? 99  ALA A C   1 
ATOM 559  O O   . ALA A 1 100 ? -13.418 10.310  -0.470  1.00 4.28  ? 99  ALA A O   1 
ATOM 560  C CB  . ALA A 1 100 ? -16.596 11.014  -0.752  1.00 4.02  ? 99  ALA A CB  1 
ATOM 561  N N   . VAL A 1 101 ? -14.489 8.848   -1.794  1.00 4.99  ? 100 VAL A N   1 
ATOM 562  C CA  . VAL A 1 101 ? -13.516 7.784   -1.535  1.00 4.38  ? 100 VAL A CA  1 
ATOM 563  C C   . VAL A 1 101 ? -12.139 8.142   -2.086  1.00 4.49  ? 100 VAL A C   1 
ATOM 564  O O   . VAL A 1 101 ? -11.113 7.882   -1.445  1.00 4.57  ? 100 VAL A O   1 
ATOM 565  C CB  . VAL A 1 101 ? -14.024 6.445   -2.101  1.00 3.82  ? 100 VAL A CB  1 
ATOM 566  C CG1 . VAL A 1 101 ? -12.975 5.357   -1.935  1.00 4.42  ? 100 VAL A CG1 1 
ATOM 567  C CG2 . VAL A 1 101 ? -15.308 6.031   -1.397  1.00 5.61  ? 100 VAL A CG2 1 
ATOM 568  N N   . ARG A 1 102 ? -12.088 8.744   -3.273  1.00 4.59  ? 101 ARG A N   1 
ATOM 569  C CA  . ARG A 1 102 ? -10.820 9.241   -3.801  1.00 4.25  ? 101 ARG A CA  1 
ATOM 570  C C   . ARG A 1 102 ? -10.251 10.366  -2.945  1.00 4.42  ? 101 ARG A C   1 
ATOM 571  O O   . ARG A 1 102 ? -9.044  10.398  -2.680  1.00 6.30  ? 101 ARG A O   1 
ATOM 572  C CB  . ARG A 1 102 ? -11.004 9.698   -5.248  1.00 3.90  ? 101 ARG A CB  1 
ATOM 573  C CG  . ARG A 1 102 ? -9.834  10.479  -5.829  1.00 4.85  ? 101 ARG A CG  1 
ATOM 574  C CD  . ARG A 1 102 ? -8.560  9.662   -5.882  1.00 3.96  ? 101 ARG A CD  1 
ATOM 575  N NE  . ARG A 1 102 ? -7.415  10.484  -6.261  1.00 3.42  ? 101 ARG A NE  1 
ATOM 576  C CZ  . ARG A 1 102 ? -6.585  11.064  -5.405  1.00 5.53  ? 101 ARG A CZ  1 
ATOM 577  N NH1 . ARG A 1 102 ? -6.724  10.922  -4.097  1.00 6.52  ? 101 ARG A NH1 1 
ATOM 578  N NH2 . ARG A 1 102 ? -5.576  11.792  -5.875  1.00 6.95  ? 101 ARG A NH2 1 
ATOM 579  N N   . ALA A 1 103 ? -11.095 11.297  -2.504  1.00 4.79  ? 102 ALA A N   1 
ATOM 580  C CA  . ALA A 1 103 ? -10.604 12.429  -1.727  1.00 4.42  ? 102 ALA A CA  1 
ATOM 581  C C   . ALA A 1 103 ? -9.966  11.976  -0.421  1.00 4.42  ? 102 ALA A C   1 
ATOM 582  O O   . ALA A 1 103 ? -8.970  12.558  0.023   1.00 6.57  ? 102 ALA A O   1 
ATOM 583  C CB  . ALA A 1 103 ? -11.744 13.409  -1.452  1.00 6.13  ? 102 ALA A CB  1 
ATOM 584  N N   . SER A 1 104 ? -10.515 10.941  0.207   1.00 4.02  ? 103 SER A N   1 
ATOM 585  C CA  . SER A 1 104 ? -9.948  10.430  1.449   1.00 4.31  ? 103 SER A CA  1 
ATOM 586  C C   . SER A 1 104 ? -8.815  9.435   1.233   1.00 4.44  ? 103 SER A C   1 
ATOM 587  O O   . SER A 1 104 ? -7.906  9.364   2.068   1.00 4.74  ? 103 SER A O   1 
ATOM 588  C CB  . SER A 1 104 ? -11.044 9.768   2.285   1.00 4.37  ? 103 SER A CB  1 
ATOM 589  O OG  . SER A 1 104 ? -11.689 8.740   1.554   1.00 6.47  ? 103 SER A OG  1 
ATOM 590  N N   . SER A 1 105 ? -8.838  8.667   0.145   1.00 5.24  ? 104 SER A N   1 
ATOM 591  C CA  . SER A 1 105 ? -7.829  7.634   -0.098  1.00 5.37  ? 104 SER A CA  1 
ATOM 592  C C   . SER A 1 105 ? -7.761  6.660   1.077   1.00 4.98  ? 104 SER A C   1 
ATOM 593  O O   . SER A 1 105 ? -6.688  6.220   1.494   1.00 4.88  ? 104 SER A O   1 
ATOM 594  C CB  . SER A 1 105 ? -6.460  8.254   -0.375  1.00 5.78  ? 104 SER A CB  1 
ATOM 595  O OG  . SER A 1 105 ? -5.834  8.689   0.819   1.00 5.51  ? 104 SER A OG  1 
ATOM 596  N N   . ILE A 1 106 ? -8.933  6.333   1.622   1.00 4.78  ? 105 ILE A N   1 
ATOM 597  C CA  . ILE A 1 106 ? -9.011  5.504   2.821   1.00 5.26  ? 105 ILE A CA  1 
ATOM 598  C C   . ILE A 1 106 ? -8.355  4.144   2.609   1.00 4.74  ? 105 ILE A C   1 
ATOM 599  O O   . ILE A 1 106 ? -7.743  3.594   3.527   1.00 5.27  ? 105 ILE A O   1 
ATOM 600  C CB  . ILE A 1 106 ? -10.476 5.355   3.267   1.00 4.83  ? 105 ILE A CB  1 
ATOM 601  C CG1 . ILE A 1 106 ? -10.537 4.810   4.693   1.00 4.54  ? 105 ILE A CG1 1 
ATOM 602  C CG2 . ILE A 1 106 ? -11.243 4.445   2.318   1.00 5.29  ? 105 ILE A CG2 1 
ATOM 603  C CD1 . ILE A 1 106 ? -11.912 4.868   5.315   1.00 5.22  ? 105 ILE A CD1 1 
ATOM 604  N N   . PHE A 1 107 ? -8.508  3.560   1.429   1.00 5.97  ? 106 PHE A N   1 
ATOM 605  C CA  . PHE A 1 107 ? -8.023  2.210   1.151   1.00 5.65  ? 106 PHE A CA  1 
ATOM 606  C C   . PHE A 1 107 ? -6.503  2.062   1.060   1.00 5.24  ? 106 PHE A C   1 
ATOM 607  O O   . PHE A 1 107 ? -5.931  1.130   1.654   1.00 5.75  ? 106 PHE A O   1 
ATOM 608  C CB  . PHE A 1 107 ? -8.681  1.724   -0.141  1.00 5.15  ? 106 PHE A CB  1 
ATOM 609  C CG  . PHE A 1 107 ? -10.161 1.516   -0.011  1.00 4.97  ? 106 PHE A CG  1 
ATOM 610  C CD1 . PHE A 1 107 ? -10.666 0.532   0.818   1.00 5.09  ? 106 PHE A CD1 1 
ATOM 611  C CD2 . PHE A 1 107 ? -11.048 2.302   -0.722  1.00 5.08  ? 106 PHE A CD2 1 
ATOM 612  C CE1 . PHE A 1 107 ? -12.021 0.340   0.937   1.00 4.65  ? 106 PHE A CE1 1 
ATOM 613  C CE2 . PHE A 1 107 ? -12.407 2.113   -0.605  1.00 4.20  ? 106 PHE A CE2 1 
ATOM 614  C CZ  . PHE A 1 107 ? -12.893 1.133   0.226   1.00 3.82  ? 106 PHE A CZ  1 
ATOM 615  N N   . PRO A 1 108 ? -5.803  2.999   0.418   1.00 5.56  ? 107 PRO A N   1 
ATOM 616  C CA  . PRO A 1 108 ? -4.350  3.092   0.640   1.00 6.00  ? 107 PRO A CA  1 
ATOM 617  C C   . PRO A 1 108 ? -3.943  3.212   2.098   1.00 6.49  ? 107 PRO A C   1 
ATOM 618  O O   . PRO A 1 108 ? -3.028  2.501   2.528   1.00 7.59  ? 107 PRO A O   1 
ATOM 619  C CB  . PRO A 1 108 ? -3.965  4.332   -0.177  1.00 5.39  ? 107 PRO A CB  1 
ATOM 620  C CG  . PRO A 1 108 ? -4.971  4.391   -1.260  1.00 5.17  ? 107 PRO A CG  1 
ATOM 621  C CD  . PRO A 1 108 ? -6.250  3.902   -0.653  1.00 5.26  ? 107 PRO A CD  1 
ATOM 622  N N   . ILE A 1 109 ? -4.575  4.089   2.875   1.00 5.93  ? 108 ILE A N   1 
ATOM 623  C CA  . ILE A 1 109 ? -4.136  4.256   4.257   1.00 5.96  ? 108 ILE A CA  1 
ATOM 624  C C   . ILE A 1 109 ? -4.411  2.983   5.051   1.00 6.60  ? 108 ILE A C   1 
ATOM 625  O O   . ILE A 1 109 ? -3.612  2.586   5.907   1.00 7.56  ? 108 ILE A O   1 
ATOM 626  C CB  . ILE A 1 109 ? -4.817  5.485   4.884   1.00 5.64  ? 108 ILE A CB  1 
ATOM 627  C CG1 . ILE A 1 109 ? -4.253  6.764   4.269   1.00 6.05  ? 108 ILE A CG1 1 
ATOM 628  C CG2 . ILE A 1 109 ? -4.628  5.501   6.397   1.00 6.13  ? 108 ILE A CG2 1 
ATOM 629  C CD1 . ILE A 1 109 ? -5.093  7.988   4.528   1.00 6.48  ? 108 ILE A CD1 1 
ATOM 630  N N   . LEU A 1 110 ? -5.566  2.357   4.820   1.00 6.27  ? 109 LEU A N   1 
ATOM 631  C CA  . LEU A 1 110 ? -5.857  1.084   5.468   1.00 6.51  ? 109 LEU A CA  1 
ATOM 632  C C   . LEU A 1 110 ? -4.794  0.049   5.145   1.00 7.55  ? 109 LEU A C   1 
ATOM 633  O O   . LEU A 1 110 ? -4.474  -0.797  5.983   1.00 7.71  ? 109 LEU A O   1 
ATOM 634  C CB  . LEU A 1 110 ? -7.235  0.571   5.048   1.00 5.70  ? 109 LEU A CB  1 
ATOM 635  C CG  . LEU A 1 110 ? -8.448  1.179   5.751   1.00 6.17  ? 109 LEU A CG  1 
ATOM 636  C CD1 . LEU A 1 110 ? -9.724  0.729   5.069   1.00 5.91  ? 109 LEU A CD1 1 
ATOM 637  C CD2 . LEU A 1 110 ? -8.473  0.800   7.225   1.00 6.65  ? 109 LEU A CD2 1 
ATOM 638  N N   . SER A 1 111 ? -4.258  0.069   3.924   1.00 6.96  ? 110 SER A N   1 
ATOM 639  C CA  . SER A 1 111 ? -3.228  -0.914  3.601   1.00 7.64  ? 110 SER A CA  1 
ATOM 640  C C   . SER A 1 111 ? -1.955  -0.701  4.421   1.00 7.16  ? 110 SER A C   1 
ATOM 641  O O   . SER A 1 111 ? -1.347  -1.674  4.889   1.00 6.68  ? 110 SER A O   1 
ATOM 642  C CB  . SER A 1 111 ? -2.915  -0.863  2.109   1.00 7.64  ? 110 SER A CB  1 
ATOM 643  O OG  . SER A 1 111 ? -2.089  0.246   1.803   1.00 10.12 ? 110 SER A OG  1 
ATOM 644  N N   . VAL A 1 112 ? -1.634  0.556   4.735   1.00 6.04  ? 111 VAL A N   1 
ATOM 645  C CA  . VAL A 1 112 ? -0.529  0.864   5.639   1.00 6.19  ? 111 VAL A CA  1 
ATOM 646  C C   . VAL A 1 112 ? -0.849  0.441   7.065   1.00 6.22  ? 111 VAL A C   1 
ATOM 647  O O   . VAL A 1 112 ? -0.005  -0.142  7.756   1.00 6.16  ? 111 VAL A O   1 
ATOM 648  C CB  . VAL A 1 112 ? -0.188  2.363   5.560   1.00 6.61  ? 111 VAL A CB  1 
ATOM 649  C CG1 . VAL A 1 112 ? 0.914   2.720   6.550   1.00 7.13  ? 111 VAL A CG1 1 
ATOM 650  C CG2 . VAL A 1 112 ? 0.219   2.741   4.144   1.00 6.22  ? 111 VAL A CG2 1 
ATOM 651  N N   . ILE A 1 113 ? -2.064  0.719   7.529   1.00 6.78  ? 112 ILE A N   1 
ATOM 652  C CA  . ILE A 1 113 ? -2.426  0.351   8.896   1.00 6.87  ? 112 ILE A CA  1 
ATOM 653  C C   . ILE A 1 113 ? -2.395  -1.164  9.061   1.00 7.06  ? 112 ILE A C   1 
ATOM 654  O O   . ILE A 1 113 ? -1.914  -1.684  10.074  1.00 7.23  ? 112 ILE A O   1 
ATOM 655  C CB  . ILE A 1 113 ? -3.801  0.937   9.269   1.00 6.31  ? 112 ILE A CB  1 
ATOM 656  C CG1 . ILE A 1 113 ? -3.771  2.464   9.183   1.00 6.55  ? 112 ILE A CG1 1 
ATOM 657  C CG2 . ILE A 1 113 ? -4.195  0.511   10.673  1.00 6.52  ? 112 ILE A CG2 1 
ATOM 658  C CD1 . ILE A 1 113 ? -5.139  3.105   9.176   1.00 6.44  ? 112 ILE A CD1 1 
ATOM 659  N N   . LEU A 1 114 ? -2.946  -1.892  8.095   1.00 6.75  ? 113 LEU A N   1 
ATOM 660  C CA  . LEU A 1 114 ? -3.007  -3.346  8.180   1.00 8.45  ? 113 LEU A CA  1 
ATOM 661  C C   . LEU A 1 114 ? -1.625  -3.984  8.060   1.00 8.79  ? 113 LEU A C   1 
ATOM 662  O O   . LEU A 1 114 ? -1.335  -4.970  8.747   1.00 8.83  ? 113 LEU A O   1 
ATOM 663  C CB  . LEU A 1 114 ? -3.946  -3.881  7.103   1.00 7.62  ? 113 LEU A CB  1 
ATOM 664  C CG  . LEU A 1 114 ? -5.413  -3.485  7.273   1.00 7.49  ? 113 LEU A CG  1 
ATOM 665  C CD1 . LEU A 1 114 ? -6.182  -3.719  5.985   1.00 7.23  ? 113 LEU A CD1 1 
ATOM 666  C CD2 . LEU A 1 114 ? -6.049  -4.251  8.423   1.00 8.04  ? 113 LEU A CD2 1 
ATOM 667  N N   . LEU A 1 115 ? -0.739  -3.421  7.230   1.00 6.79  ? 114 LEU A N   1 
ATOM 668  C CA  . LEU A 1 115 ? 0.653   -3.868  7.242   1.00 8.57  ? 114 LEU A CA  1 
ATOM 669  C C   . LEU A 1 115 ? 1.350   -3.567  8.567   1.00 7.93  ? 114 LEU A C   1 
ATOM 670  O O   . LEU A 1 115 ? 2.143   -4.384  9.051   1.00 8.18  ? 114 LEU A O   1 
ATOM 671  C CB  . LEU A 1 115 ? 1.425   -3.220  6.091   1.00 8.52  ? 114 LEU A CB  1 
ATOM 672  C CG  . LEU A 1 115 ? 1.475   -3.966  4.756   1.00 7.35  ? 114 LEU A CG  1 
ATOM 673  C CD1 . LEU A 1 115 ? 0.130   -4.542  4.393   1.00 7.43  ? 114 LEU A CD1 1 
ATOM 674  C CD2 . LEU A 1 115 ? 1.968   -3.046  3.654   1.00 10.09 ? 114 LEU A CD2 1 
ATOM 675  N N   . PHE A 1 116 ? 1.063   -2.421  9.181   1.00 7.04  ? 115 PHE A N   1 
ATOM 676  C CA  . PHE A 1 116 ? 1.615   -2.133  10.503  1.00 8.37  ? 115 PHE A CA  1 
ATOM 677  C C   . PHE A 1 116 ? 1.124   -3.125  11.551  1.00 9.30  ? 115 PHE A C   1 
ATOM 678  O O   . PHE A 1 116 ? 1.903   -3.601  12.381  1.00 10.06 ? 115 PHE A O   1 
ATOM 679  C CB  . PHE A 1 116 ? 1.265   -0.703  10.914  1.00 9.22  ? 115 PHE A CB  1 
ATOM 680  C CG  . PHE A 1 116 ? 1.706   -0.346  12.303  1.00 7.21  ? 115 PHE A CG  1 
ATOM 681  C CD1 . PHE A 1 116 ? 2.977   0.143   12.535  1.00 9.17  ? 115 PHE A CD1 1 
ATOM 682  C CD2 . PHE A 1 116 ? 0.847   -0.493  13.377  1.00 8.19  ? 115 PHE A CD2 1 
ATOM 683  C CE1 . PHE A 1 116 ? 3.385   0.473   13.809  1.00 9.04  ? 115 PHE A CE1 1 
ATOM 684  C CE2 . PHE A 1 116 ? 1.248   -0.160  14.654  1.00 11.62 ? 115 PHE A CE2 1 
ATOM 685  C CZ  . PHE A 1 116 ? 2.520   0.324   14.869  1.00 10.49 ? 115 PHE A CZ  1 
ATOM 686  N N   . MET A 1 117 ? -0.175  -3.416  11.557  1.00 8.51  ? 116 MET A N   1 
ATOM 687  C CA  . MET A 1 117 ? -0.712  -4.414  12.481  1.00 8.75  ? 116 MET A CA  1 
ATOM 688  C C   . MET A 1 117 ? -0.124  -5.802  12.237  1.00 9.07  ? 116 MET A C   1 
ATOM 689  O O   . MET A 1 117 ? 0.210   -6.520  13.188  1.00 8.83  ? 116 MET A O   1 
ATOM 690  C CB  . MET A 1 117 ? -2.236  -4.457  12.372  1.00 8.07  ? 116 MET A CB  1 
ATOM 691  C CG  . MET A 1 117 ? -2.939  -3.234  12.942  1.00 8.78  ? 116 MET A CG  1 
ATOM 692  S SD  . MET A 1 117 ? -2.546  -2.918  14.675  1.00 17.25 ? 116 MET A SD  1 
ATOM 693  C CE  . MET A 1 117 ? -3.167  -4.406  15.452  1.00 8.60  ? 116 MET A CE  1 
ATOM 694  N N   . GLY A 1 118 ? 0.068   -6.181  10.976  1.00 8.25  ? 117 GLY A N   1 
ATOM 695  C CA  . GLY A 1 118 ? 0.756   -7.432  10.698  1.00 9.64  ? 117 GLY A CA  1 
ATOM 696  C C   . GLY A 1 118 ? 2.182   -7.458  11.213  1.00 9.45  ? 117 GLY A C   1 
ATOM 697  O O   . GLY A 1 118 ? 2.641   -8.474  11.745  1.00 9.99  ? 117 GLY A O   1 
ATOM 698  N N   . GLY A 1 119 ? 2.917   -6.367  11.020  1.00 8.98  ? 118 GLY A N   1 
ATOM 699  C CA  . GLY A 1 119 ? 4.232   -6.262  11.632  1.00 10.42 ? 118 GLY A CA  1 
ATOM 700  C C   . GLY A 1 119 ? 4.208   -6.366  13.147  1.00 10.22 ? 118 GLY A C   1 
ATOM 701  O O   . GLY A 1 119 ? 5.039   -7.053  13.738  1.00 9.39  ? 118 GLY A O   1 
ATOM 702  N N   . LEU A 1 120 ? 3.269   -5.678  13.797  1.00 8.54  ? 119 LEU A N   1 
ATOM 703  C CA  . LEU A 1 120 ? 3.124   -5.764  15.251  1.00 10.13 ? 119 LEU A CA  1 
ATOM 704  C C   . LEU A 1 120 ? 2.530   -7.083  15.724  1.00 11.25 ? 119 LEU A C   1 
ATOM 705  O O   . LEU A 1 120 ? 2.395   -7.284  16.936  1.00 10.97 ? 119 LEU A O   1 
ATOM 706  C CB  . LEU A 1 120 ? 2.261   -4.606  15.757  1.00 10.11 ? 119 LEU A CB  1 
ATOM 707  C CG  . LEU A 1 120 ? 2.999   -3.310  16.106  1.00 11.06 ? 119 LEU A CG  1 
ATOM 708  C CD1 . LEU A 1 120 ? 3.855   -3.490  17.350  1.00 13.04 ? 119 LEU A CD1 1 
ATOM 709  C CD2 . LEU A 1 120 ? 3.848   -2.827  14.936  1.00 11.48 ? 119 LEU A CD2 1 
ATOM 710  N N   . CYS A 1 121 ? 2.183   -7.977  14.803  1.00 9.48  ? 120 CYS A N   1 
ATOM 711  C CA  . CYS A 1 121 ? 1.977   -9.389  15.119  1.00 11.01 ? 120 CYS A CA  1 
ATOM 712  C C   . CYS A 1 121 ? 3.254   -10.216 14.975  1.00 12.31 ? 120 CYS A C   1 
ATOM 713  O O   . CYS A 1 121 ? 3.650   -10.920 15.910  1.00 13.52 ? 120 CYS A O   1 
ATOM 714  C CB  . CYS A 1 121 ? 0.860   -9.981  14.249  1.00 10.11 ? 120 CYS A CB  1 
ATOM 715  S SG  . CYS A 1 121 ? -0.788  -9.288  14.525  1.00 16.16 ? 120 CYS A SG  1 
ATOM 716  N N   . ILE A 1 122 ? 3.858   -10.208 13.786  1.00 10.90 ? 121 ILE A N   1 
ATOM 717  C CA  . ILE A 1 122 ? 4.990   -11.099 13.538  1.00 11.33 ? 121 ILE A CA  1 
ATOM 718  C C   . ILE A 1 122 ? 6.264   -10.658 14.248  1.00 12.21 ? 121 ILE A C   1 
ATOM 719  O O   . ILE A 1 122 ? 7.162   -11.483 14.449  1.00 14.15 ? 121 ILE A O   1 
ATOM 720  C CB  . ILE A 1 122 ? 5.256   -11.230 12.030  1.00 12.13 ? 121 ILE A CB  1 
ATOM 721  C CG1 . ILE A 1 122 ? 5.595   -9.870  11.419  1.00 11.83 ? 121 ILE A CG1 1 
ATOM 722  C CG2 . ILE A 1 122 ? 4.052   -11.833 11.334  1.00 11.86 ? 121 ILE A CG2 1 
ATOM 723  C CD1 . ILE A 1 122 ? 6.060   -9.958  9.985   1.00 12.11 ? 121 ILE A CD1 1 
ATOM 724  N N   . ALA A 1 123 ? 6.381   -9.390  14.638  1.00 14.70 ? 122 ALA A N   1 
ATOM 725  C CA  . ALA A 1 123 ? 7.459   -8.926  15.497  1.00 15.33 ? 122 ALA A CA  1 
ATOM 726  C C   . ALA A 1 123 ? 7.064   -8.924  16.965  1.00 16.09 ? 122 ALA A C   1 
ATOM 727  O O   . ALA A 1 123 ? 7.701   -8.235  17.772  1.00 13.00 ? 122 ALA A O   1 
ATOM 728  C CB  . ALA A 1 123 ? 7.905   -7.525  15.072  1.00 12.11 ? 122 ALA A CB  1 
ATOM 729  N N   . ALA A 1 124 ? 6.021   -9.672  17.325  1.00 12.51 ? 123 ALA A N   1 
ATOM 730  C CA  . ALA A 1 124 ? 5.622   -9.832  18.716  1.00 12.39 ? 123 ALA A CA  1 
ATOM 731  C C   . ALA A 1 124 ? 5.531   -11.311 19.052  1.00 14.32 ? 123 ALA A C   1 
ATOM 732  O O   . ALA A 1 124 ? 5.713   -11.708 20.206  1.00 13.97 ? 123 ALA A O   1 
ATOM 733  C CB  . ALA A 1 124 ? 4.288   -9.135  18.980  1.00 14.09 ? 123 ALA A CB  1 
ATOM 734  N N   . SER A 1 125 ? 5.254   -12.132 18.040  1.00 15.94 ? 124 SER A N   1 
ATOM 735  C CA  . SER A 1 125 ? 5.136   -13.575 18.223  1.00 12.98 ? 124 SER A CA  1 
ATOM 736  C C   . SER A 1 125 ? 6.410   -14.212 18.771  1.00 13.72 ? 124 SER A C   1 
ATOM 737  O O   . SER A 1 125 ? 6.406   -15.397 19.117  1.00 14.14 ? 124 SER A O   1 
ATOM 738  C CB  . SER A 1 125 ? 4.760   -14.233 16.895  1.00 12.97 ? 124 SER A CB  1 
ATOM 739  O OG  . SER A 1 125 ? 4.505   -15.616 17.058  1.00 13.19 ? 124 SER A OG  1 
ATOM 740  N N   . GLU A 1 126 ? 7.505   -13.453 18.860  1.00 14.27 ? 125 GLU A N   1 
ATOM 741  C CA  . GLU A 1 126 ? 8.681   -13.947 19.567  1.00 15.32 ? 125 GLU A CA  1 
ATOM 742  C C   . GLU A 1 126 ? 8.448   -14.026 21.067  1.00 15.68 ? 125 GLU A C   1 
ATOM 743  O O   . GLU A 1 126 ? 9.190   -14.726 21.763  1.00 16.24 ? 125 GLU A O   1 
ATOM 744  C CB  . GLU A 1 126 ? 9.894   -13.060 19.284  1.00 16.42 ? 125 GLU A CB  1 
ATOM 745  C CG  . GLU A 1 126 ? 10.132  -12.780 17.812  1.00 16.15 ? 125 GLU A CG  1 
ATOM 746  C CD  . GLU A 1 126 ? 9.508   -11.478 17.369  1.00 16.12 ? 125 GLU A CD  1 
ATOM 747  O OE1 . GLU A 1 126 ? 8.376   -11.194 17.809  1.00 14.09 ? 125 GLU A OE1 1 
ATOM 748  O OE2 . GLU A 1 126 ? 10.145  -10.740 16.588  1.00 12.68 ? 125 GLU A OE2 1 
ATOM 749  N N   . PHE A 1 127 ? 7.438   -13.325 21.573  1.00 16.66 ? 126 PHE A N   1 
ATOM 750  C CA  . PHE A 1 127 ? 7.037   -13.388 22.967  1.00 13.98 ? 126 PHE A CA  1 
ATOM 751  C C   . PHE A 1 127 ? 5.585   -13.837 23.020  1.00 14.93 ? 126 PHE A C   1 
ATOM 752  O O   . PHE A 1 127 ? 4.834   -13.682 22.054  1.00 14.38 ? 126 PHE A O   1 
ATOM 753  C CB  . PHE A 1 127 ? 7.212   -12.030 23.660  1.00 15.08 ? 126 PHE A CB  1 
ATOM 754  C CG  . PHE A 1 127 ? 7.091   -12.090 25.156  1.00 16.06 ? 126 PHE A CG  1 
ATOM 755  C CD1 . PHE A 1 127 ? 8.003   -12.812 25.910  1.00 15.36 ? 126 PHE A CD1 1 
ATOM 756  C CD2 . PHE A 1 127 ? 6.076   -11.413 25.811  1.00 15.41 ? 126 PHE A CD2 1 
ATOM 757  C CE1 . PHE A 1 127 ? 7.897   -12.863 27.287  1.00 14.81 ? 126 PHE A CE1 1 
ATOM 758  C CE2 . PHE A 1 127 ? 5.966   -11.462 27.188  1.00 16.97 ? 126 PHE A CE2 1 
ATOM 759  C CZ  . PHE A 1 127 ? 6.878   -12.187 27.926  1.00 15.77 ? 126 PHE A CZ  1 
ATOM 760  N N   . TYR A 1 128 ? 5.193   -14.409 24.156  1.00 14.47 ? 127 TYR A N   1 
ATOM 761  C CA  . TYR A 1 128 ? 3.925   -15.132 24.247  1.00 12.95 ? 127 TYR A CA  1 
ATOM 762  C C   . TYR A 1 128 ? 3.865   -16.247 23.206  1.00 13.50 ? 127 TYR A C   1 
ATOM 763  O O   . TYR A 1 128 ? 2.820   -16.509 22.608  1.00 13.41 ? 127 TYR A O   1 
ATOM 764  C CB  . TYR A 1 128 ? 2.732   -14.186 24.099  1.00 13.21 ? 127 TYR A CB  1 
ATOM 765  C CG  . TYR A 1 128 ? 2.672   -13.105 25.154  1.00 14.12 ? 127 TYR A CG  1 
ATOM 766  C CD1 . TYR A 1 128 ? 2.550   -13.429 26.498  1.00 14.22 ? 127 TYR A CD1 1 
ATOM 767  C CD2 . TYR A 1 128 ? 2.730   -11.763 24.806  1.00 13.75 ? 127 TYR A CD2 1 
ATOM 768  C CE1 . TYR A 1 128 ? 2.491   -12.446 27.468  1.00 15.50 ? 127 TYR A CE1 1 
ATOM 769  C CE2 . TYR A 1 128 ? 2.673   -10.774 25.770  1.00 15.45 ? 127 TYR A CE2 1 
ATOM 770  C CZ  . TYR A 1 128 ? 2.555   -11.121 27.098  1.00 19.24 ? 127 TYR A CZ  1 
ATOM 771  O OH  . TYR A 1 128 ? 2.499   -10.138 28.060  1.00 14.56 ? 127 TYR A OH  1 
ATOM 772  N N   . LYS A 1 129 ? 5.001   -16.906 22.985  1.00 15.93 ? 128 LYS A N   1 
ATOM 773  C CA  . LYS A 1 129 ? 5.038   -18.078 22.122  1.00 14.05 ? 128 LYS A CA  1 
ATOM 774  C C   . LYS A 1 129 ? 4.064   -19.135 22.618  1.00 13.42 ? 128 LYS A C   1 
ATOM 775  O O   . LYS A 1 129 ? 3.705   -19.175 23.798  1.00 16.03 ? 128 LYS A O   1 
ATOM 776  C CB  . LYS A 1 129 ? 6.452   -18.663 22.077  1.00 14.81 ? 128 LYS A CB  1 
ATOM 777  C CG  . LYS A 1 129 ? 7.428   -17.885 21.212  1.00 14.58 ? 128 LYS A CG  1 
ATOM 778  C CD  . LYS A 1 129 ? 8.788   -18.559 21.190  1.00 16.33 ? 128 LYS A CD  1 
ATOM 779  C CE  . LYS A 1 129 ? 9.770   -17.818 20.298  1.00 16.84 ? 128 LYS A CE  1 
ATOM 780  N NZ  . LYS A 1 129 ? 9.440   -17.960 18.855  1.00 16.59 ? 128 LYS A NZ  1 
ATOM 781  N N   . THR A 1 130 ? 3.642   -20.001 21.699  1.00 14.19 ? 129 THR A N   1 
ATOM 782  C CA  . THR A 1 130 ? 2.693   -21.081 21.981  1.00 13.89 ? 129 THR A CA  1 
ATOM 783  C C   . THR A 1 130 ? 1.274   -20.560 22.212  1.00 13.41 ? 129 THR A C   1 
ATOM 784  O O   . THR A 1 130 ? 0.590   -20.993 23.138  1.00 12.59 ? 129 THR A O   1 
ATOM 785  C CB  . THR A 1 130 ? 3.134   -21.935 23.176  1.00 14.61 ? 129 THR A CB  1 
ATOM 786  O OG1 . THR A 1 130 ? 2.852   -21.251 24.404  1.00 12.79 ? 129 THR A OG1 1 
ATOM 787  C CG2 . THR A 1 130 ? 4.627   -22.264 23.097  1.00 15.05 ? 129 THR A CG2 1 
ATOM 788  N N   . ARG A 1 131 ? 0.837   -19.608 21.385  1.00 11.78 ? 130 ARG A N   1 
ATOM 789  C CA  . ARG A 1 131 ? -0.587  -19.373 21.183  1.00 10.45 ? 130 ARG A CA  1 
ATOM 790  C C   . ARG A 1 131 ? -1.022  -19.542 19.733  1.00 11.81 ? 130 ARG A C   1 
ATOM 791  O O   . ARG A 1 131 ? -2.173  -19.917 19.487  1.00 13.03 ? 130 ARG A O   1 
ATOM 792  C CB  . ARG A 1 131 ? -0.971  -17.973 21.684  1.00 9.74  ? 130 ARG A CB  1 
ATOM 793  C CG  . ARG A 1 131 ? -1.045  -17.913 23.201  1.00 11.04 ? 130 ARG A CG  1 
ATOM 794  C CD  . ARG A 1 131 ? -1.746  -16.670 23.719  1.00 8.58  ? 130 ARG A CD  1 
ATOM 795  N NE  . ARG A 1 131 ? -1.747  -16.634 25.176  1.00 6.91  ? 130 ARG A NE  1 
ATOM 796  C CZ  . ARG A 1 131 ? -1.953  -15.545 25.903  1.00 6.91  ? 130 ARG A CZ  1 
ATOM 797  N NH1 . ARG A 1 131 ? -2.237  -14.381 25.342  1.00 7.40  ? 130 ARG A NH1 1 
ATOM 798  N NH2 . ARG A 1 131 ? -1.881  -15.626 27.229  1.00 5.43  ? 130 ARG A NH2 1 
ATOM 799  N N   . HIS A 1 132 ? -0.129  -19.281 18.785  1.00 11.35 ? 131 HIS A N   1 
ATOM 800  C CA  . HIS A 1 132 ? -0.259  -19.597 17.365  1.00 10.47 ? 131 HIS A CA  1 
ATOM 801  C C   . HIS A 1 132 ? -1.321  -18.802 16.613  1.00 9.77  ? 131 HIS A C   1 
ATOM 802  O O   . HIS A 1 132 ? -1.236  -18.680 15.387  1.00 11.16 ? 131 HIS A O   1 
ATOM 803  C CB  . HIS A 1 132 ? -0.610  -21.080 17.193  1.00 11.87 ? 131 HIS A CB  1 
ATOM 804  C CG  . HIS A 1 132 ? 0.268   -22.018 17.959  1.00 11.39 ? 131 HIS A CG  1 
ATOM 805  N ND1 . HIS A 1 132 ? 1.631   -22.088 17.778  1.00 11.47 ? 131 HIS A ND1 1 
ATOM 806  C CD2 . HIS A 1 132 ? -0.033  -22.938 18.906  1.00 11.19 ? 131 HIS A CD2 1 
ATOM 807  C CE1 . HIS A 1 132 ? 2.133   -23.006 18.583  1.00 11.65 ? 131 HIS A CE1 1 
ATOM 808  N NE2 . HIS A 1 132 ? 1.144   -23.536 19.279  1.00 11.70 ? 131 HIS A NE2 1 
ATOM 809  N N   . ASN A 1 133 ? -2.316  -18.254 17.306  1.00 9.34  ? 132 ASN A N   1 
ATOM 810  C CA  . ASN A 1 133 ? -3.330  -17.478 16.601  1.00 10.23 ? 132 ASN A CA  1 
ATOM 811  C C   . ASN A 1 133 ? -2.811  -16.127 16.128  1.00 10.32 ? 132 ASN A C   1 
ATOM 812  O O   . ASN A 1 133 ? -3.411  -15.516 15.238  1.00 8.66  ? 132 ASN A O   1 
ATOM 813  C CB  . ASN A 1 133 ? -4.557  -17.295 17.491  1.00 10.99 ? 132 ASN A CB  1 
ATOM 814  C CG  . ASN A 1 133 ? -5.284  -18.597 17.754  1.00 13.92 ? 132 ASN A CG  1 
ATOM 815  O OD1 . ASN A 1 133 ? -4.791  -19.675 17.423  1.00 12.72 ? 132 ASN A OD1 1 
ATOM 816  N ND2 . ASN A 1 133 ? -6.470  -18.504 18.346  1.00 14.36 ? 132 ASN A ND2 1 
ATOM 817  N N   . ILE A 1 134 ? -1.710  -15.656 16.710  1.00 11.37 ? 133 ILE A N   1 
ATOM 818  C CA  . ILE A 1 134 ? -1.102  -14.390 16.312  1.00 8.93  ? 133 ILE A CA  1 
ATOM 819  C C   . ILE A 1 134 ? -0.566  -14.443 14.886  1.00 10.02 ? 133 ILE A C   1 
ATOM 820  O O   . ILE A 1 134 ? -0.704  -13.481 14.120  1.00 12.07 ? 133 ILE A O   1 
ATOM 821  C CB  . ILE A 1 134 ? -0.006  -13.997 17.320  1.00 11.38 ? 133 ILE A CB  1 
ATOM 822  C CG1 . ILE A 1 134 ? -0.559  -14.078 18.748  1.00 10.80 ? 133 ILE A CG1 1 
ATOM 823  C CG2 . ILE A 1 134 ? 0.505   -12.593 17.023  1.00 13.02 ? 133 ILE A CG2 1 
ATOM 824  C CD1 . ILE A 1 134 ? 0.402   -13.629 19.827  1.00 13.04 ? 133 ILE A CD1 1 
ATOM 825  N N   . ILE A 1 135 ? 0.050   -15.562 14.504  1.00 9.75  ? 134 ILE A N   1 
ATOM 826  C CA  . ILE A 1 135 ? 0.546   -15.713 13.140  1.00 9.36  ? 134 ILE A CA  1 
ATOM 827  C C   . ILE A 1 135 ? -0.596  -15.753 12.129  1.00 9.68  ? 134 ILE A C   1 
ATOM 828  O O   . ILE A 1 135 ? -0.503  -15.153 11.049  1.00 8.13  ? 134 ILE A O   1 
ATOM 829  C CB  . ILE A 1 135 ? 1.426   -16.974 13.048  1.00 9.35  ? 134 ILE A CB  1 
ATOM 830  C CG1 . ILE A 1 135 ? 2.701   -16.812 13.883  1.00 9.47  ? 134 ILE A CG1 1 
ATOM 831  C CG2 . ILE A 1 135 ? 1.786   -17.280 11.598  1.00 9.69  ? 134 ILE A CG2 1 
ATOM 832  C CD1 . ILE A 1 135 ? 3.644   -15.715 13.410  1.00 12.03 ? 134 ILE A CD1 1 
ATOM 833  N N   . LEU A 1 136 ? -1.690  -16.441 12.452  1.00 10.02 ? 135 LEU A N   1 
ATOM 834  C CA  . LEU A 1 136 ? -2.860  -16.384 11.582  1.00 8.81  ? 135 LEU A CA  1 
ATOM 835  C C   . LEU A 1 136 ? -3.426  -14.971 11.483  1.00 9.05  ? 135 LEU A C   1 
ATOM 836  O O   . LEU A 1 136 ? -3.867  -14.548 10.408  1.00 9.12  ? 135 LEU A O   1 
ATOM 837  C CB  . LEU A 1 136 ? -3.926  -17.353 12.088  1.00 9.27  ? 135 LEU A CB  1 
ATOM 838  C CG  . LEU A 1 136 ? -5.237  -17.395 11.304  1.00 10.10 ? 135 LEU A CG  1 
ATOM 839  C CD1 . LEU A 1 136 ? -4.995  -17.863 9.878   1.00 9.02  ? 135 LEU A CD1 1 
ATOM 840  C CD2 . LEU A 1 136 ? -6.232  -18.298 12.002  1.00 11.95 ? 135 LEU A CD2 1 
ATOM 841  N N   . SER A 1 137 ? -3.443  -14.231 12.592  1.00 9.15  ? 136 SER A N   1 
ATOM 842  C CA  . SER A 1 137 ? -3.920  -12.853 12.544  1.00 9.64  ? 136 SER A CA  1 
ATOM 843  C C   . SER A 1 137 ? -3.034  -11.981 11.662  1.00 8.63  ? 136 SER A C   1 
ATOM 844  O O   . SER A 1 137 ? -3.532  -11.148 10.892  1.00 7.34  ? 136 SER A O   1 
ATOM 845  C CB  . SER A 1 137 ? -3.991  -12.280 13.958  1.00 10.32 ? 136 SER A CB  1 
ATOM 846  O OG  . SER A 1 137 ? -2.712  -11.870 14.406  1.00 12.42 ? 136 SER A OG  1 
ATOM 847  N N   . ALA A 1 138 ? -1.722  -12.208 11.712  1.00 8.95  ? 137 ALA A N   1 
ATOM 848  C CA  . ALA A 1 138 ? -0.801  -11.520 10.813  1.00 8.50  ? 137 ALA A CA  1 
ATOM 849  C C   . ALA A 1 138 ? -1.078  -11.862 9.355   1.00 7.67  ? 137 ALA A C   1 
ATOM 850  O O   . ALA A 1 138 ? -1.074  -10.981 8.490   1.00 6.61  ? 137 ALA A O   1 
ATOM 851  C CB  . ALA A 1 138 ? 0.640   -11.869 11.179  1.00 9.33  ? 137 ALA A CB  1 
ATOM 852  N N   . GLY A 1 139 ? -1.283  -13.141 9.057   1.00 6.99  ? 138 GLY A N   1 
ATOM 853  C CA  . GLY A 1 139 ? -1.590  -13.528 7.688   1.00 7.98  ? 138 GLY A CA  1 
ATOM 854  C C   . GLY A 1 139 ? -2.871  -12.898 7.169   1.00 7.01  ? 138 GLY A C   1 
ATOM 855  O O   . GLY A 1 139 ? -2.922  -12.394 6.043   1.00 6.79  ? 138 GLY A O   1 
ATOM 856  N N   . ILE A 1 140 ? -3.924  -12.929 7.985   1.00 6.77  ? 139 ILE A N   1 
ATOM 857  C CA  . ILE A 1 140 ? -5.194  -12.304 7.616   1.00 6.86  ? 139 ILE A CA  1 
ATOM 858  C C   . ILE A 1 140 ? -5.017  -10.813 7.362   1.00 6.82  ? 139 ILE A C   1 
ATOM 859  O O   . ILE A 1 140 ? -5.529  -10.272 6.372   1.00 6.66  ? 139 ILE A O   1 
ATOM 860  C CB  . ILE A 1 140 ? -6.248  -12.572 8.706   1.00 6.97  ? 139 ILE A CB  1 
ATOM 861  C CG1 . ILE A 1 140 ? -6.649  -14.046 8.692   1.00 8.36  ? 139 ILE A CG1 1 
ATOM 862  C CG2 . ILE A 1 140 ? -7.479  -11.693 8.500   1.00 8.75  ? 139 ILE A CG2 1 
ATOM 863  C CD1 . ILE A 1 140 ? -7.449  -14.478 9.897   1.00 8.94  ? 139 ILE A CD1 1 
ATOM 864  N N   . PHE A 1 141 ? -4.257  -10.133 8.221   1.00 6.62  ? 140 PHE A N   1 
ATOM 865  C CA  . PHE A 1 141 ? -3.941  -8.726  7.985   1.00 6.16  ? 140 PHE A CA  1 
ATOM 866  C C   . PHE A 1 141 ? -3.207  -8.518  6.665   1.00 5.93  ? 140 PHE A C   1 
ATOM 867  O O   . PHE A 1 141 ? -3.597  -7.665  5.863   1.00 6.05  ? 140 PHE A O   1 
ATOM 868  C CB  . PHE A 1 141 ? -3.111  -8.168  9.142   1.00 7.60  ? 140 PHE A CB  1 
ATOM 869  C CG  . PHE A 1 141 ? -3.907  -7.870  10.382  1.00 7.27  ? 140 PHE A CG  1 
ATOM 870  C CD1 . PHE A 1 141 ? -5.105  -7.181  10.308  1.00 8.69  ? 140 PHE A CD1 1 
ATOM 871  C CD2 . PHE A 1 141 ? -3.444  -8.258  11.625  1.00 7.83  ? 140 PHE A CD2 1 
ATOM 872  C CE1 . PHE A 1 141 ? -5.828  -6.900  11.445  1.00 8.98  ? 140 PHE A CE1 1 
ATOM 873  C CE2 . PHE A 1 141 ? -4.162  -7.973  12.766  1.00 9.15  ? 140 PHE A CE2 1 
ATOM 874  C CZ  . PHE A 1 141 ? -5.353  -7.291  12.676  1.00 9.28  ? 140 PHE A CZ  1 
ATOM 875  N N   . PHE A 1 142 ? -2.112  -9.241  6.446   1.00 6.35  ? 141 PHE A N   1 
ATOM 876  C CA  . PHE A 1 142 ? -1.321  -9.034  5.235   1.00 6.11  ? 141 PHE A CA  1 
ATOM 877  C C   . PHE A 1 142 ? -2.127  -9.293  3.964   1.00 6.53  ? 141 PHE A C   1 
ATOM 878  O O   . PHE A 1 142 ? -1.962  -8.580  2.967   1.00 5.57  ? 141 PHE A O   1 
ATOM 879  C CB  . PHE A 1 142 ? -0.078  -9.924  5.260   1.00 6.52  ? 141 PHE A CB  1 
ATOM 880  C CG  . PHE A 1 142 ? 0.931   -9.533  6.301   1.00 6.39  ? 141 PHE A CG  1 
ATOM 881  C CD1 . PHE A 1 142 ? 1.449   -8.253  6.336   1.00 8.10  ? 141 PHE A CD1 1 
ATOM 882  C CD2 . PHE A 1 142 ? 1.394   -10.458 7.216   1.00 7.23  ? 141 PHE A CD2 1 
ATOM 883  C CE1 . PHE A 1 142 ? 2.389   -7.899  7.281   1.00 9.00  ? 141 PHE A CE1 1 
ATOM 884  C CE2 . PHE A 1 142 ? 2.325   -10.107 8.167   1.00 7.81  ? 141 PHE A CE2 1 
ATOM 885  C CZ  . PHE A 1 142 ? 2.826   -8.829  8.198   1.00 8.73  ? 141 PHE A CZ  1 
ATOM 886  N N   . VAL A 1 143 ? -2.999  -10.302 3.968   1.00 5.56  ? 142 VAL A N   1 
ATOM 887  C CA  . VAL A 1 143 ? -3.839  -10.562 2.797   1.00 5.76  ? 142 VAL A CA  1 
ATOM 888  C C   . VAL A 1 143 ? -4.880  -9.457  2.604   1.00 5.40  ? 142 VAL A C   1 
ATOM 889  O O   . VAL A 1 143 ? -5.057  -8.925  1.494   1.00 5.15  ? 142 VAL A O   1 
ATOM 890  C CB  . VAL A 1 143 ? -4.499  -11.948 2.919   1.00 5.61  ? 142 VAL A CB  1 
ATOM 891  C CG1 . VAL A 1 143 ? -5.529  -12.157 1.821   1.00 4.80  ? 142 VAL A CG1 1 
ATOM 892  C CG2 . VAL A 1 143 ? -3.443  -13.039 2.873   1.00 6.41  ? 142 VAL A CG2 1 
ATOM 893  N N   . SER A 1 144 ? -5.616  -9.119  3.665   1.00 5.66  ? 143 SER A N   1 
ATOM 894  C CA  . SER A 1 144 ? -6.643  -8.098  3.523   1.00 5.48  ? 143 SER A CA  1 
ATOM 895  C C   . SER A 1 144 ? -6.057  -6.745  3.145   1.00 5.01  ? 143 SER A C   1 
ATOM 896  O O   . SER A 1 144 ? -6.708  -5.966  2.437   1.00 4.91  ? 143 SER A O   1 
ATOM 897  C CB  . SER A 1 144 ? -7.438  -7.989  4.823   1.00 5.27  ? 143 SER A CB  1 
ATOM 898  O OG  . SER A 1 144 ? -6.592  -7.661  5.909   1.00 4.83  ? 143 SER A OG  1 
ATOM 899  N N   . ALA A 1 145 ? -4.838  -6.442  3.589   1.00 4.46  ? 144 ALA A N   1 
ATOM 900  C CA  . ALA A 1 145 ? -4.195  -5.208  3.152   1.00 5.20  ? 144 ALA A CA  1 
ATOM 901  C C   . ALA A 1 145 ? -3.927  -5.212  1.653   1.00 4.95  ? 144 ALA A C   1 
ATOM 902  O O   . ALA A 1 145 ? -4.027  -4.170  0.999   1.00 4.07  ? 144 ALA A O   1 
ATOM 903  C CB  . ALA A 1 145 ? -2.897  -5.003  3.922   1.00 6.95  ? 144 ALA A CB  1 
ATOM 904  N N   . GLY A 1 146 ? -3.568  -6.366  1.093   1.00 5.38  ? 145 GLY A N   1 
ATOM 905  C CA  . GLY A 1 146 ? -3.404  -6.445  -0.350  1.00 4.99  ? 145 GLY A CA  1 
ATOM 906  C C   . GLY A 1 146 ? -4.706  -6.233  -1.097  1.00 4.93  ? 145 GLY A C   1 
ATOM 907  O O   . GLY A 1 146 ? -4.745  -5.557  -2.131  1.00 6.17  ? 145 GLY A O   1 
ATOM 908  N N   . LEU A 1 147 ? -5.798  -6.776  -0.560  1.00 5.45  ? 146 LEU A N   1 
ATOM 909  C CA  . LEU A 1 147 ? -7.112  -6.486  -1.136  1.00 4.89  ? 146 LEU A CA  1 
ATOM 910  C C   . LEU A 1 147 ? -7.450  -4.998  -1.063  1.00 5.13  ? 146 LEU A C   1 
ATOM 911  O O   . LEU A 1 147 ? -8.000  -4.422  -2.015  1.00 5.97  ? 146 LEU A O   1 
ATOM 912  C CB  . LEU A 1 147 ? -8.181  -7.309  -0.419  1.00 5.01  ? 146 LEU A CB  1 
ATOM 913  C CG  . LEU A 1 147 ? -7.978  -8.826  -0.426  1.00 4.90  ? 146 LEU A CG  1 
ATOM 914  C CD1 . LEU A 1 147 ? -9.008  -9.507  0.463   1.00 3.91  ? 146 LEU A CD1 1 
ATOM 915  C CD2 . LEU A 1 147 ? -8.048  -9.377  -1.837  1.00 4.29  ? 146 LEU A CD2 1 
ATOM 916  N N   . SER A 1 148 ? -7.111  -4.355  0.054   1.00 5.17  ? 147 SER A N   1 
ATOM 917  C CA  . SER A 1 148 ? -7.355  -2.922  0.184   1.00 4.89  ? 147 SER A CA  1 
ATOM 918  C C   . SER A 1 148 ? -6.515  -2.117  -0.799  1.00 5.65  ? 147 SER A C   1 
ATOM 919  O O   . SER A 1 148 ? -6.990  -1.130  -1.368  1.00 6.29  ? 147 SER A O   1 
ATOM 920  C CB  . SER A 1 148 ? -7.071  -2.472  1.615   1.00 6.26  ? 147 SER A CB  1 
ATOM 921  O OG  . SER A 1 148 ? -7.546  -1.157  1.837   1.00 6.16  ? 147 SER A OG  1 
ATOM 922  N N   . ASN A 1 149 ? -5.263  -2.519  -0.997  1.00 4.88  ? 148 ASN A N   1 
ATOM 923  C CA  . ASN A 1 149 ? -4.428  -1.915  -2.030  1.00 4.95  ? 148 ASN A CA  1 
ATOM 924  C C   . ASN A 1 149 ? -5.036  -2.056  -3.422  1.00 5.01  ? 148 ASN A C   1 
ATOM 925  O O   . ASN A 1 149 ? -4.987  -1.116  -4.223  1.00 4.60  ? 148 ASN A O   1 
ATOM 926  C CB  . ASN A 1 149 ? -3.034  -2.538  -1.992  1.00 5.85  ? 148 ASN A CB  1 
ATOM 927  C CG  . ASN A 1 149 ? -2.004  -1.704  -2.725  1.00 5.72  ? 148 ASN A CG  1 
ATOM 928  O OD1 . ASN A 1 149 ? -2.347  -0.784  -3.465  1.00 4.75  ? 148 ASN A OD1 1 
ATOM 929  N ND2 . ASN A 1 149 ? -0.732  -2.030  -2.529  1.00 6.16  ? 148 ASN A ND2 1 
ATOM 930  N N   . ILE A 1 150 ? -5.607  -3.222  -3.736  1.00 5.12  ? 149 ILE A N   1 
ATOM 931  C CA  . ILE A 1 150 ? -6.265  -3.386  -5.034  1.00 4.54  ? 149 ILE A CA  1 
ATOM 932  C C   . ILE A 1 150 ? -7.443  -2.426  -5.181  1.00 4.74  ? 149 ILE A C   1 
ATOM 933  O O   . ILE A 1 150 ? -7.617  -1.784  -6.227  1.00 5.01  ? 149 ILE A O   1 
ATOM 934  C CB  . ILE A 1 150 ? -6.720  -4.844  -5.231  1.00 5.28  ? 149 ILE A CB  1 
ATOM 935  C CG1 . ILE A 1 150 ? -5.525  -5.797  -5.252  1.00 5.20  ? 149 ILE A CG1 1 
ATOM 936  C CG2 . ILE A 1 150 ? -7.501  -4.989  -6.533  1.00 4.30  ? 149 ILE A CG2 1 
ATOM 937  C CD1 . ILE A 1 150 ? -5.928  -7.256  -5.129  1.00 6.06  ? 149 ILE A CD1 1 
ATOM 938  N N   . ILE A 1 151 ? -8.280  -2.324  -4.149  1.00 6.19  ? 150 ILE A N   1 
ATOM 939  C CA  . ILE A 1 151 ? -9.426  -1.415  -4.237  1.00 5.14  ? 150 ILE A CA  1 
ATOM 940  C C   . ILE A 1 151 ? -8.970  0.038   -4.337  1.00 4.92  ? 150 ILE A C   1 
ATOM 941  O O   . ILE A 1 151 ? -9.553  0.838   -5.082  1.00 5.28  ? 150 ILE A O   1 
ATOM 942  C CB  . ILE A 1 151 ? -10.377 -1.639  -3.047  1.00 5.32  ? 150 ILE A CB  1 
ATOM 943  C CG1 . ILE A 1 151 ? -11.009 -3.028  -3.142  1.00 4.51  ? 150 ILE A CG1 1 
ATOM 944  C CG2 . ILE A 1 151 ? -11.466 -0.575  -3.011  1.00 5.77  ? 150 ILE A CG2 1 
ATOM 945  C CD1 . ILE A 1 151 ? -11.779 -3.442  -1.905  1.00 4.82  ? 150 ILE A CD1 1 
ATOM 946  N N   . GLY A 1 152 ? -7.913  0.396   -3.610  1.00 4.54  ? 151 GLY A N   1 
ATOM 947  C CA  . GLY A 1 152 ? -7.300  1.706   -3.780  1.00 4.35  ? 151 GLY A CA  1 
ATOM 948  C C   . GLY A 1 152 ? -6.838  1.986   -5.196  1.00 3.80  ? 151 GLY A C   1 
ATOM 949  O O   . GLY A 1 152 ? -7.112  3.051   -5.755  1.00 4.09  ? 151 GLY A O   1 
ATOM 950  N N   . ILE A 1 153 ? -6.119  1.036   -5.792  1.00 3.71  ? 152 ILE A N   1 
ATOM 951  C CA  . ILE A 1 153 ? -5.669  1.187   -7.174  1.00 3.90  ? 152 ILE A CA  1 
ATOM 952  C C   . ILE A 1 153 ? -6.852  1.397   -8.109  1.00 3.14  ? 152 ILE A C   1 
ATOM 953  O O   . ILE A 1 153 ? -6.823  2.271   -8.983  1.00 3.29  ? 152 ILE A O   1 
ATOM 954  C CB  . ILE A 1 153 ? -4.832  -0.035  -7.591  1.00 3.72  ? 152 ILE A CB  1 
ATOM 955  C CG1 . ILE A 1 153 ? -3.457  0.013   -6.922  1.00 5.07  ? 152 ILE A CG1 1 
ATOM 956  C CG2 . ILE A 1 153 ? -4.678  -0.100  -9.106  1.00 3.68  ? 152 ILE A CG2 1 
ATOM 957  C CD1 . ILE A 1 153 ? -2.740  -1.319  -6.908  1.00 4.28  ? 152 ILE A CD1 1 
ATOM 958  N N   . ILE A 1 154 ? -7.891  0.575   -7.975  1.00 3.31  ? 153 ILE A N   1 
ATOM 959  C CA  . ILE A 1 154 ? -9.039  0.696   -8.872  1.00 3.80  ? 153 ILE A CA  1 
ATOM 960  C C   . ILE A 1 154 ? -9.717  2.054   -8.712  1.00 3.35  ? 153 ILE A C   1 
ATOM 961  O O   . ILE A 1 154 ? -10.041 2.724   -9.705  1.00 2.99  ? 153 ILE A O   1 
ATOM 962  C CB  . ILE A 1 154 ? -10.029 -0.462  -8.644  1.00 3.90  ? 153 ILE A CB  1 
ATOM 963  C CG1 . ILE A 1 154 ? -9.431  -1.778  -9.135  1.00 3.61  ? 153 ILE A CG1 1 
ATOM 964  C CG2 . ILE A 1 154 ? -11.339 -0.200  -9.363  1.00 3.95  ? 153 ILE A CG2 1 
ATOM 965  C CD1 . ILE A 1 154 ? -10.144 -3.007  -8.610  1.00 3.33  ? 153 ILE A CD1 1 
ATOM 966  N N   . VAL A 1 155 ? -9.896  2.506   -7.469  1.00 3.32  ? 154 VAL A N   1 
ATOM 967  C CA  . VAL A 1 155 ? -10.480 3.826   -7.237  1.00 3.78  ? 154 VAL A CA  1 
ATOM 968  C C   . VAL A 1 155 ? -9.626  4.924   -7.859  1.00 3.83  ? 154 VAL A C   1 
ATOM 969  O O   . VAL A 1 155 ? -10.154 5.864   -8.461  1.00 3.83  ? 154 VAL A O   1 
ATOM 970  C CB  . VAL A 1 155 ? -10.690 4.059   -5.731  1.00 3.86  ? 154 VAL A CB  1 
ATOM 971  C CG1 . VAL A 1 155 ? -11.082 5.504   -5.461  1.00 4.08  ? 154 VAL A CG1 1 
ATOM 972  C CG2 . VAL A 1 155 ? -11.756 3.121   -5.197  1.00 4.77  ? 154 VAL A CG2 1 
ATOM 973  N N   . TYR A 1 156 ? -8.305  4.837   -7.727  1.00 3.39  ? 155 TYR A N   1 
ATOM 974  C CA  . TYR A 1 156 ? -7.450  5.887   -8.275  1.00 3.30  ? 155 TYR A CA  1 
ATOM 975  C C   . TYR A 1 156 ? -7.490  5.897   -9.798  1.00 3.20  ? 155 TYR A C   1 
ATOM 976  O O   . TYR A 1 156 ? -7.683  6.953   -10.421 1.00 3.08  ? 155 TYR A O   1 
ATOM 977  C CB  . TYR A 1 156 ? -6.020  5.705   -7.769  1.00 3.32  ? 155 TYR A CB  1 
ATOM 978  C CG  . TYR A 1 156 ? -5.102  6.863   -8.074  1.00 3.89  ? 155 TYR A CG  1 
ATOM 979  C CD1 . TYR A 1 156 ? -5.117  8.012   -7.299  1.00 3.83  ? 155 TYR A CD1 1 
ATOM 980  C CD2 . TYR A 1 156 ? -4.214  6.804   -9.135  1.00 3.66  ? 155 TYR A CD2 1 
ATOM 981  C CE1 . TYR A 1 156 ? -4.289  9.078   -7.587  1.00 4.66  ? 155 TYR A CE1 1 
ATOM 982  C CE2 . TYR A 1 156 ? -3.373  7.855   -9.422  1.00 3.17  ? 155 TYR A CE2 1 
ATOM 983  C CZ  . TYR A 1 156 ? -3.408  8.986   -8.641  1.00 4.43  ? 155 TYR A CZ  1 
ATOM 984  O OH  . TYR A 1 156 ? -2.554  10.031  -8.914  1.00 4.73  ? 155 TYR A OH  1 
ATOM 985  N N   . ILE A 1 157 ? -7.373  4.719   -10.412 1.00 3.06  ? 156 ILE A N   1 
ATOM 986  C CA  . ILE A 1 157 ? -7.414  4.621   -11.864 1.00 3.04  ? 156 ILE A CA  1 
ATOM 987  C C   . ILE A 1 157 ? -8.736  5.137   -12.406 1.00 3.39  ? 156 ILE A C   1 
ATOM 988  O O   . ILE A 1 157 ? -8.775  5.723   -13.495 1.00 3.63  ? 156 ILE A O   1 
ATOM 989  C CB  . ILE A 1 157 ? -7.157  3.167   -12.308 1.00 3.16  ? 156 ILE A CB  1 
ATOM 990  C CG1 . ILE A 1 157 ? -5.754  2.711   -11.898 1.00 3.23  ? 156 ILE A CG1 1 
ATOM 991  C CG2 . ILE A 1 157 ? -7.343  3.024   -13.808 1.00 2.73  ? 156 ILE A CG2 1 
ATOM 992  C CD1 . ILE A 1 157 ? -4.632  3.376   -12.653 1.00 3.46  ? 156 ILE A CD1 1 
ATOM 993  N N   . SER A 1 158 ? -9.837  4.943   -11.676 1.00 3.36  ? 157 SER A N   1 
ATOM 994  C CA  . SER A 1 158 ? -11.125 5.333   -12.233 1.00 3.47  ? 157 SER A CA  1 
ATOM 995  C C   . SER A 1 158 ? -11.494 6.776   -11.911 1.00 3.49  ? 157 SER A C   1 
ATOM 996  O O   . SER A 1 158 ? -12.191 7.418   -12.705 1.00 2.84  ? 157 SER A O   1 
ATOM 997  C CB  . SER A 1 158 ? -12.222 4.404   -11.722 1.00 3.23  ? 157 SER A CB  1 
ATOM 998  O OG  . SER A 1 158 ? -13.377 4.508   -12.533 1.00 3.79  ? 157 SER A OG  1 
ATOM 999  N N   . ALA A 1 159 ? -11.046 7.305   -10.771 1.00 3.40  ? 158 ALA A N   1 
ATOM 1000 C CA  . ALA A 1 159 ? -11.217 8.726   -10.498 1.00 3.52  ? 158 ALA A CA  1 
ATOM 1001 C C   . ALA A 1 159 ? -10.405 9.577   -11.467 1.00 4.16  ? 158 ALA A C   1 
ATOM 1002 O O   . ALA A 1 159 ? -10.851 10.654  -11.879 1.00 4.19  ? 158 ALA A O   1 
ATOM 1003 C CB  . ALA A 1 159 ? -10.822 9.031   -9.055  1.00 3.95  ? 158 ALA A CB  1 
ATOM 1004 N N   . ASN A 1 160 ? -9.212  9.109   -11.846 1.00 4.04  ? 159 ASN A N   1 
ATOM 1005 C CA  . ASN A 1 160 ? -8.457  9.757   -12.914 1.00 3.71  ? 159 ASN A CA  1 
ATOM 1006 C C   . ASN A 1 160 ? -9.064  9.562   -14.296 1.00 4.08  ? 159 ASN A C   1 
ATOM 1007 O O   . ASN A 1 160 ? -8.658  10.263  -15.229 1.00 5.35  ? 159 ASN A O   1 
ATOM 1008 C CB  . ASN A 1 160 ? -7.020  9.248   -12.909 1.00 3.83  ? 159 ASN A CB  1 
ATOM 1009 C CG  . ASN A 1 160 ? -6.240  9.756   -11.722 1.00 3.99  ? 159 ASN A CG  1 
ATOM 1010 O OD1 . ASN A 1 160 ? -5.978  10.952  -11.602 1.00 4.54  ? 159 ASN A OD1 1 
ATOM 1011 N ND2 . ASN A 1 160 ? -5.880  8.853   -10.828 1.00 3.60  ? 159 ASN A ND2 1 
ATOM 1012 N N   . ALA A 1 161 ? -10.016 8.649   -14.459 1.00 3.81  ? 160 ALA A N   1 
ATOM 1013 C CA  . ALA A 1 161 ? -10.808 8.599   -15.680 1.00 4.48  ? 160 ALA A CA  1 
ATOM 1014 C C   . ALA A 1 161 ? -11.906 9.653   -15.719 1.00 3.20  ? 160 ALA A C   1 
ATOM 1015 O O   . ALA A 1 161 ? -12.613 9.748   -16.728 1.00 3.32  ? 160 ALA A O   1 
ATOM 1016 C CB  . ALA A 1 161 ? -11.428 7.208   -15.844 1.00 3.78  ? 160 ALA A CB  1 
ATOM 1017 N N   . GLY A 1 162 ? -12.073 10.431  -14.656 1.00 4.16  ? 161 GLY A N   1 
ATOM 1018 C CA  . GLY A 1 162 ? -12.964 11.574  -14.680 1.00 4.34  ? 161 GLY A CA  1 
ATOM 1019 C C   . GLY A 1 162 ? -12.330 12.764  -15.375 1.00 3.89  ? 161 GLY A C   1 
ATOM 1020 O O   . GLY A 1 162 ? -11.105 12.882  -15.423 1.00 3.48  ? 161 GLY A O   1 
ATOM 1021 N N   . ASN A 1 172 ? -3.559  11.999  -24.893 1.00 11.15 ? 171 ASN A N   1 
ATOM 1022 C CA  . ASN A 1 172 ? -3.617  12.163  -23.446 1.00 9.95  ? 171 ASN A CA  1 
ATOM 1023 C C   . ASN A 1 172 ? -2.217  12.057  -22.851 1.00 7.75  ? 171 ASN A C   1 
ATOM 1024 O O   . ASN A 1 172 ? -1.909  12.693  -21.846 1.00 8.35  ? 171 ASN A O   1 
ATOM 1025 C CB  . ASN A 1 172 ? -4.540  11.110  -22.830 1.00 10.18 ? 171 ASN A CB  1 
ATOM 1026 C CG  . ASN A 1 172 ? -5.925  11.114  -23.449 1.00 10.80 ? 171 ASN A CG  1 
ATOM 1027 O OD1 . ASN A 1 172 ? -6.504  12.172  -23.697 1.00 12.32 ? 171 ASN A OD1 1 
ATOM 1028 N ND2 . ASN A 1 172 ? -6.460  9.927   -23.708 1.00 10.82 ? 171 ASN A ND2 1 
ATOM 1029 N N   . SER A 1 173 ? -1.382  11.227  -23.475 1.00 9.54  ? 172 SER A N   1 
ATOM 1030 C CA  . SER A 1 173 ? 0.053   11.180  -23.216 1.00 6.78  ? 172 SER A CA  1 
ATOM 1031 C C   . SER A 1 173 ? 0.415   10.870  -21.764 1.00 6.92  ? 172 SER A C   1 
ATOM 1032 O O   . SER A 1 173 ? 1.600   10.877  -21.413 1.00 8.13  ? 172 SER A O   1 
ATOM 1033 C CB  . SER A 1 173 ? 0.700   12.507  -23.632 1.00 9.78  ? 172 SER A CB  1 
ATOM 1034 O OG  . SER A 1 173 ? 0.468   13.534  -22.680 1.00 6.94  ? 172 SER A OG  1 
ATOM 1035 N N   . TYR A 1 174 ? -0.570  10.596  -20.913 1.00 6.04  ? 173 TYR A N   1 
ATOM 1036 C CA  . TYR A 1 174 ? -0.288  10.389  -19.499 1.00 6.06  ? 173 TYR A CA  1 
ATOM 1037 C C   . TYR A 1 174 ? 0.463   9.078   -19.278 1.00 4.35  ? 173 TYR A C   1 
ATOM 1038 O O   . TYR A 1 174 ? 0.430   8.164   -20.106 1.00 8.27  ? 173 TYR A O   1 
ATOM 1039 C CB  . TYR A 1 174 ? -1.581  10.419  -18.681 1.00 5.58  ? 173 TYR A CB  1 
ATOM 1040 C CG  . TYR A 1 174 ? -2.596  9.361   -19.033 1.00 4.82  ? 173 TYR A CG  1 
ATOM 1041 C CD1 . TYR A 1 174 ? -3.427  9.510   -20.133 1.00 6.83  ? 173 TYR A CD1 1 
ATOM 1042 C CD2 . TYR A 1 174 ? -2.755  8.232   -18.242 1.00 4.55  ? 173 TYR A CD2 1 
ATOM 1043 C CE1 . TYR A 1 174 ? -4.367  8.551   -20.452 1.00 7.39  ? 173 TYR A CE1 1 
ATOM 1044 C CE2 . TYR A 1 174 ? -3.693  7.271   -18.552 1.00 4.43  ? 173 TYR A CE2 1 
ATOM 1045 C CZ  . TYR A 1 174 ? -4.494  7.436   -19.657 1.00 5.80  ? 173 TYR A CZ  1 
ATOM 1046 O OH  . TYR A 1 174 ? -5.432  6.481   -19.971 1.00 10.68 ? 173 TYR A OH  1 
ATOM 1047 N N   . SER A 1 175 ? 1.160   8.997   -18.143 1.00 3.45  ? 174 SER A N   1 
ATOM 1048 C CA  . SER A 1 175 ? 1.871   7.781   -17.769 1.00 4.15  ? 174 SER A CA  1 
ATOM 1049 C C   . SER A 1 175 ? 2.049   7.740   -16.256 1.00 4.17  ? 174 SER A C   1 
ATOM 1050 O O   . SER A 1 175 ? 2.042   8.772   -15.582 1.00 5.87  ? 174 SER A O   1 
ATOM 1051 C CB  . SER A 1 175 ? 3.228   7.682   -18.476 1.00 5.78  ? 174 SER A CB  1 
ATOM 1052 O OG  . SER A 1 175 ? 4.130   8.676   -18.015 1.00 5.40  ? 174 SER A OG  1 
ATOM 1053 N N   . TYR A 1 176 ? 2.206   6.523   -15.735 1.00 3.89  ? 175 TYR A N   1 
ATOM 1054 C CA  . TYR A 1 176 ? 2.297   6.271   -14.303 1.00 4.24  ? 175 TYR A CA  1 
ATOM 1055 C C   . TYR A 1 176 ? 3.745   6.314   -13.820 1.00 3.94  ? 175 TYR A C   1 
ATOM 1056 O O   . TYR A 1 176 ? 4.679   6.031   -14.575 1.00 5.91  ? 175 TYR A O   1 
ATOM 1057 C CB  . TYR A 1 176 ? 1.669   4.918   -13.964 1.00 4.90  ? 175 TYR A CB  1 
ATOM 1058 C CG  . TYR A 1 176 ? 0.191   4.868   -14.254 1.00 4.45  ? 175 TYR A CG  1 
ATOM 1059 C CD1 . TYR A 1 176 ? -0.733  5.319   -13.325 1.00 3.73  ? 175 TYR A CD1 1 
ATOM 1060 C CD2 . TYR A 1 176 ? -0.281  4.393   -15.468 1.00 4.49  ? 175 TYR A CD2 1 
ATOM 1061 C CE1 . TYR A 1 176 ? -2.083  5.283   -13.590 1.00 2.72  ? 175 TYR A CE1 1 
ATOM 1062 C CE2 . TYR A 1 176 ? -1.629  4.358   -15.742 1.00 3.84  ? 175 TYR A CE2 1 
ATOM 1063 C CZ  . TYR A 1 176 ? -2.525  4.810   -14.802 1.00 3.49  ? 175 TYR A CZ  1 
ATOM 1064 O OH  . TYR A 1 176 ? -3.869  4.782   -15.078 1.00 3.91  ? 175 TYR A OH  1 
ATOM 1065 N N   . GLY A 1 177 ? 3.921   6.668   -12.542 1.00 5.12  ? 176 GLY A N   1 
ATOM 1066 C CA  . GLY A 1 177 ? 5.229   6.881   -11.966 1.00 5.19  ? 176 GLY A CA  1 
ATOM 1067 C C   . GLY A 1 177 ? 5.574   5.915   -10.839 1.00 5.56  ? 176 GLY A C   1 
ATOM 1068 O O   . GLY A 1 177 ? 4.741   5.135   -10.363 1.00 5.66  ? 176 GLY A O   1 
ATOM 1069 N N   . TRP A 1 178 ? 6.838   5.998   -10.411 1.00 5.98  ? 177 TRP A N   1 
ATOM 1070 C CA  . TRP A 1 178 ? 7.430   4.987   -9.536  1.00 6.66  ? 177 TRP A CA  1 
ATOM 1071 C C   . TRP A 1 178 ? 6.626   4.739   -8.266  1.00 6.46  ? 177 TRP A C   1 
ATOM 1072 O O   . TRP A 1 178 ? 6.646   3.622   -7.736  1.00 8.44  ? 177 TRP A O   1 
ATOM 1073 C CB  . TRP A 1 178 ? 8.879   5.343   -9.193  1.00 8.03  ? 177 TRP A CB  1 
ATOM 1074 C CG  . TRP A 1 178 ? 9.101   6.558   -8.356  1.00 5.68  ? 177 TRP A CG  1 
ATOM 1075 C CD1 . TRP A 1 178 ? 9.017   6.652   -6.998  1.00 6.58  ? 177 TRP A CD1 1 
ATOM 1076 C CD2 . TRP A 1 178 ? 9.501   7.848   -8.822  1.00 6.76  ? 177 TRP A CD2 1 
ATOM 1077 N NE1 . TRP A 1 178 ? 9.307   7.929   -6.593  1.00 4.62  ? 177 TRP A NE1 1 
ATOM 1078 C CE2 . TRP A 1 178 ? 9.622   8.681   -7.694  1.00 5.90  ? 177 TRP A CE2 1 
ATOM 1079 C CE3 . TRP A 1 178 ? 9.784   8.377   -10.086 1.00 7.52  ? 177 TRP A CE3 1 
ATOM 1080 C CZ2 . TRP A 1 178 ? 9.994   10.017  -7.792  1.00 6.05  ? 177 TRP A CZ2 1 
ATOM 1081 C CZ3 . TRP A 1 178 ? 10.127  9.712   -10.184 1.00 6.81  ? 177 TRP A CZ3 1 
ATOM 1082 C CH2 . TRP A 1 178 ? 10.251  10.512  -9.041  1.00 6.18  ? 177 TRP A CH2 1 
ATOM 1083 N N   . SER A 1 179 ? 5.920   5.745   -7.756  1.00 6.47  ? 178 SER A N   1 
ATOM 1084 C CA  . SER A 1 179 ? 5.154   5.545   -6.529  1.00 6.49  ? 178 SER A CA  1 
ATOM 1085 C C   . SER A 1 179 ? 3.929   4.665   -6.745  1.00 5.68  ? 178 SER A C   1 
ATOM 1086 O O   . SER A 1 179 ? 3.513   3.955   -5.823  1.00 7.08  ? 178 SER A O   1 
ATOM 1087 C CB  . SER A 1 179 ? 4.732   6.896   -5.964  1.00 6.27  ? 178 SER A CB  1 
ATOM 1088 O OG  . SER A 1 179 ? 3.765   7.493   -6.799  1.00 6.05  ? 178 SER A OG  1 
ATOM 1089 N N   . PHE A 1 180 ? 3.336   4.696   -7.936  1.00 6.18  ? 179 PHE A N   1 
ATOM 1090 C CA  . PHE A 1 180 ? 2.280   3.742   -8.266  1.00 6.41  ? 179 PHE A CA  1 
ATOM 1091 C C   . PHE A 1 180 ? 2.832   2.320   -8.329  1.00 6.45  ? 179 PHE A C   1 
ATOM 1092 O O   . PHE A 1 180 ? 2.255   1.385   -7.754  1.00 6.74  ? 179 PHE A O   1 
ATOM 1093 C CB  . PHE A 1 180 ? 1.633   4.142   -9.591  1.00 5.71  ? 179 PHE A CB  1 
ATOM 1094 C CG  . PHE A 1 180 ? 0.741   3.091   -10.177 1.00 4.89  ? 179 PHE A CG  1 
ATOM 1095 C CD1 . PHE A 1 180 ? -0.578  2.987   -9.778  1.00 6.80  ? 179 PHE A CD1 1 
ATOM 1096 C CD2 . PHE A 1 180 ? 1.216   2.223   -11.144 1.00 6.51  ? 179 PHE A CD2 1 
ATOM 1097 C CE1 . PHE A 1 180 ? -1.402  2.027   -10.322 1.00 6.20  ? 179 PHE A CE1 1 
ATOM 1098 C CE2 . PHE A 1 180 ? 0.396   1.264   -11.692 1.00 6.59  ? 179 PHE A CE2 1 
ATOM 1099 C CZ  . PHE A 1 180 ? -0.915  1.164   -11.281 1.00 4.91  ? 179 PHE A CZ  1 
ATOM 1100 N N   . TYR A 1 181 ? 3.961   2.143   -9.015  1.00 5.61  ? 180 TYR A N   1 
ATOM 1101 C CA  . TYR A 1 181 ? 4.581   0.827   -9.114  1.00 5.99  ? 180 TYR A CA  1 
ATOM 1102 C C   . TYR A 1 181 ? 5.066   0.328   -7.758  1.00 6.09  ? 180 TYR A C   1 
ATOM 1103 O O   . TYR A 1 181 ? 5.021   -0.875  -7.490  1.00 5.57  ? 180 TYR A O   1 
ATOM 1104 C CB  . TYR A 1 181 ? 5.736   0.855   -10.117 1.00 5.51  ? 180 TYR A CB  1 
ATOM 1105 C CG  . TYR A 1 181 ? 5.390   1.440   -11.471 1.00 5.82  ? 180 TYR A CG  1 
ATOM 1106 C CD1 . TYR A 1 181 ? 4.548   0.771   -12.346 1.00 4.53  ? 180 TYR A CD1 1 
ATOM 1107 C CD2 . TYR A 1 181 ? 5.920   2.655   -11.877 1.00 6.72  ? 180 TYR A CD2 1 
ATOM 1108 C CE1 . TYR A 1 181 ? 4.260   1.281   -13.590 1.00 4.93  ? 180 TYR A CE1 1 
ATOM 1109 C CE2 . TYR A 1 181 ? 5.635   3.179   -13.117 1.00 6.01  ? 180 TYR A CE2 1 
ATOM 1110 C CZ  . TYR A 1 181 ? 4.807   2.489   -13.972 1.00 5.61  ? 180 TYR A CZ  1 
ATOM 1111 O OH  . TYR A 1 181 ? 4.492   3.036   -15.195 1.00 5.54  ? 180 TYR A OH  1 
ATOM 1112 N N   . PHE A 1 182 ? 5.545   1.222   -6.893  1.00 6.83  ? 181 PHE A N   1 
ATOM 1113 C CA  . PHE A 1 182 ? 5.842   0.809   -5.522  1.00 7.38  ? 181 PHE A CA  1 
ATOM 1114 C C   . PHE A 1 182 ? 4.590   0.382   -4.763  1.00 6.61  ? 181 PHE A C   1 
ATOM 1115 O O   . PHE A 1 182 ? 4.642   -0.553  -3.960  1.00 7.75  ? 181 PHE A O   1 
ATOM 1116 C CB  . PHE A 1 182 ? 6.553   1.936   -4.768  1.00 6.01  ? 181 PHE A CB  1 
ATOM 1117 C CG  . PHE A 1 182 ? 8.017   2.072   -5.097  1.00 7.94  ? 181 PHE A CG  1 
ATOM 1118 C CD1 . PHE A 1 182 ? 8.592   1.358   -6.138  1.00 9.60  ? 181 PHE A CD1 1 
ATOM 1119 C CD2 . PHE A 1 182 ? 8.822   2.919   -4.354  1.00 8.09  ? 181 PHE A CD2 1 
ATOM 1120 C CE1 . PHE A 1 182 ? 9.933   1.493   -6.432  1.00 9.36  ? 181 PHE A CE1 1 
ATOM 1121 C CE2 . PHE A 1 182 ? 10.161  3.053   -4.641  1.00 7.52  ? 181 PHE A CE2 1 
ATOM 1122 C CZ  . PHE A 1 182 ? 10.719  2.339   -5.680  1.00 9.02  ? 181 PHE A CZ  1 
ATOM 1123 N N   . GLY A 1 183 ? 3.458   1.043   -4.994  1.00 6.68  ? 182 GLY A N   1 
ATOM 1124 C CA  . GLY A 1 183 ? 2.195   0.538   -4.466  1.00 6.98  ? 182 GLY A CA  1 
ATOM 1125 C C   . GLY A 1 183 ? 1.861   -0.876  -4.909  1.00 5.71  ? 182 GLY A C   1 
ATOM 1126 O O   . GLY A 1 183 ? 1.508   -1.741  -4.093  1.00 7.10  ? 182 GLY A O   1 
ATOM 1127 N N   . ALA A 1 184 ? 2.007   -1.150  -6.206  1.00 7.30  ? 183 ALA A N   1 
ATOM 1128 C CA  . ALA A 1 184 ? 1.774   -2.510  -6.688  1.00 7.00  ? 183 ALA A CA  1 
ATOM 1129 C C   . ALA A 1 184 ? 2.786   -3.509  -6.136  1.00 6.64  ? 183 ALA A C   1 
ATOM 1130 O O   . ALA A 1 184 ? 2.421   -4.646  -5.806  1.00 6.91  ? 183 ALA A O   1 
ATOM 1131 C CB  . ALA A 1 184 ? 1.797   -2.527  -8.215  1.00 5.38  ? 183 ALA A CB  1 
ATOM 1132 N N   . LEU A 1 185 ? 4.056   -3.125  -6.035  1.00 6.14  ? 184 LEU A N   1 
ATOM 1133 C CA  . LEU A 1 185 ? 5.035   -4.035  -5.453  1.00 7.33  ? 184 LEU A CA  1 
ATOM 1134 C C   . LEU A 1 185 ? 4.754   -4.288  -3.979  1.00 7.49  ? 184 LEU A C   1 
ATOM 1135 O O   . LEU A 1 185 ? 4.990   -5.396  -3.483  1.00 7.98  ? 184 LEU A O   1 
ATOM 1136 C CB  . LEU A 1 185 ? 6.442   -3.470  -5.637  1.00 7.22  ? 184 LEU A CB  1 
ATOM 1137 C CG  . LEU A 1 185 ? 7.610   -4.374  -5.244  1.00 8.12  ? 184 LEU A CG  1 
ATOM 1138 C CD1 . LEU A 1 185 ? 7.681   -5.597  -6.142  1.00 8.40  ? 184 LEU A CD1 1 
ATOM 1139 C CD2 . LEU A 1 185 ? 8.915   -3.598  -5.287  1.00 7.61  ? 184 LEU A CD2 1 
ATOM 1140 N N   . SER A 1 186 ? 4.229   -3.290  -3.269  1.00 6.25  ? 185 SER A N   1 
ATOM 1141 C CA  . SER A 1 186 ? 3.805   -3.509  -1.894  1.00 7.82  ? 185 SER A CA  1 
ATOM 1142 C C   . SER A 1 186 ? 2.683   -4.532  -1.818  1.00 8.35  ? 185 SER A C   1 
ATOM 1143 O O   . SER A 1 186 ? 2.698   -5.410  -0.952  1.00 8.64  ? 185 SER A O   1 
ATOM 1144 C CB  . SER A 1 186 ? 3.367   -2.192  -1.263  1.00 7.80  ? 185 SER A CB  1 
ATOM 1145 O OG  . SER A 1 186 ? 3.071   -2.374  0.110   1.00 9.22  ? 185 SER A OG  1 
ATOM 1146 N N   . PHE A 1 187 ? 1.707   -4.440  -2.719  1.00 7.45  ? 186 PHE A N   1 
ATOM 1147 C CA  . PHE A 1 187 ? 0.672   -5.474  -2.790  1.00 7.05  ? 186 PHE A CA  1 
ATOM 1148 C C   . PHE A 1 187 ? 1.259   -6.864  -3.045  1.00 6.86  ? 186 PHE A C   1 
ATOM 1149 O O   . PHE A 1 187 ? 0.910   -7.842  -2.365  1.00 6.41  ? 186 PHE A O   1 
ATOM 1150 C CB  . PHE A 1 187 ? -0.341  -5.113  -3.876  1.00 6.73  ? 186 PHE A CB  1 
ATOM 1151 C CG  . PHE A 1 187 ? -1.097  -6.288  -4.412  1.00 5.89  ? 186 PHE A CG  1 
ATOM 1152 C CD1 . PHE A 1 187 ? -2.007  -6.964  -3.626  1.00 7.00  ? 186 PHE A CD1 1 
ATOM 1153 C CD2 . PHE A 1 187 ? -0.894  -6.719  -5.709  1.00 7.20  ? 186 PHE A CD2 1 
ATOM 1154 C CE1 . PHE A 1 187 ? -2.695  -8.047  -4.121  1.00 6.32  ? 186 PHE A CE1 1 
ATOM 1155 C CE2 . PHE A 1 187 ? -1.582  -7.800  -6.210  1.00 6.36  ? 186 PHE A CE2 1 
ATOM 1156 C CZ  . PHE A 1 187 ? -2.484  -8.464  -5.415  1.00 5.84  ? 186 PHE A CZ  1 
ATOM 1157 N N   . ILE A 1 188 ? 2.155   -6.967  -4.029  1.00 6.80  ? 187 ILE A N   1 
ATOM 1158 C CA  . ILE A 1 188 ? 2.741   -8.260  -4.388  1.00 6.25  ? 187 ILE A CA  1 
ATOM 1159 C C   . ILE A 1 188 ? 3.509   -8.868  -3.220  1.00 6.59  ? 187 ILE A C   1 
ATOM 1160 O O   . ILE A 1 188 ? 3.406   -10.071 -2.955  1.00 8.56  ? 187 ILE A O   1 
ATOM 1161 C CB  . ILE A 1 188 ? 3.632   -8.116  -5.638  1.00 6.35  ? 187 ILE A CB  1 
ATOM 1162 C CG1 . ILE A 1 188 ? 2.789   -7.706  -6.847  1.00 6.29  ? 187 ILE A CG1 1 
ATOM 1163 C CG2 . ILE A 1 188 ? 4.358   -9.421  -5.937  1.00 6.04  ? 187 ILE A CG2 1 
ATOM 1164 C CD1 . ILE A 1 188 ? 3.601   -7.224  -8.028  1.00 6.42  ? 187 ILE A CD1 1 
ATOM 1165 N N   . ILE A 1 189 ? 4.288   -8.058  -2.502  1.00 6.58  ? 188 ILE A N   1 
ATOM 1166 C CA  . ILE A 1 189 ? 5.032   -8.580  -1.356  1.00 6.88  ? 188 ILE A CA  1 
ATOM 1167 C C   . ILE A 1 189 ? 4.102   -8.879  -0.183  1.00 8.38  ? 188 ILE A C   1 
ATOM 1168 O O   . ILE A 1 189 ? 4.335   -9.827  0.580   1.00 8.49  ? 188 ILE A O   1 
ATOM 1169 C CB  . ILE A 1 189 ? 6.162   -7.605  -0.967  1.00 7.20  ? 188 ILE A CB  1 
ATOM 1170 C CG1 . ILE A 1 189 ? 7.368   -7.754  -1.904  1.00 7.17  ? 188 ILE A CG1 1 
ATOM 1171 C CG2 . ILE A 1 189 ? 6.624   -7.828  0.471   1.00 8.19  ? 188 ILE A CG2 1 
ATOM 1172 C CD1 . ILE A 1 189 ? 7.051   -7.815  -3.385  1.00 7.26  ? 188 ILE A CD1 1 
ATOM 1173 N N   . ALA A 1 190 ? 3.085   -8.044  0.026   1.00 6.65  ? 189 ALA A N   1 
ATOM 1174 C CA  . ALA A 1 190 ? 2.134   -8.291  1.102   1.00 7.46  ? 189 ALA A CA  1 
ATOM 1175 C C   . ALA A 1 190 ? 1.467   -9.650  0.953   1.00 7.23  ? 189 ALA A C   1 
ATOM 1176 O O   . ALA A 1 190 ? 1.316   -10.388 1.933   1.00 6.85  ? 189 ALA A O   1 
ATOM 1177 C CB  . ALA A 1 190 ? 1.084   -7.182  1.129   1.00 7.30  ? 189 ALA A CB  1 
ATOM 1178 N N   . GLU A 1 191 ? 1.056   -9.996  -0.268  1.00 6.61  ? 190 GLU A N   1 
ATOM 1179 C CA  . GLU A 1 191 ? 0.450   -11.306 -0.504  1.00 6.82  ? 190 GLU A CA  1 
ATOM 1180 C C   . GLU A 1 191 ? 1.411   -12.461 -0.212  1.00 8.49  ? 190 GLU A C   1 
ATOM 1181 O O   . GLU A 1 191 ? 1.003   -13.494 0.336   1.00 9.43  ? 190 GLU A O   1 
ATOM 1182 C CB  . GLU A 1 191 ? -0.058  -11.383 -1.941  1.00 6.92  ? 190 GLU A CB  1 
ATOM 1183 C CG  . GLU A 1 191 ? -1.205  -10.430 -2.232  1.00 7.36  ? 190 GLU A CG  1 
ATOM 1184 C CD  . GLU A 1 191 ? -2.462  -10.768 -1.460  1.00 7.23  ? 190 GLU A CD  1 
ATOM 1185 O OE1 . GLU A 1 191 ? -2.799  -11.966 -1.361  1.00 5.31  ? 190 GLU A OE1 1 
ATOM 1186 O OE2 . GLU A 1 191 ? -3.109  -9.834  -0.946  1.00 6.38  ? 190 GLU A OE2 1 
ATOM 1187 N N   . MET A 1 192 ? 2.698   -12.291 -0.516  1.00 8.46  ? 191 MET A N   1 
ATOM 1188 C CA  . MET A 1 192 ? 3.683   -13.318 -0.177  1.00 8.83  ? 191 MET A CA  1 
ATOM 1189 C C   . MET A 1 192 ? 3.870   -13.470 1.329   1.00 8.48  ? 191 MET A C   1 
ATOM 1190 O O   . MET A 1 192 ? 3.923   -14.595 1.841   1.00 8.06  ? 191 MET A O   1 
ATOM 1191 C CB  . MET A 1 192 ? 5.022   -13.004 -0.839  1.00 9.26  ? 191 MET A CB  1 
ATOM 1192 C CG  . MET A 1 192 ? 5.050   -13.258 -2.334  1.00 12.40 ? 191 MET A CG  1 
ATOM 1193 S SD  . MET A 1 192 ? 6.626   -12.818 -3.091  1.00 17.50 ? 191 MET A SD  1 
ATOM 1194 C CE  . MET A 1 192 ? 7.780   -13.708 -2.048  1.00 11.84 ? 191 MET A CE  1 
ATOM 1195 N N   . VAL A 1 193 ? 4.025   -12.363 2.051   1.00 7.28  ? 192 VAL A N   1 
ATOM 1196 C CA  . VAL A 1 193 ? 4.168   -12.475 3.503   1.00 8.23  ? 192 VAL A CA  1 
ATOM 1197 C C   . VAL A 1 193 ? 2.909   -13.070 4.121   1.00 8.28  ? 192 VAL A C   1 
ATOM 1198 O O   . VAL A 1 193 ? 2.980   -13.844 5.083   1.00 8.81  ? 192 VAL A O   1 
ATOM 1199 C CB  . VAL A 1 193 ? 4.518   -11.111 4.127   1.00 9.45  ? 192 VAL A CB  1 
ATOM 1200 C CG1 . VAL A 1 193 ? 3.486   -10.067 3.770   1.00 8.43  ? 192 VAL A CG1 1 
ATOM 1201 C CG2 . VAL A 1 193 ? 4.653   -11.237 5.640   1.00 9.48  ? 192 VAL A CG2 1 
ATOM 1202 N N   . GLY A 1 194 ? 1.743   -12.747 3.565   1.00 8.59  ? 193 GLY A N   1 
ATOM 1203 C CA  . GLY A 1 194 ? 0.520   -13.427 3.965   1.00 8.22  ? 193 GLY A CA  1 
ATOM 1204 C C   . GLY A 1 194 ? 0.581   -14.933 3.785   1.00 8.36  ? 193 GLY A C   1 
ATOM 1205 O O   . GLY A 1 194 ? 0.226   -15.698 4.688   1.00 7.62  ? 193 GLY A O   1 
ATOM 1206 N N   . VAL A 1 195 ? 0.997   -15.377 2.601   1.00 8.33  ? 194 VAL A N   1 
ATOM 1207 C CA  . VAL A 1 195 ? 1.084   -16.811 2.326   1.00 7.52  ? 194 VAL A CA  1 
ATOM 1208 C C   . VAL A 1 195 ? 2.064   -17.491 3.275   1.00 8.15  ? 194 VAL A C   1 
ATOM 1209 O O   . VAL A 1 195 ? 1.782   -18.568 3.810   1.00 9.21  ? 194 VAL A O   1 
ATOM 1210 C CB  . VAL A 1 195 ? 1.467   -17.048 0.855   1.00 7.71  ? 194 VAL A CB  1 
ATOM 1211 C CG1 . VAL A 1 195 ? 1.818   -18.509 0.622   1.00 8.41  ? 194 VAL A CG1 1 
ATOM 1212 C CG2 . VAL A 1 195 ? 0.333   -16.621 -0.061  1.00 7.79  ? 194 VAL A CG2 1 
ATOM 1213 N N   . LEU A 1 196 ? 3.229   -16.884 3.492   1.00 8.47  ? 195 LEU A N   1 
ATOM 1214 C CA  . LEU A 1 196 ? 4.193   -17.450 4.436   1.00 8.44  ? 195 LEU A CA  1 
ATOM 1215 C C   . LEU A 1 196 ? 3.668   -17.465 5.871   1.00 9.11  ? 195 LEU A C   1 
ATOM 1216 O O   . LEU A 1 196 ? 3.967   -18.388 6.633   1.00 9.30  ? 195 LEU A O   1 
ATOM 1217 C CB  . LEU A 1 196 ? 5.508   -16.678 4.369   1.00 8.07  ? 195 LEU A CB  1 
ATOM 1218 C CG  . LEU A 1 196 ? 6.310   -16.816 3.076   1.00 9.88  ? 195 LEU A CG  1 
ATOM 1219 C CD1 . LEU A 1 196 ? 7.468   -15.841 3.071   1.00 11.30 ? 195 LEU A CD1 1 
ATOM 1220 C CD2 . LEU A 1 196 ? 6.811   -18.243 2.889   1.00 10.88 ? 195 LEU A CD2 1 
ATOM 1221 N N   . ALA A 1 197 ? 2.884   -16.460 6.261   1.00 8.83  ? 196 ALA A N   1 
ATOM 1222 C CA  . ALA A 1 197 ? 2.274   -16.475 7.588   1.00 7.63  ? 196 ALA A CA  1 
ATOM 1223 C C   . ALA A 1 197 ? 1.245   -17.590 7.746   1.00 8.87  ? 196 ALA A C   1 
ATOM 1224 O O   . ALA A 1 197 ? 1.221   -18.273 8.776   1.00 8.72  ? 196 ALA A O   1 
ATOM 1225 C CB  . ALA A 1 197 ? 1.631   -15.118 7.875   1.00 9.54  ? 196 ALA A CB  1 
ATOM 1226 N N   . VAL A 1 198 ? 0.397   -17.804 6.742   1.00 9.44  ? 197 VAL A N   1 
ATOM 1227 C CA  . VAL A 1 198 ? -0.515  -18.949 6.779   1.00 9.02  ? 197 VAL A CA  1 
ATOM 1228 C C   . VAL A 1 198 ? 0.252   -20.269 6.772   1.00 9.20  ? 197 VAL A C   1 
ATOM 1229 O O   . VAL A 1 198 ? -0.135  -21.240 7.444   1.00 9.50  ? 197 VAL A O   1 
ATOM 1230 C CB  . VAL A 1 198 ? -1.514  -18.869 5.609   1.00 6.63  ? 197 VAL A CB  1 
ATOM 1231 C CG1 . VAL A 1 198 ? -2.325  -20.146 5.508   1.00 9.55  ? 197 VAL A CG1 1 
ATOM 1232 C CG2 . VAL A 1 198 ? -2.429  -17.670 5.775   1.00 9.66  ? 197 VAL A CG2 1 
ATOM 1233 N N   . HIS A 1 199 ? 1.361   -20.321 6.041   1.00 7.44  ? 198 HIS A N   1 
ATOM 1234 C CA  . HIS A 1 199 ? 2.170   -21.532 6.007   1.00 8.21  ? 198 HIS A CA  1 
ATOM 1235 C C   . HIS A 1 199 ? 2.805   -21.818 7.361   1.00 7.16  ? 198 HIS A C   1 
ATOM 1236 O O   . HIS A 1 199 ? 2.867   -22.975 7.787   1.00 7.94  ? 198 HIS A O   1 
ATOM 1237 C CB  . HIS A 1 199 ? 3.240   -21.403 4.925   1.00 8.36  ? 198 HIS A CB  1 
ATOM 1238 C CG  . HIS A 1 199 ? 3.729   -22.715 4.398   1.00 7.57  ? 198 HIS A CG  1 
ATOM 1239 N ND1 . HIS A 1 199 ? 3.269   -23.258 3.220   1.00 8.32  ? 198 HIS A ND1 1 
ATOM 1240 C CD2 . HIS A 1 199 ? 4.650   -23.583 4.879   1.00 9.48  ? 198 HIS A CD2 1 
ATOM 1241 C CE1 . HIS A 1 199 ? 3.878   -24.410 3.001   1.00 9.87  ? 198 HIS A CE1 1 
ATOM 1242 N NE2 . HIS A 1 199 ? 4.719   -24.630 3.995   1.00 9.97  ? 198 HIS A NE2 1 
ATOM 1243 N N   . MET A 1 200 ? 3.249   -20.779 8.067   1.00 9.82  ? 199 MET A N   1 
ATOM 1244 C CA  . MET A 1 200 ? 3.737   -20.970 9.429   1.00 8.69  ? 199 MET A CA  1 
ATOM 1245 C C   . MET A 1 200 ? 2.620   -21.328 10.400  1.00 7.84  ? 199 MET A C   1 
ATOM 1246 O O   . MET A 1 200 ? 2.837   -22.126 11.315  1.00 7.88  ? 199 MET A O   1 
ATOM 1247 C CB  . MET A 1 200 ? 4.444   -19.706 9.914   1.00 9.06  ? 199 MET A CB  1 
ATOM 1248 C CG  . MET A 1 200 ? 5.772   -19.430 9.242   1.00 9.75  ? 199 MET A CG  1 
ATOM 1249 S SD  . MET A 1 200 ? 6.692   -18.109 10.050  1.00 22.51 ? 199 MET A SD  1 
ATOM 1250 C CE  . MET A 1 200 ? 5.472   -16.798 10.059  1.00 13.52 ? 199 MET A CE  1 
ATOM 1251 N N   . PHE A 1 201 ? 1.417   -20.791 10.201  1.00 8.26  ? 200 PHE A N   1 
ATOM 1252 C CA  . PHE A 1 201 ? 0.296   -21.198 11.041  1.00 8.53  ? 200 PHE A CA  1 
ATOM 1253 C C   . PHE A 1 201 ? 0.015   -22.687 10.911  1.00 8.57  ? 200 PHE A C   1 
ATOM 1254 O O   . PHE A 1 201 ? -0.126  -23.391 11.919  1.00 9.43  ? 200 PHE A O   1 
ATOM 1255 C CB  . PHE A 1 201 ? -0.948  -20.388 10.678  1.00 11.53 ? 200 PHE A CB  1 
ATOM 1256 C CG  . PHE A 1 201 ? -2.190  -20.829 11.393  1.00 9.15  ? 200 PHE A CG  1 
ATOM 1257 C CD1 . PHE A 1 201 ? -2.267  -20.776 12.768  1.00 9.28  ? 200 PHE A CD1 1 
ATOM 1258 C CD2 . PHE A 1 201 ? -3.279  -21.306 10.682  1.00 9.19  ? 200 PHE A CD2 1 
ATOM 1259 C CE1 . PHE A 1 201 ? -3.403  -21.186 13.426  1.00 11.77 ? 200 PHE A CE1 1 
ATOM 1260 C CE2 . PHE A 1 201 ? -4.420  -21.717 11.333  1.00 11.49 ? 200 PHE A CE2 1 
ATOM 1261 C CZ  . PHE A 1 201 ? -4.483  -21.654 12.710  1.00 12.66 ? 200 PHE A CZ  1 
ATOM 1262 N N   . ILE A 1 202 ? 0.048   -23.212 9.688   1.00 10.00 ? 201 ILE A N   1 
ATOM 1263 C CA  . ILE A 1 202 ? -0.205  -24.641 9.517   1.00 8.92  ? 201 ILE A CA  1 
ATOM 1264 C C   . ILE A 1 202 ? 0.982   -25.459 10.013  1.00 8.34  ? 201 ILE A C   1 
ATOM 1265 O O   . ILE A 1 202 ? 0.807   -26.496 10.672  1.00 9.79  ? 201 ILE A O   1 
ATOM 1266 C CB  . ILE A 1 202 ? -0.545  -24.955 8.048   1.00 7.80  ? 201 ILE A CB  1 
ATOM 1267 C CG1 . ILE A 1 202 ? -1.853  -24.272 7.654   1.00 8.76  ? 201 ILE A CG1 1 
ATOM 1268 C CG2 . ILE A 1 202 ? -0.669  -26.460 7.832   1.00 9.21  ? 201 ILE A CG2 1 
ATOM 1269 C CD1 . ILE A 1 202 ? -2.131  -24.279 6.164   1.00 9.17  ? 201 ILE A CD1 1 
ATOM 1270 N N   . ASP A 1 203 ? 2.203   -25.023 9.702   1.00 7.92  ? 202 ASP A N   1 
ATOM 1271 C CA  . ASP A 1 203 ? 3.385   -25.776 10.096  1.00 8.28  ? 202 ASP A CA  1 
ATOM 1272 C C   . ASP A 1 203 ? 3.490   -25.888 11.609  1.00 9.32  ? 202 ASP A C   1 
ATOM 1273 O O   . ASP A 1 203 ? 3.825   -26.955 12.135  1.00 8.17  ? 202 ASP A O   1 
ATOM 1274 C CB  . ASP A 1 203 ? 4.635   -25.113 9.517   1.00 10.57 ? 202 ASP A CB  1 
ATOM 1275 C CG  . ASP A 1 203 ? 5.904   -25.890 9.817   1.00 9.89  ? 202 ASP A CG  1 
ATOM 1276 O OD1 . ASP A 1 203 ? 5.813   -27.106 10.082  1.00 8.69  ? 202 ASP A OD1 1 
ATOM 1277 O OD2 . ASP A 1 203 ? 6.993   -25.281 9.784   1.00 10.86 ? 202 ASP A OD2 1 
ATOM 1278 N N   . ARG A 1 204 ? 3.213   -24.802 12.329  1.00 10.60 ? 203 ARG A N   1 
ATOM 1279 C CA  . ARG A 1 204 ? 3.206   -24.853 13.782  1.00 10.80 ? 203 ARG A CA  1 
ATOM 1280 C C   . ARG A 1 204 ? 1.899   -25.379 14.356  1.00 9.67  ? 203 ARG A C   1 
ATOM 1281 O O   . ARG A 1 204 ? 1.808   -25.548 15.576  1.00 12.24 ? 203 ARG A O   1 
ATOM 1282 C CB  . ARG A 1 204 ? 3.504   -23.463 14.346  1.00 12.25 ? 203 ARG A CB  1 
ATOM 1283 C CG  . ARG A 1 204 ? 4.221   -23.485 15.682  1.00 10.74 ? 203 ARG A CG  1 
ATOM 1284 C CD  . ARG A 1 204 ? 4.894   -22.155 15.971  1.00 14.10 ? 203 ARG A CD  1 
ATOM 1285 N NE  . ARG A 1 204 ? 3.936   -21.071 16.152  1.00 12.93 ? 203 ARG A NE  1 
ATOM 1286 C CZ  . ARG A 1 204 ? 4.184   -19.797 15.880  1.00 12.71 ? 203 ARG A CZ  1 
ATOM 1287 N NH1 . ARG A 1 204 ? 5.287   -19.422 15.253  1.00 13.02 ? 203 ARG A NH1 1 
ATOM 1288 N NH2 . ARG A 1 204 ? 3.282   -18.878 16.212  1.00 11.93 ? 203 ARG A NH2 1 
ATOM 1289 N N   . HIS A 1 205 ? 0.889   -25.641 13.525  1.00 11.56 ? 204 HIS A N   1 
ATOM 1290 C CA  . HIS A 1 205 ? -0.278  -26.350 14.031  1.00 10.14 ? 204 HIS A CA  1 
ATOM 1291 C C   . HIS A 1 205 ? -0.035  -27.854 14.032  1.00 11.22 ? 204 HIS A C   1 
ATOM 1292 O O   . HIS A 1 205 ? -0.305  -28.535 15.025  1.00 11.70 ? 204 HIS A O   1 
ATOM 1293 C CB  . HIS A 1 205 ? -1.506  -25.999 13.193  1.00 9.62  ? 204 HIS A CB  1 
ATOM 1294 C CG  . HIS A 1 205 ? -2.798  -26.451 13.796  1.00 11.66 ? 204 HIS A CG  1 
ATOM 1295 N ND1 . HIS A 1 205 ? -3.255  -25.984 15.009  1.00 10.90 ? 204 HIS A ND1 1 
ATOM 1296 C CD2 . HIS A 1 205 ? -3.737  -27.318 13.347  1.00 12.81 ? 204 HIS A CD2 1 
ATOM 1297 C CE1 . HIS A 1 205 ? -4.417  -26.551 15.286  1.00 15.04 ? 204 HIS A CE1 1 
ATOM 1298 N NE2 . HIS A 1 205 ? -4.734  -27.360 14.291  1.00 12.19 ? 204 HIS A NE2 1 
ATOM 1299 N N   . LYS A 1 206 ? 0.483   -28.387 12.924  1.00 10.68 ? 205 LYS A N   1 
ATOM 1300 C CA  . LYS A 1 206 ? 0.532   -29.838 12.763  1.00 11.69 ? 205 LYS A CA  1 
ATOM 1301 C C   . LYS A 1 206 ? 1.385   -30.493 13.843  1.00 12.19 ? 205 LYS A C   1 
ATOM 1302 O O   . LYS A 1 206 ? 1.090   -31.607 14.292  1.00 14.19 ? 205 LYS A O   1 
ATOM 1303 C CB  . LYS A 1 206 ? 1.050   -30.213 11.375  1.00 11.60 ? 205 LYS A CB  1 
ATOM 1304 C CG  . LYS A 1 206 ? 0.636   -31.623 10.958  1.00 10.17 ? 205 LYS A CG  1 
ATOM 1305 C CD  . LYS A 1 206 ? 0.921   -31.916 9.501   1.00 9.58  ? 205 LYS A CD  1 
ATOM 1306 C CE  . LYS A 1 206 ? 0.251   -33.225 9.074   1.00 7.96  ? 205 LYS A CE  1 
ATOM 1307 N NZ  . LYS A 1 206 ? 0.397   -33.500 7.620   1.00 8.14  ? 205 LYS A NZ  1 
ATOM 1308 N N   . GLN A 1 207 ? 2.449   -29.813 14.267  1.00 10.65 ? 206 GLN A N   1 
ATOM 1309 C CA  . GLN A 1 207 ? 3.292   -30.287 15.361  1.00 13.17 ? 206 GLN A CA  1 
ATOM 1310 C C   . GLN A 1 207 ? 2.558   -30.472 16.686  1.00 14.04 ? 206 GLN A C   1 
ATOM 1311 O O   . GLN A 1 207 ? 3.098   -31.131 17.580  1.00 11.08 ? 206 GLN A O   1 
ATOM 1312 C CB  . GLN A 1 207 ? 4.454   -29.313 15.555  1.00 12.86 ? 206 GLN A CB  1 
ATOM 1313 C CG  . GLN A 1 207 ? 4.026   -27.915 15.981  1.00 11.83 ? 206 GLN A CG  1 
ATOM 1314 C CD  . GLN A 1 207 ? 3.800   -27.791 17.477  1.00 15.45 ? 206 GLN A CD  1 
ATOM 1315 O OE1 . GLN A 1 207 ? 4.522   -28.383 18.280  1.00 13.64 ? 206 GLN A OE1 1 
ATOM 1316 N NE2 . GLN A 1 207 ? 2.786   -27.024 17.858  1.00 13.79 ? 206 GLN A NE2 1 
ATOM 1317 N N   . LEU A 1 208 ? 1.354   -29.919 16.854  1.00 14.30 ? 207 LEU A N   1 
ATOM 1318 C CA  . LEU A 1 208 ? 0.614   -30.211 18.077  1.00 14.10 ? 207 LEU A CA  1 
ATOM 1319 C C   . LEU A 1 208 ? 0.244   -31.684 18.192  1.00 16.04 ? 207 LEU A C   1 
ATOM 1320 O O   . LEU A 1 208 ? 0.043   -32.174 19.308  1.00 19.61 ? 207 LEU A O   1 
ATOM 1321 C CB  . LEU A 1 208 ? -0.654  -29.360 18.167  1.00 16.47 ? 207 LEU A CB  1 
ATOM 1322 C CG  . LEU A 1 208 ? -0.470  -27.909 18.618  1.00 12.69 ? 207 LEU A CG  1 
ATOM 1323 C CD1 . LEU A 1 208 ? -0.389  -26.969 17.434  1.00 13.43 ? 207 LEU A CD1 1 
ATOM 1324 C CD2 . LEU A 1 208 ? -1.594  -27.496 19.558  1.00 16.14 ? 207 LEU A CD2 1 
ATOM 1325 N N   . THR A 1 209 ? 0.154   -32.400 17.071  1.00 16.24 ? 208 THR A N   1 
ATOM 1326 C CA  . THR A 1 209 ? -0.035  -33.845 17.105  1.00 15.74 ? 208 THR A CA  1 
ATOM 1327 C C   . THR A 1 209 ? 1.225   -34.598 17.510  1.00 16.76 ? 208 THR A C   1 
ATOM 1328 O O   . THR A 1 209 ? 1.174   -35.826 17.639  1.00 16.42 ? 208 THR A O   1 
ATOM 1329 C CB  . THR A 1 209 ? -0.507  -34.343 15.738  1.00 16.34 ? 208 THR A CB  1 
ATOM 1330 O OG1 . THR A 1 209 ? 0.546   -34.181 14.779  1.00 14.18 ? 208 THR A OG1 1 
ATOM 1331 C CG2 . THR A 1 209 ? -1.740  -33.575 15.282  1.00 15.52 ? 208 THR A CG2 1 
ATOM 1332 N N   . GLY A 1 210 ? 2.341   -33.903 17.711  1.00 20.02 ? 209 GLY A N   1 
ATOM 1333 C CA  . GLY A 1 210 ? 3.625   -34.552 17.899  1.00 16.97 ? 209 GLY A CA  1 
ATOM 1334 C C   . GLY A 1 210 ? 4.324   -34.805 16.579  1.00 13.23 ? 209 GLY A C   1 
ATOM 1335 O O   . GLY A 1 210 ? 4.248   -33.985 15.664  1.00 9.93  ? 209 GLY A O   1 
# 
